data_2PUY
# 
_entry.id   2PUY 
# 
_audit_conform.dict_name       mmcif_pdbx.dic 
_audit_conform.dict_version    5.387 
_audit_conform.dict_location   http://mmcif.pdb.org/dictionaries/ascii/mmcif_pdbx.dic 
# 
loop_
_database_2.database_id 
_database_2.database_code 
_database_2.pdbx_database_accession 
_database_2.pdbx_DOI 
PDB   2PUY         pdb_00002puy 10.2210/pdb2puy/pdb 
RCSB  RCSB042800   ?            ?                   
WWPDB D_1000042800 ?            ?                   
# 
loop_
_pdbx_audit_revision_history.ordinal 
_pdbx_audit_revision_history.data_content_type 
_pdbx_audit_revision_history.major_revision 
_pdbx_audit_revision_history.minor_revision 
_pdbx_audit_revision_history.revision_date 
1 'Structure model' 1 0 2007-08-14 
2 'Structure model' 1 1 2011-07-13 
3 'Structure model' 1 2 2024-02-21 
# 
_pdbx_audit_revision_details.ordinal             1 
_pdbx_audit_revision_details.revision_ordinal    1 
_pdbx_audit_revision_details.data_content_type   'Structure model' 
_pdbx_audit_revision_details.provider            repository 
_pdbx_audit_revision_details.type                'Initial release' 
_pdbx_audit_revision_details.description         ? 
_pdbx_audit_revision_details.details             ? 
# 
loop_
_pdbx_audit_revision_group.ordinal 
_pdbx_audit_revision_group.revision_ordinal 
_pdbx_audit_revision_group.data_content_type 
_pdbx_audit_revision_group.group 
1 2 'Structure model' 'Version format compliance' 
2 3 'Structure model' 'Data collection'           
3 3 'Structure model' 'Database references'       
4 3 'Structure model' 'Derived calculations'      
# 
loop_
_pdbx_audit_revision_category.ordinal 
_pdbx_audit_revision_category.revision_ordinal 
_pdbx_audit_revision_category.data_content_type 
_pdbx_audit_revision_category.category 
1 3 'Structure model' chem_comp_atom         
2 3 'Structure model' chem_comp_bond         
3 3 'Structure model' database_2             
4 3 'Structure model' pdbx_struct_conn_angle 
5 3 'Structure model' struct_conn            
6 3 'Structure model' struct_ref_seq_dif     
7 3 'Structure model' struct_site            
# 
loop_
_pdbx_audit_revision_item.ordinal 
_pdbx_audit_revision_item.revision_ordinal 
_pdbx_audit_revision_item.data_content_type 
_pdbx_audit_revision_item.item 
1  3 'Structure model' '_database_2.pdbx_DOI'                        
2  3 'Structure model' '_database_2.pdbx_database_accession'         
3  3 'Structure model' '_pdbx_struct_conn_angle.ptnr1_auth_comp_id'  
4  3 'Structure model' '_pdbx_struct_conn_angle.ptnr1_auth_seq_id'   
5  3 'Structure model' '_pdbx_struct_conn_angle.ptnr1_label_atom_id' 
6  3 'Structure model' '_pdbx_struct_conn_angle.ptnr1_label_comp_id' 
7  3 'Structure model' '_pdbx_struct_conn_angle.ptnr1_label_seq_id'  
8  3 'Structure model' '_pdbx_struct_conn_angle.ptnr3_auth_comp_id'  
9  3 'Structure model' '_pdbx_struct_conn_angle.ptnr3_auth_seq_id'   
10 3 'Structure model' '_pdbx_struct_conn_angle.ptnr3_label_atom_id' 
11 3 'Structure model' '_pdbx_struct_conn_angle.ptnr3_label_comp_id' 
12 3 'Structure model' '_pdbx_struct_conn_angle.ptnr3_label_seq_id'  
13 3 'Structure model' '_pdbx_struct_conn_angle.value'               
14 3 'Structure model' '_struct_conn.pdbx_dist_value'                
15 3 'Structure model' '_struct_conn.ptnr2_auth_comp_id'             
16 3 'Structure model' '_struct_conn.ptnr2_auth_seq_id'              
17 3 'Structure model' '_struct_conn.ptnr2_label_atom_id'            
18 3 'Structure model' '_struct_conn.ptnr2_label_comp_id'            
19 3 'Structure model' '_struct_conn.ptnr2_label_seq_id'             
20 3 'Structure model' '_struct_ref_seq_dif.details'                 
21 3 'Structure model' '_struct_site.pdbx_auth_asym_id'              
22 3 'Structure model' '_struct_site.pdbx_auth_comp_id'              
23 3 'Structure model' '_struct_site.pdbx_auth_seq_id'               
# 
_pdbx_database_status.status_code                     REL 
_pdbx_database_status.entry_id                        2PUY 
_pdbx_database_status.recvd_initial_deposition_date   2007-05-09 
_pdbx_database_status.deposit_site                    RCSB 
_pdbx_database_status.process_site                    RCSB 
_pdbx_database_status.status_code_sf                  ? 
_pdbx_database_status.status_code_mr                  ? 
_pdbx_database_status.SG_entry                        ? 
_pdbx_database_status.pdb_format_compatible           Y 
_pdbx_database_status.status_code_cs                  ? 
_pdbx_database_status.status_code_nmr_data            ? 
_pdbx_database_status.methods_development_category    ? 
# 
loop_
_audit_author.name 
_audit_author.pdbx_ordinal 
'Horton, J.R.'  1 
'Cheng, X.'     2 
'Collins, R.E.' 3 
# 
_citation.id                        primary 
_citation.title                     'Recognition of unmethylated histone H3 lysine 4 links BHC80 to LSD1-mediated gene repression.' 
_citation.journal_abbrev            Nature 
_citation.journal_volume            448 
_citation.page_first                718 
_citation.page_last                 722 
_citation.year                      2007 
_citation.journal_id_ASTM           NATUAS 
_citation.country                   UK 
_citation.journal_id_ISSN           0028-0836 
_citation.journal_id_CSD            0006 
_citation.book_publisher            ? 
_citation.pdbx_database_id_PubMed   17687328 
_citation.pdbx_database_id_DOI      10.1038/nature06034 
# 
loop_
_citation_author.citation_id 
_citation_author.name 
_citation_author.ordinal 
_citation_author.identifier_ORCID 
primary 'Lan, F.'       1 ? 
primary 'Collins, R.E.' 2 ? 
primary 'De Cegli, R.'  3 ? 
primary 'Alpatov, R.'   4 ? 
primary 'Horton, J.R.'  5 ? 
primary 'Shi, X.'       6 ? 
primary 'Gozani, O.'    7 ? 
primary 'Cheng, X.'     8 ? 
primary 'Shi, Y.'       9 ? 
# 
loop_
_entity.id 
_entity.type 
_entity.src_method 
_entity.pdbx_description 
_entity.formula_weight 
_entity.pdbx_number_of_molecules 
_entity.pdbx_ec 
_entity.pdbx_mutation 
_entity.pdbx_fragment 
_entity.details 
1 polymer     man 'PHD finger protein 21A' 7007.362 2  ? ? 'PHD Finger Residues: 486-543' ? 
2 polymer     syn 'Histone H3'             1150.332 1  ? ? 'H3 1-10'                      ? 
3 non-polymer syn 'ZINC ION'               65.409   4  ? ? ?                              ? 
4 water       nat water                    18.015   88 ? ? ?                              ? 
# 
_entity_name_com.entity_id   1 
_entity_name_com.name        'BRAF35-HDAC complex protein BHC80, BHC80a' 
# 
loop_
_entity_poly.entity_id 
_entity_poly.type 
_entity_poly.nstd_linkage 
_entity_poly.nstd_monomer 
_entity_poly.pdbx_seq_one_letter_code 
_entity_poly.pdbx_seq_one_letter_code_can 
_entity_poly.pdbx_strand_id 
_entity_poly.pdbx_target_identifier 
1 'polypeptide(L)' no no HMIHEDFCSVCRKSGQLLMCDTCSRVYHLDCLDPPLKTIPKGMWICPRCQDQMLKKEEAI 
HMIHEDFCSVCRKSGQLLMCDTCSRVYHLDCLDPPLKTIPKGMWICPRCQDQMLKKEEAI A,B ? 
2 'polypeptide(L)' no no ARTKQTARKS                                                   ARTKQTARKS E   ? 
# 
loop_
_pdbx_entity_nonpoly.entity_id 
_pdbx_entity_nonpoly.name 
_pdbx_entity_nonpoly.comp_id 
3 'ZINC ION' ZN  
4 water      HOH 
# 
loop_
_entity_poly_seq.entity_id 
_entity_poly_seq.num 
_entity_poly_seq.mon_id 
_entity_poly_seq.hetero 
1 1  HIS n 
1 2  MET n 
1 3  ILE n 
1 4  HIS n 
1 5  GLU n 
1 6  ASP n 
1 7  PHE n 
1 8  CYS n 
1 9  SER n 
1 10 VAL n 
1 11 CYS n 
1 12 ARG n 
1 13 LYS n 
1 14 SER n 
1 15 GLY n 
1 16 GLN n 
1 17 LEU n 
1 18 LEU n 
1 19 MET n 
1 20 CYS n 
1 21 ASP n 
1 22 THR n 
1 23 CYS n 
1 24 SER n 
1 25 ARG n 
1 26 VAL n 
1 27 TYR n 
1 28 HIS n 
1 29 LEU n 
1 30 ASP n 
1 31 CYS n 
1 32 LEU n 
1 33 ASP n 
1 34 PRO n 
1 35 PRO n 
1 36 LEU n 
1 37 LYS n 
1 38 THR n 
1 39 ILE n 
1 40 PRO n 
1 41 LYS n 
1 42 GLY n 
1 43 MET n 
1 44 TRP n 
1 45 ILE n 
1 46 CYS n 
1 47 PRO n 
1 48 ARG n 
1 49 CYS n 
1 50 GLN n 
1 51 ASP n 
1 52 GLN n 
1 53 MET n 
1 54 LEU n 
1 55 LYS n 
1 56 LYS n 
1 57 GLU n 
1 58 GLU n 
1 59 ALA n 
1 60 ILE n 
2 1  ALA n 
2 2  ARG n 
2 3  THR n 
2 4  LYS n 
2 5  GLN n 
2 6  THR n 
2 7  ALA n 
2 8  ARG n 
2 9  LYS n 
2 10 SER n 
# 
_entity_src_gen.entity_id                          1 
_entity_src_gen.pdbx_src_id                        1 
_entity_src_gen.pdbx_alt_source_flag               sample 
_entity_src_gen.pdbx_seq_type                      ? 
_entity_src_gen.pdbx_beg_seq_num                   ? 
_entity_src_gen.pdbx_end_seq_num                   ? 
_entity_src_gen.gene_src_common_name               human 
_entity_src_gen.gene_src_genus                     Homo 
_entity_src_gen.pdbx_gene_src_gene                 'PHF21A, BHC80, KIAA1696' 
_entity_src_gen.gene_src_species                   ? 
_entity_src_gen.gene_src_strain                    ? 
_entity_src_gen.gene_src_tissue                    ? 
_entity_src_gen.gene_src_tissue_fraction           ? 
_entity_src_gen.gene_src_details                   ? 
_entity_src_gen.pdbx_gene_src_fragment             ? 
_entity_src_gen.pdbx_gene_src_scientific_name      'Homo sapiens' 
_entity_src_gen.pdbx_gene_src_ncbi_taxonomy_id     9606 
_entity_src_gen.pdbx_gene_src_variant              ? 
_entity_src_gen.pdbx_gene_src_cell_line            ? 
_entity_src_gen.pdbx_gene_src_atcc                 ? 
_entity_src_gen.pdbx_gene_src_organ                ? 
_entity_src_gen.pdbx_gene_src_organelle            ? 
_entity_src_gen.pdbx_gene_src_cell                 ? 
_entity_src_gen.pdbx_gene_src_cellular_location    ? 
_entity_src_gen.host_org_common_name               ? 
_entity_src_gen.pdbx_host_org_scientific_name      'Escherichia coli BL21' 
_entity_src_gen.pdbx_host_org_ncbi_taxonomy_id     511693 
_entity_src_gen.host_org_genus                     Escherichia 
_entity_src_gen.pdbx_host_org_gene                 ? 
_entity_src_gen.pdbx_host_org_organ                ? 
_entity_src_gen.host_org_species                   'Escherichia coli' 
_entity_src_gen.pdbx_host_org_tissue               ? 
_entity_src_gen.pdbx_host_org_tissue_fraction      ? 
_entity_src_gen.pdbx_host_org_strain               BL21 
_entity_src_gen.pdbx_host_org_variant              ? 
_entity_src_gen.pdbx_host_org_cell_line            ? 
_entity_src_gen.pdbx_host_org_atcc                 ? 
_entity_src_gen.pdbx_host_org_culture_collection   ? 
_entity_src_gen.pdbx_host_org_cell                 ? 
_entity_src_gen.pdbx_host_org_organelle            ? 
_entity_src_gen.pdbx_host_org_cellular_location    ? 
_entity_src_gen.pdbx_host_org_vector_type          PLASMID 
_entity_src_gen.pdbx_host_org_vector               ? 
_entity_src_gen.host_org_details                   ? 
_entity_src_gen.expression_system_id               ? 
_entity_src_gen.plasmid_name                       pET28b 
_entity_src_gen.plasmid_details                    ? 
_entity_src_gen.pdbx_description                   ? 
# 
_pdbx_entity_src_syn.entity_id              2 
_pdbx_entity_src_syn.pdbx_src_id            1 
_pdbx_entity_src_syn.pdbx_alt_source_flag   sample 
_pdbx_entity_src_syn.pdbx_beg_seq_num       ? 
_pdbx_entity_src_syn.pdbx_end_seq_num       ? 
_pdbx_entity_src_syn.organism_scientific    ? 
_pdbx_entity_src_syn.organism_common_name   ? 
_pdbx_entity_src_syn.ncbi_taxonomy_id       ? 
_pdbx_entity_src_syn.details                'synthesized peptide' 
# 
loop_
_chem_comp.id 
_chem_comp.type 
_chem_comp.mon_nstd_flag 
_chem_comp.name 
_chem_comp.pdbx_synonyms 
_chem_comp.formula 
_chem_comp.formula_weight 
ALA 'L-peptide linking' y ALANINE         ? 'C3 H7 N O2'     89.093  
ARG 'L-peptide linking' y ARGININE        ? 'C6 H15 N4 O2 1' 175.209 
ASP 'L-peptide linking' y 'ASPARTIC ACID' ? 'C4 H7 N O4'     133.103 
CYS 'L-peptide linking' y CYSTEINE        ? 'C3 H7 N O2 S'   121.158 
GLN 'L-peptide linking' y GLUTAMINE       ? 'C5 H10 N2 O3'   146.144 
GLU 'L-peptide linking' y 'GLUTAMIC ACID' ? 'C5 H9 N O4'     147.129 
GLY 'peptide linking'   y GLYCINE         ? 'C2 H5 N O2'     75.067  
HIS 'L-peptide linking' y HISTIDINE       ? 'C6 H10 N3 O2 1' 156.162 
HOH non-polymer         . WATER           ? 'H2 O'           18.015  
ILE 'L-peptide linking' y ISOLEUCINE      ? 'C6 H13 N O2'    131.173 
LEU 'L-peptide linking' y LEUCINE         ? 'C6 H13 N O2'    131.173 
LYS 'L-peptide linking' y LYSINE          ? 'C6 H15 N2 O2 1' 147.195 
MET 'L-peptide linking' y METHIONINE      ? 'C5 H11 N O2 S'  149.211 
PHE 'L-peptide linking' y PHENYLALANINE   ? 'C9 H11 N O2'    165.189 
PRO 'L-peptide linking' y PROLINE         ? 'C5 H9 N O2'     115.130 
SER 'L-peptide linking' y SERINE          ? 'C3 H7 N O3'     105.093 
THR 'L-peptide linking' y THREONINE       ? 'C4 H9 N O3'     119.119 
TRP 'L-peptide linking' y TRYPTOPHAN      ? 'C11 H12 N2 O2'  204.225 
TYR 'L-peptide linking' y TYROSINE        ? 'C9 H11 N O3'    181.189 
VAL 'L-peptide linking' y VALINE          ? 'C5 H11 N O2'    117.146 
ZN  non-polymer         . 'ZINC ION'      ? 'Zn 2'           65.409  
# 
loop_
_pdbx_poly_seq_scheme.asym_id 
_pdbx_poly_seq_scheme.entity_id 
_pdbx_poly_seq_scheme.seq_id 
_pdbx_poly_seq_scheme.mon_id 
_pdbx_poly_seq_scheme.ndb_seq_num 
_pdbx_poly_seq_scheme.pdb_seq_num 
_pdbx_poly_seq_scheme.auth_seq_num 
_pdbx_poly_seq_scheme.pdb_mon_id 
_pdbx_poly_seq_scheme.auth_mon_id 
_pdbx_poly_seq_scheme.pdb_strand_id 
_pdbx_poly_seq_scheme.pdb_ins_code 
_pdbx_poly_seq_scheme.hetero 
A 1 1  HIS 1  484 ?   ?   ?   A . n 
A 1 2  MET 2  485 485 MET MET A . n 
A 1 3  ILE 3  486 486 ILE ILE A . n 
A 1 4  HIS 4  487 487 HIS HIS A . n 
A 1 5  GLU 5  488 488 GLU GLU A . n 
A 1 6  ASP 6  489 489 ASP ASP A . n 
A 1 7  PHE 7  490 490 PHE PHE A . n 
A 1 8  CYS 8  491 491 CYS CYS A . n 
A 1 9  SER 9  492 492 SER SER A . n 
A 1 10 VAL 10 493 493 VAL VAL A . n 
A 1 11 CYS 11 494 494 CYS CYS A . n 
A 1 12 ARG 12 495 495 ARG ARG A . n 
A 1 13 LYS 13 496 496 LYS LYS A . n 
A 1 14 SER 14 497 497 SER SER A . n 
A 1 15 GLY 15 498 498 GLY GLY A . n 
A 1 16 GLN 16 499 499 GLN GLN A . n 
A 1 17 LEU 17 500 500 LEU LEU A . n 
A 1 18 LEU 18 501 501 LEU LEU A . n 
A 1 19 MET 19 502 502 MET MET A . n 
A 1 20 CYS 20 503 503 CYS CYS A . n 
A 1 21 ASP 21 504 504 ASP ASP A . n 
A 1 22 THR 22 505 505 THR THR A . n 
A 1 23 CYS 23 506 506 CYS CYS A . n 
A 1 24 SER 24 507 507 SER SER A . n 
A 1 25 ARG 25 508 508 ARG ARG A . n 
A 1 26 VAL 26 509 509 VAL VAL A . n 
A 1 27 TYR 27 510 510 TYR TYR A . n 
A 1 28 HIS 28 511 511 HIS HIS A . n 
A 1 29 LEU 29 512 512 LEU LEU A . n 
A 1 30 ASP 30 513 513 ASP ASP A . n 
A 1 31 CYS 31 514 514 CYS CYS A . n 
A 1 32 LEU 32 515 515 LEU LEU A . n 
A 1 33 ASP 33 516 516 ASP ASP A . n 
A 1 34 PRO 34 517 517 PRO PRO A . n 
A 1 35 PRO 35 518 518 PRO PRO A . n 
A 1 36 LEU 36 519 519 LEU LEU A . n 
A 1 37 LYS 37 520 520 LYS LYS A . n 
A 1 38 THR 38 521 521 THR THR A . n 
A 1 39 ILE 39 522 522 ILE ILE A . n 
A 1 40 PRO 40 523 523 PRO PRO A . n 
A 1 41 LYS 41 524 524 LYS LYS A . n 
A 1 42 GLY 42 525 525 GLY GLY A . n 
A 1 43 MET 43 526 526 MET MET A . n 
A 1 44 TRP 44 527 527 TRP TRP A . n 
A 1 45 ILE 45 528 528 ILE ILE A . n 
A 1 46 CYS 46 529 529 CYS CYS A . n 
A 1 47 PRO 47 530 530 PRO PRO A . n 
A 1 48 ARG 48 531 531 ARG ARG A . n 
A 1 49 CYS 49 532 532 CYS CYS A . n 
A 1 50 GLN 50 533 533 GLN GLN A . n 
A 1 51 ASP 51 534 534 ASP ASP A . n 
A 1 52 GLN 52 535 535 GLN GLN A . n 
A 1 53 MET 53 536 536 MET MET A . n 
A 1 54 LEU 54 537 537 LEU LEU A . n 
A 1 55 LYS 55 538 538 LYS LYS A . n 
A 1 56 LYS 56 539 539 LYS LYS A . n 
A 1 57 GLU 57 540 540 GLU GLU A . n 
A 1 58 GLU 58 541 541 GLU GLU A . n 
A 1 59 ALA 59 542 542 ALA ALA A . n 
A 1 60 ILE 60 543 543 ILE ILE A . n 
B 1 1  HIS 1  484 484 HIS HIS B . n 
B 1 2  MET 2  485 485 MET MET B . n 
B 1 3  ILE 3  486 486 ILE ILE B . n 
B 1 4  HIS 4  487 487 HIS HIS B . n 
B 1 5  GLU 5  488 488 GLU GLU B . n 
B 1 6  ASP 6  489 489 ASP ASP B . n 
B 1 7  PHE 7  490 490 PHE PHE B . n 
B 1 8  CYS 8  491 491 CYS CYS B . n 
B 1 9  SER 9  492 492 SER SER B . n 
B 1 10 VAL 10 493 493 VAL VAL B . n 
B 1 11 CYS 11 494 494 CYS CYS B . n 
B 1 12 ARG 12 495 495 ARG ARG B . n 
B 1 13 LYS 13 496 496 LYS LYS B . n 
B 1 14 SER 14 497 497 SER SER B . n 
B 1 15 GLY 15 498 498 GLY GLY B . n 
B 1 16 GLN 16 499 499 GLN GLN B . n 
B 1 17 LEU 17 500 500 LEU LEU B . n 
B 1 18 LEU 18 501 501 LEU LEU B . n 
B 1 19 MET 19 502 502 MET MET B . n 
B 1 20 CYS 20 503 503 CYS CYS B . n 
B 1 21 ASP 21 504 504 ASP ASP B . n 
B 1 22 THR 22 505 505 THR THR B . n 
B 1 23 CYS 23 506 506 CYS CYS B . n 
B 1 24 SER 24 507 507 SER SER B . n 
B 1 25 ARG 25 508 508 ARG ARG B . n 
B 1 26 VAL 26 509 509 VAL VAL B . n 
B 1 27 TYR 27 510 510 TYR TYR B . n 
B 1 28 HIS 28 511 511 HIS HIS B . n 
B 1 29 LEU 29 512 512 LEU LEU B . n 
B 1 30 ASP 30 513 513 ASP ASP B . n 
B 1 31 CYS 31 514 514 CYS CYS B . n 
B 1 32 LEU 32 515 515 LEU LEU B . n 
B 1 33 ASP 33 516 516 ASP ASP B . n 
B 1 34 PRO 34 517 517 PRO PRO B . n 
B 1 35 PRO 35 518 518 PRO PRO B . n 
B 1 36 LEU 36 519 519 LEU LEU B . n 
B 1 37 LYS 37 520 520 LYS LYS B . n 
B 1 38 THR 38 521 521 THR THR B . n 
B 1 39 ILE 39 522 522 ILE ILE B . n 
B 1 40 PRO 40 523 523 PRO PRO B . n 
B 1 41 LYS 41 524 524 LYS LYS B . n 
B 1 42 GLY 42 525 525 GLY GLY B . n 
B 1 43 MET 43 526 526 MET MET B . n 
B 1 44 TRP 44 527 527 TRP TRP B . n 
B 1 45 ILE 45 528 528 ILE ILE B . n 
B 1 46 CYS 46 529 529 CYS CYS B . n 
B 1 47 PRO 47 530 530 PRO PRO B . n 
B 1 48 ARG 48 531 531 ARG ARG B . n 
B 1 49 CYS 49 532 532 CYS CYS B . n 
B 1 50 GLN 50 533 533 GLN GLN B . n 
B 1 51 ASP 51 534 534 ASP ASP B . n 
B 1 52 GLN 52 535 535 GLN GLN B . n 
B 1 53 MET 53 536 536 MET MET B . n 
B 1 54 LEU 54 537 537 LEU LEU B . n 
B 1 55 LYS 55 538 538 LYS LYS B . n 
B 1 56 LYS 56 539 539 LYS LYS B . n 
B 1 57 GLU 57 540 540 GLU GLU B . n 
B 1 58 GLU 58 541 541 GLU GLU B . n 
B 1 59 ALA 59 542 542 ALA ALA B . n 
B 1 60 ILE 60 543 543 ILE ILE B . n 
C 2 1  ALA 1  1   1   ALA ALA E . n 
C 2 2  ARG 2  2   2   ARG ARG E . n 
C 2 3  THR 3  3   3   THR THR E . n 
C 2 4  LYS 4  4   4   LYS LYS E . n 
C 2 5  GLN 5  5   5   GLN GLN E . n 
C 2 6  THR 6  6   6   THR THR E . n 
C 2 7  ALA 7  7   7   ALA ALA E . n 
C 2 8  ARG 8  8   8   ARG ARG E . n 
C 2 9  LYS 9  9   9   LYS LYS E . n 
C 2 10 SER 10 10  10  SER SER E . n 
# 
loop_
_pdbx_nonpoly_scheme.asym_id 
_pdbx_nonpoly_scheme.entity_id 
_pdbx_nonpoly_scheme.mon_id 
_pdbx_nonpoly_scheme.ndb_seq_num 
_pdbx_nonpoly_scheme.pdb_seq_num 
_pdbx_nonpoly_scheme.auth_seq_num 
_pdbx_nonpoly_scheme.pdb_mon_id 
_pdbx_nonpoly_scheme.auth_mon_id 
_pdbx_nonpoly_scheme.pdb_strand_id 
_pdbx_nonpoly_scheme.pdb_ins_code 
D 3 ZN  1  355 355 ZN  ZN  A . 
E 3 ZN  1  356 356 ZN  ZN  A . 
F 3 ZN  1  357 357 ZN  ZN  B . 
G 3 ZN  1  358 358 ZN  ZN  B . 
H 4 HOH 1  4   4   HOH HOH A . 
H 4 HOH 2  7   7   HOH HOH A . 
H 4 HOH 3  8   8   HOH HOH A . 
H 4 HOH 4  9   9   HOH HOH A . 
H 4 HOH 5  11  11  HOH HOH A . 
H 4 HOH 6  14  14  HOH HOH A . 
H 4 HOH 7  16  16  HOH HOH A . 
H 4 HOH 8  18  18  HOH HOH A . 
H 4 HOH 9  19  19  HOH HOH A . 
H 4 HOH 10 20  20  HOH HOH A . 
H 4 HOH 11 21  21  HOH HOH A . 
H 4 HOH 12 22  22  HOH HOH A . 
H 4 HOH 13 23  23  HOH HOH A . 
H 4 HOH 14 25  25  HOH HOH A . 
H 4 HOH 15 27  27  HOH HOH A . 
H 4 HOH 16 29  29  HOH HOH A . 
H 4 HOH 17 31  31  HOH HOH A . 
H 4 HOH 18 38  38  HOH HOH A . 
H 4 HOH 19 40  40  HOH HOH A . 
H 4 HOH 20 42  42  HOH HOH A . 
H 4 HOH 21 44  44  HOH HOH A . 
H 4 HOH 22 45  45  HOH HOH A . 
H 4 HOH 23 46  46  HOH HOH A . 
H 4 HOH 24 49  49  HOH HOH A . 
H 4 HOH 25 51  51  HOH HOH A . 
H 4 HOH 26 52  52  HOH HOH A . 
H 4 HOH 27 57  57  HOH HOH A . 
H 4 HOH 28 58  58  HOH HOH A . 
H 4 HOH 29 59  59  HOH HOH A . 
H 4 HOH 30 61  61  HOH HOH A . 
H 4 HOH 31 62  62  HOH HOH A . 
H 4 HOH 32 63  63  HOH HOH A . 
H 4 HOH 33 65  65  HOH HOH A . 
H 4 HOH 34 66  66  HOH HOH A . 
H 4 HOH 35 69  69  HOH HOH A . 
H 4 HOH 36 72  72  HOH HOH A . 
H 4 HOH 37 77  77  HOH HOH A . 
H 4 HOH 38 83  83  HOH HOH A . 
H 4 HOH 39 86  86  HOH HOH A . 
H 4 HOH 40 87  87  HOH HOH A . 
H 4 HOH 41 88  88  HOH HOH A . 
H 4 HOH 42 89  89  HOH HOH A . 
H 4 HOH 43 90  90  HOH HOH A . 
H 4 HOH 44 91  91  HOH HOH A . 
H 4 HOH 45 92  92  HOH HOH A . 
I 4 HOH 1  2   2   HOH HOH B . 
I 4 HOH 2  3   3   HOH HOH B . 
I 4 HOH 3  5   5   HOH HOH B . 
I 4 HOH 4  6   6   HOH HOH B . 
I 4 HOH 5  10  10  HOH HOH B . 
I 4 HOH 6  13  13  HOH HOH B . 
I 4 HOH 7  15  15  HOH HOH B . 
I 4 HOH 8  17  17  HOH HOH B . 
I 4 HOH 9  24  24  HOH HOH B . 
I 4 HOH 10 26  26  HOH HOH B . 
I 4 HOH 11 28  28  HOH HOH B . 
I 4 HOH 12 37  37  HOH HOH B . 
I 4 HOH 13 39  39  HOH HOH B . 
I 4 HOH 14 41  41  HOH HOH B . 
I 4 HOH 15 43  43  HOH HOH B . 
I 4 HOH 16 50  50  HOH HOH B . 
I 4 HOH 17 54  54  HOH HOH B . 
I 4 HOH 18 55  55  HOH HOH B . 
I 4 HOH 19 60  60  HOH HOH B . 
I 4 HOH 20 64  64  HOH HOH B . 
I 4 HOH 21 67  67  HOH HOH B . 
I 4 HOH 22 68  68  HOH HOH B . 
I 4 HOH 23 71  71  HOH HOH B . 
I 4 HOH 24 73  73  HOH HOH B . 
I 4 HOH 25 74  74  HOH HOH B . 
I 4 HOH 26 75  75  HOH HOH B . 
I 4 HOH 27 76  76  HOH HOH B . 
I 4 HOH 28 78  78  HOH HOH B . 
I 4 HOH 29 85  85  HOH HOH B . 
J 4 HOH 1  11  1   HOH HOH E . 
J 4 HOH 2  12  12  HOH HOH E . 
J 4 HOH 3  13  30  HOH HOH E . 
J 4 HOH 4  14  33  HOH HOH E . 
J 4 HOH 5  15  34  HOH HOH E . 
J 4 HOH 6  16  35  HOH HOH E . 
J 4 HOH 7  17  36  HOH HOH E . 
J 4 HOH 8  18  47  HOH HOH E . 
J 4 HOH 9  19  48  HOH HOH E . 
J 4 HOH 10 20  53  HOH HOH E . 
J 4 HOH 11 21  56  HOH HOH E . 
J 4 HOH 12 22  79  HOH HOH E . 
J 4 HOH 13 23  80  HOH HOH E . 
J 4 HOH 14 24  81  HOH HOH E . 
# 
loop_
_pdbx_unobs_or_zero_occ_atoms.id 
_pdbx_unobs_or_zero_occ_atoms.PDB_model_num 
_pdbx_unobs_or_zero_occ_atoms.polymer_flag 
_pdbx_unobs_or_zero_occ_atoms.occupancy_flag 
_pdbx_unobs_or_zero_occ_atoms.auth_asym_id 
_pdbx_unobs_or_zero_occ_atoms.auth_comp_id 
_pdbx_unobs_or_zero_occ_atoms.auth_seq_id 
_pdbx_unobs_or_zero_occ_atoms.PDB_ins_code 
_pdbx_unobs_or_zero_occ_atoms.auth_atom_id 
_pdbx_unobs_or_zero_occ_atoms.label_alt_id 
_pdbx_unobs_or_zero_occ_atoms.label_asym_id 
_pdbx_unobs_or_zero_occ_atoms.label_comp_id 
_pdbx_unobs_or_zero_occ_atoms.label_seq_id 
_pdbx_unobs_or_zero_occ_atoms.label_atom_id 
1  1 Y 1 A GLU 541 ? CG  ? A GLU 58 CG  
2  1 Y 1 A GLU 541 ? CD  ? A GLU 58 CD  
3  1 Y 1 A GLU 541 ? OE1 ? A GLU 58 OE1 
4  1 Y 1 A GLU 541 ? OE2 ? A GLU 58 OE2 
5  1 Y 1 A ILE 543 ? CG1 ? A ILE 60 CG1 
6  1 Y 1 A ILE 543 ? CG2 ? A ILE 60 CG2 
7  1 Y 1 A ILE 543 ? CD1 ? A ILE 60 CD1 
8  1 Y 1 B GLU 541 ? CG  ? B GLU 58 CG  
9  1 Y 1 B GLU 541 ? CD  ? B GLU 58 CD  
10 1 Y 1 B GLU 541 ? OE1 ? B GLU 58 OE1 
11 1 Y 1 B GLU 541 ? OE2 ? B GLU 58 OE2 
12 1 Y 1 B ILE 543 ? CG1 ? B ILE 60 CG1 
13 1 Y 1 B ILE 543 ? CG2 ? B ILE 60 CG2 
14 1 Y 1 B ILE 543 ? CD1 ? B ILE 60 CD1 
# 
loop_
_software.name 
_software.classification 
_software.version 
_software.citation_id 
_software.pdbx_ordinal 
MAR345dtb 'data collection' .   ? 1 
SOLVE     phasing           .   ? 2 
CNS       refinement        1.1 ? 3 
HKL-2000  'data reduction'  .   ? 4 
HKL-2000  'data scaling'    .   ? 5 
# 
_cell.entry_id           2PUY 
_cell.length_a           79.511 
_cell.length_b           25.386 
_cell.length_c           62.282 
_cell.angle_alpha        90.00 
_cell.angle_beta         96.93 
_cell.angle_gamma        90.00 
_cell.Z_PDB              8 
_cell.pdbx_unique_axis   ? 
_cell.length_a_esd       ? 
_cell.length_b_esd       ? 
_cell.length_c_esd       ? 
_cell.angle_alpha_esd    ? 
_cell.angle_beta_esd     ? 
_cell.angle_gamma_esd    ? 
# 
_symmetry.entry_id                         2PUY 
_symmetry.space_group_name_H-M             'C 1 2 1' 
_symmetry.pdbx_full_space_group_name_H-M   ? 
_symmetry.cell_setting                     ? 
_symmetry.Int_Tables_number                5 
_symmetry.space_group_name_Hall            ? 
# 
_exptl.entry_id          2PUY 
_exptl.method            'X-RAY DIFFRACTION' 
_exptl.crystals_number   1 
# 
_exptl_crystal.id                    1 
_exptl_crystal.density_meas          ? 
_exptl_crystal.density_Matthews      2.06 
_exptl_crystal.density_percent_sol   40.18 
_exptl_crystal.description           ? 
_exptl_crystal.F_000                 ? 
_exptl_crystal.preparation           ? 
# 
_exptl_crystal_grow.crystal_id      1 
_exptl_crystal_grow.method          'VAPOR DIFFUSION, HANGING DROP' 
_exptl_crystal_grow.temp            289 
_exptl_crystal_grow.temp_details    ? 
_exptl_crystal_grow.pH              6.5 
_exptl_crystal_grow.pdbx_details    
'20% Isopropanol, 5-10% polyethylene glycol 4000, 100mM MES 6.2-6.5, VAPOR DIFFUSION, HANGING DROP, temperature 289K' 
_exptl_crystal_grow.pdbx_pH_range   . 
# 
_diffrn.id                     1 
_diffrn.ambient_temp           173 
_diffrn.ambient_temp_details   ? 
_diffrn.crystal_id             1 
# 
_diffrn_detector.diffrn_id              1 
_diffrn_detector.detector               CCD 
_diffrn_detector.type                   'MARMOSAIC 300 mm CCD' 
_diffrn_detector.pdbx_collection_date   2006-02-18 
_diffrn_detector.details                ? 
# 
_diffrn_radiation.diffrn_id                        1 
_diffrn_radiation.wavelength_id                    1 
_diffrn_radiation.pdbx_monochromatic_or_laue_m_l   M 
_diffrn_radiation.monochromator                    'SAGITALLY FOCUSED Si(111)' 
_diffrn_radiation.pdbx_diffrn_protocol             MAD 
_diffrn_radiation.pdbx_scattering_type             x-ray 
# 
loop_
_diffrn_radiation_wavelength.id 
_diffrn_radiation_wavelength.wavelength 
_diffrn_radiation_wavelength.wt 
1 0.97917 1.0 
2 1.28295 1.0 
3 1.28341 1.0 
# 
_diffrn_source.diffrn_id                   1 
_diffrn_source.source                      SYNCHROTRON 
_diffrn_source.type                        'APS BEAMLINE 22-ID' 
_diffrn_source.pdbx_synchrotron_site       APS 
_diffrn_source.pdbx_synchrotron_beamline   22-ID 
_diffrn_source.pdbx_wavelength             ? 
_diffrn_source.pdbx_wavelength_list        '0.97917, 1.28295, 1.28341' 
# 
_reflns.entry_id                     2PUY 
_reflns.observed_criterion_sigma_F   -3 
_reflns.observed_criterion_sigma_I   -3 
_reflns.d_resolution_high            1.43 
_reflns.d_resolution_low             40 
_reflns.number_all                   23310 
_reflns.number_obs                   23287 
_reflns.percent_possible_obs         99.9 
_reflns.pdbx_Rmerge_I_obs            0.089 
_reflns.pdbx_Rsym_value              ? 
_reflns.pdbx_netI_over_sigmaI        16.0 
_reflns.B_iso_Wilson_estimate        12.0 
_reflns.pdbx_redundancy              5.4 
_reflns.R_free_details               ? 
_reflns.limit_h_max                  ? 
_reflns.limit_h_min                  ? 
_reflns.limit_k_max                  ? 
_reflns.limit_k_min                  ? 
_reflns.limit_l_max                  ? 
_reflns.limit_l_min                  ? 
_reflns.observed_criterion_F_max     ? 
_reflns.observed_criterion_F_min     ? 
_reflns.pdbx_chi_squared             ? 
_reflns.pdbx_scaling_rejects         ? 
_reflns.pdbx_diffrn_id               1 
_reflns.pdbx_ordinal                 1 
# 
_reflns_shell.d_res_high             1.43 
_reflns_shell.d_res_low              1.47 
_reflns_shell.percent_possible_all   99.9 
_reflns_shell.Rmerge_I_obs           0.237 
_reflns_shell.pdbx_Rsym_value        ? 
_reflns_shell.meanI_over_sigI_obs    8.5 
_reflns_shell.pdbx_redundancy        5.2 
_reflns_shell.percent_possible_obs   ? 
_reflns_shell.number_unique_all      2295 
_reflns_shell.number_measured_all    ? 
_reflns_shell.number_measured_obs    ? 
_reflns_shell.number_unique_obs      ? 
_reflns_shell.pdbx_chi_squared       ? 
_reflns_shell.pdbx_diffrn_id         ? 
_reflns_shell.pdbx_ordinal           1 
# 
_refine.entry_id                                 2PUY 
_refine.ls_d_res_high                            1.43 
_refine.ls_d_res_low                             40.0 
_refine.pdbx_ls_sigma_F                          -3 
_refine.pdbx_ls_sigma_I                          0 
_refine.ls_number_reflns_all                     23310 
_refine.ls_number_reflns_obs                     23287 
_refine.ls_number_reflns_R_free                  1114 
_refine.ls_percent_reflns_obs                    99.9 
_refine.ls_R_factor_all                          0.208 
_refine.ls_R_factor_obs                          0.208 
_refine.ls_R_factor_R_work                       0.206 
_refine.ls_R_factor_R_free                       0.231 
_refine.ls_redundancy_reflns_obs                 ? 
_refine.pdbx_data_cutoff_high_absF               ? 
_refine.pdbx_data_cutoff_low_absF                ? 
_refine.ls_number_parameters                     ? 
_refine.ls_number_restraints                     ? 
_refine.ls_percent_reflns_R_free                 ? 
_refine.ls_R_factor_R_free_error                 ? 
_refine.ls_R_factor_R_free_error_details         ? 
_refine.pdbx_method_to_determine_struct          MAD 
_refine.pdbx_starting_model                      ? 
_refine.pdbx_ls_cross_valid_method               THROUGHOUT 
_refine.pdbx_R_Free_selection_details            random 
_refine.pdbx_stereochem_target_val_spec_case     ? 
_refine.pdbx_stereochemistry_target_values       'Engh & Huber' 
_refine.solvent_model_details                    ? 
_refine.solvent_model_param_bsol                 ? 
_refine.solvent_model_param_ksol                 ? 
_refine.occupancy_max                            ? 
_refine.occupancy_min                            ? 
_refine.pdbx_isotropic_thermal_model             Isotropic 
_refine.B_iso_mean                               15.9 
_refine.aniso_B[1][1]                            0.84 
_refine.aniso_B[1][2]                            0 
_refine.aniso_B[1][3]                            -1.41 
_refine.aniso_B[2][2]                            -0.15 
_refine.aniso_B[2][3]                            0 
_refine.aniso_B[3][3]                            -0.69 
_refine.details                                  ? 
_refine.B_iso_min                                ? 
_refine.B_iso_max                                ? 
_refine.correlation_coeff_Fo_to_Fc               ? 
_refine.correlation_coeff_Fo_to_Fc_free          ? 
_refine.pdbx_solvent_vdw_probe_radii             ? 
_refine.pdbx_solvent_ion_probe_radii             ? 
_refine.pdbx_solvent_shrinkage_radii             ? 
_refine.overall_SU_R_Cruickshank_DPI             ? 
_refine.overall_SU_R_free                        ? 
_refine.overall_SU_ML                            ? 
_refine.overall_SU_B                             ? 
_refine.pdbx_overall_ESU_R_Free                  ? 
_refine.pdbx_data_cutoff_high_rms_absF           ? 
_refine.pdbx_overall_ESU_R                       ? 
_refine.ls_wR_factor_R_free                      ? 
_refine.ls_wR_factor_R_work                      ? 
_refine.overall_FOM_free_R_set                   ? 
_refine.overall_FOM_work_R_set                   ? 
_refine.pdbx_refine_id                           'X-RAY DIFFRACTION' 
_refine.pdbx_diffrn_id                           1 
_refine.pdbx_TLS_residual_ADP_flag               ? 
_refine.pdbx_overall_phase_error                 ? 
_refine.pdbx_overall_SU_R_free_Cruickshank_DPI   ? 
_refine.pdbx_overall_SU_R_Blow_DPI               ? 
_refine.pdbx_overall_SU_R_free_Blow_DPI          ? 
# 
_refine_analyze.entry_id                        2PUY 
_refine_analyze.Luzzati_coordinate_error_obs    0.16 
_refine_analyze.Luzzati_sigma_a_obs             -0.08 
_refine_analyze.Luzzati_d_res_low_obs           40.0 
_refine_analyze.Luzzati_coordinate_error_free   0.18 
_refine_analyze.Luzzati_sigma_a_free            ? 
_refine_analyze.Luzzati_d_res_low_free          ? 
_refine_analyze.number_disordered_residues      ? 
_refine_analyze.occupancy_sum_non_hydrogen      ? 
_refine_analyze.occupancy_sum_hydrogen          ? 
_refine_analyze.pdbx_Luzzati_d_res_high_obs     ? 
_refine_analyze.pdbx_refine_id                  'X-RAY DIFFRACTION' 
# 
_refine_hist.pdbx_refine_id                   'X-RAY DIFFRACTION' 
_refine_hist.cycle_id                         LAST 
_refine_hist.pdbx_number_atoms_protein        1074 
_refine_hist.pdbx_number_atoms_nucleic_acid   0 
_refine_hist.pdbx_number_atoms_ligand         4 
_refine_hist.number_atoms_solvent             88 
_refine_hist.number_atoms_total               1166 
_refine_hist.d_res_high                       1.43 
_refine_hist.d_res_low                        40.0 
# 
loop_
_refine_ls_restr.type 
_refine_ls_restr.dev_ideal 
_refine_ls_restr.dev_ideal_target 
_refine_ls_restr.weight 
_refine_ls_restr.number 
_refine_ls_restr.pdbx_refine_id 
_refine_ls_restr.pdbx_restraint_function 
c_bond_d           0.008 ? ? ? 'X-RAY DIFFRACTION' ? 
c_angle_deg        1.4   ? ? ? 'X-RAY DIFFRACTION' ? 
c_dihedral_angle_d 24.3  ? ? ? 'X-RAY DIFFRACTION' ? 
c_improper_angle_d 0.90  ? ? ? 'X-RAY DIFFRACTION' ? 
# 
_refine_ls_shell.pdbx_total_number_of_bins_used   ? 
_refine_ls_shell.d_res_high                       1.43 
_refine_ls_shell.d_res_low                        1.47 
_refine_ls_shell.number_reflns_R_work             ? 
_refine_ls_shell.R_factor_R_work                  0.189 
_refine_ls_shell.percent_reflns_obs               99.9 
_refine_ls_shell.R_factor_R_free                  0.208 
_refine_ls_shell.R_factor_R_free_error            0.021 
_refine_ls_shell.percent_reflns_R_free            ? 
_refine_ls_shell.number_reflns_R_free             98 
_refine_ls_shell.number_reflns_all                ? 
_refine_ls_shell.R_factor_all                     ? 
_refine_ls_shell.number_reflns_obs                2116 
_refine_ls_shell.redundancy_reflns_obs            ? 
_refine_ls_shell.pdbx_refine_id                   'X-RAY DIFFRACTION' 
# 
_struct.entry_id                  2PUY 
_struct.title                     'Crystal Structure of the BHC80 PHD finger' 
_struct.pdbx_model_details        ? 
_struct.pdbx_CASP_flag            N 
_struct.pdbx_model_type_details   ? 
# 
_struct_keywords.entry_id        2PUY 
_struct_keywords.pdbx_keywords   TRANSCRIPTION 
_struct_keywords.text            'PHD finger, Histone code, BRAF-HDAC complex, TRANSCRIPTION' 
# 
loop_
_struct_asym.id 
_struct_asym.pdbx_blank_PDB_chainid_flag 
_struct_asym.pdbx_modified 
_struct_asym.entity_id 
_struct_asym.details 
A N N 1 ? 
B N N 1 ? 
C N N 2 ? 
D N N 3 ? 
E N N 3 ? 
F N N 3 ? 
G N N 3 ? 
H N N 4 ? 
I N N 4 ? 
J N N 4 ? 
# 
loop_
_struct_ref.id 
_struct_ref.db_name 
_struct_ref.db_code 
_struct_ref.pdbx_db_accession 
_struct_ref.entity_id 
_struct_ref.pdbx_seq_one_letter_code 
_struct_ref.pdbx_align_begin 
_struct_ref.pdbx_db_isoform 
1 UNP PF21A_HUMAN Q96BD5 1 IHEDFCSVCRKSGQLLMCDTCSRVYHLDCLDPPLKTIPKGMWICPRCQDQMLKKEEAI 486 ? 
2 UNP H3_ZYGBA    P61836 2 ARTKQTARKS                                                 2   ? 
# 
loop_
_struct_ref_seq.align_id 
_struct_ref_seq.ref_id 
_struct_ref_seq.pdbx_PDB_id_code 
_struct_ref_seq.pdbx_strand_id 
_struct_ref_seq.seq_align_beg 
_struct_ref_seq.pdbx_seq_align_beg_ins_code 
_struct_ref_seq.seq_align_end 
_struct_ref_seq.pdbx_seq_align_end_ins_code 
_struct_ref_seq.pdbx_db_accession 
_struct_ref_seq.db_align_beg 
_struct_ref_seq.pdbx_db_align_beg_ins_code 
_struct_ref_seq.db_align_end 
_struct_ref_seq.pdbx_db_align_end_ins_code 
_struct_ref_seq.pdbx_auth_seq_align_beg 
_struct_ref_seq.pdbx_auth_seq_align_end 
1 1 2PUY A 3 ? 60 ? Q96BD5 486 ? 543 ? 486 543 
2 1 2PUY B 3 ? 60 ? Q96BD5 486 ? 543 ? 486 543 
3 2 2PUY E 1 ? 10 ? P61836 2   ? 11  ? 1   10  
# 
loop_
_struct_ref_seq_dif.align_id 
_struct_ref_seq_dif.pdbx_pdb_id_code 
_struct_ref_seq_dif.mon_id 
_struct_ref_seq_dif.pdbx_pdb_strand_id 
_struct_ref_seq_dif.seq_num 
_struct_ref_seq_dif.pdbx_pdb_ins_code 
_struct_ref_seq_dif.pdbx_seq_db_name 
_struct_ref_seq_dif.pdbx_seq_db_accession_code 
_struct_ref_seq_dif.db_mon_id 
_struct_ref_seq_dif.pdbx_seq_db_seq_num 
_struct_ref_seq_dif.details 
_struct_ref_seq_dif.pdbx_auth_seq_num 
_struct_ref_seq_dif.pdbx_ordinal 
1 2PUY HIS A 1 ? UNP Q96BD5 ? ? 'expression tag' 484 1 
1 2PUY MET A 2 ? UNP Q96BD5 ? ? 'expression tag' 485 2 
2 2PUY HIS B 1 ? UNP Q96BD5 ? ? 'expression tag' 484 3 
2 2PUY MET B 2 ? UNP Q96BD5 ? ? 'expression tag' 485 4 
# 
_pdbx_struct_assembly.id                   1 
_pdbx_struct_assembly.details              author_defined_assembly 
_pdbx_struct_assembly.method_details       ? 
_pdbx_struct_assembly.oligomeric_details   trimeric 
_pdbx_struct_assembly.oligomeric_count     3 
# 
_pdbx_struct_assembly_gen.assembly_id       1 
_pdbx_struct_assembly_gen.oper_expression   1 
_pdbx_struct_assembly_gen.asym_id_list      A,B,C,D,E,F,G,H,I,J 
# 
_pdbx_struct_oper_list.id                   1 
_pdbx_struct_oper_list.type                 'identity operation' 
_pdbx_struct_oper_list.name                 1_555 
_pdbx_struct_oper_list.symmetry_operation   x,y,z 
_pdbx_struct_oper_list.matrix[1][1]         1.0000000000 
_pdbx_struct_oper_list.matrix[1][2]         0.0000000000 
_pdbx_struct_oper_list.matrix[1][3]         0.0000000000 
_pdbx_struct_oper_list.vector[1]            0.0000000000 
_pdbx_struct_oper_list.matrix[2][1]         0.0000000000 
_pdbx_struct_oper_list.matrix[2][2]         1.0000000000 
_pdbx_struct_oper_list.matrix[2][3]         0.0000000000 
_pdbx_struct_oper_list.vector[2]            0.0000000000 
_pdbx_struct_oper_list.matrix[3][1]         0.0000000000 
_pdbx_struct_oper_list.matrix[3][2]         0.0000000000 
_pdbx_struct_oper_list.matrix[3][3]         1.0000000000 
_pdbx_struct_oper_list.vector[3]            0.0000000000 
# 
loop_
_struct_conf.conf_type_id 
_struct_conf.id 
_struct_conf.pdbx_PDB_helix_id 
_struct_conf.beg_label_comp_id 
_struct_conf.beg_label_asym_id 
_struct_conf.beg_label_seq_id 
_struct_conf.pdbx_beg_PDB_ins_code 
_struct_conf.end_label_comp_id 
_struct_conf.end_label_asym_id 
_struct_conf.end_label_seq_id 
_struct_conf.pdbx_end_PDB_ins_code 
_struct_conf.beg_auth_comp_id 
_struct_conf.beg_auth_asym_id 
_struct_conf.beg_auth_seq_id 
_struct_conf.end_auth_comp_id 
_struct_conf.end_auth_asym_id 
_struct_conf.end_auth_seq_id 
_struct_conf.pdbx_PDB_helix_class 
_struct_conf.details 
_struct_conf.pdbx_PDB_helix_length 
HELX_P HELX_P1 1 HIS A 28 ? LEU A 32 ? HIS A 511 LEU A 515 5 ? 5  
HELX_P HELX_P2 2 CYS A 46 ? LYS A 56 ? CYS A 529 LYS A 539 1 ? 11 
HELX_P HELX_P3 3 HIS B 28 ? LEU B 32 ? HIS B 511 LEU B 515 5 ? 5  
HELX_P HELX_P4 4 CYS B 46 ? ILE B 60 ? CYS B 529 ILE B 543 1 ? 15 
# 
_struct_conf_type.id          HELX_P 
_struct_conf_type.criteria    ? 
_struct_conf_type.reference   ? 
# 
loop_
_struct_conn.id 
_struct_conn.conn_type_id 
_struct_conn.pdbx_leaving_atom_flag 
_struct_conn.pdbx_PDB_id 
_struct_conn.ptnr1_label_asym_id 
_struct_conn.ptnr1_label_comp_id 
_struct_conn.ptnr1_label_seq_id 
_struct_conn.ptnr1_label_atom_id 
_struct_conn.pdbx_ptnr1_label_alt_id 
_struct_conn.pdbx_ptnr1_PDB_ins_code 
_struct_conn.pdbx_ptnr1_standard_comp_id 
_struct_conn.ptnr1_symmetry 
_struct_conn.ptnr2_label_asym_id 
_struct_conn.ptnr2_label_comp_id 
_struct_conn.ptnr2_label_seq_id 
_struct_conn.ptnr2_label_atom_id 
_struct_conn.pdbx_ptnr2_label_alt_id 
_struct_conn.pdbx_ptnr2_PDB_ins_code 
_struct_conn.ptnr1_auth_asym_id 
_struct_conn.ptnr1_auth_comp_id 
_struct_conn.ptnr1_auth_seq_id 
_struct_conn.ptnr2_auth_asym_id 
_struct_conn.ptnr2_auth_comp_id 
_struct_conn.ptnr2_auth_seq_id 
_struct_conn.ptnr2_symmetry 
_struct_conn.pdbx_ptnr3_label_atom_id 
_struct_conn.pdbx_ptnr3_label_seq_id 
_struct_conn.pdbx_ptnr3_label_comp_id 
_struct_conn.pdbx_ptnr3_label_asym_id 
_struct_conn.pdbx_ptnr3_label_alt_id 
_struct_conn.pdbx_ptnr3_PDB_ins_code 
_struct_conn.details 
_struct_conn.pdbx_dist_value 
_struct_conn.pdbx_value_order 
_struct_conn.pdbx_role 
metalc1  metalc ? ? D ZN . ZN ? ? ? 1_555 A CYS 8  SG  ? ? A ZN 355 A CYS 491 1_555 ? ? ? ? ? ? ? 2.383 ? ? 
metalc2  metalc ? ? D ZN . ZN ? ? ? 1_555 A CYS 11 SG  ? ? A ZN 355 A CYS 494 1_555 ? ? ? ? ? ? ? 2.298 ? ? 
metalc3  metalc ? ? D ZN . ZN ? ? ? 1_555 A HIS 28 ND1 ? ? A ZN 355 A HIS 511 1_555 ? ? ? ? ? ? ? 2.118 ? ? 
metalc4  metalc ? ? D ZN . ZN ? ? ? 1_555 A CYS 31 SG  ? ? A ZN 355 A CYS 514 1_555 ? ? ? ? ? ? ? 2.262 ? ? 
metalc5  metalc ? ? E ZN . ZN ? ? ? 1_555 A CYS 20 SG  ? ? A ZN 356 A CYS 503 1_555 ? ? ? ? ? ? ? 2.309 ? ? 
metalc6  metalc ? ? E ZN . ZN ? ? ? 1_555 A CYS 23 SG  ? ? A ZN 356 A CYS 506 1_555 ? ? ? ? ? ? ? 2.358 ? ? 
metalc7  metalc ? ? E ZN . ZN ? ? ? 1_555 A CYS 46 SG  ? ? A ZN 356 A CYS 529 1_555 ? ? ? ? ? ? ? 2.414 ? ? 
metalc8  metalc ? ? E ZN . ZN ? ? ? 1_555 A CYS 49 SG  ? ? A ZN 356 A CYS 532 1_555 ? ? ? ? ? ? ? 2.265 ? ? 
metalc9  metalc ? ? F ZN . ZN ? ? ? 1_555 B CYS 8  SG  ? ? B ZN 357 B CYS 491 1_555 ? ? ? ? ? ? ? 2.290 ? ? 
metalc10 metalc ? ? F ZN . ZN ? ? ? 1_555 B CYS 11 SG  ? ? B ZN 357 B CYS 494 1_555 ? ? ? ? ? ? ? 2.307 ? ? 
metalc11 metalc ? ? F ZN . ZN ? ? ? 1_555 B HIS 28 ND1 ? ? B ZN 357 B HIS 511 1_555 ? ? ? ? ? ? ? 2.106 ? ? 
metalc12 metalc ? ? F ZN . ZN ? ? ? 1_555 B CYS 31 SG  ? ? B ZN 357 B CYS 514 1_555 ? ? ? ? ? ? ? 2.304 ? ? 
metalc13 metalc ? ? G ZN . ZN ? ? ? 1_555 B CYS 20 SG  ? ? B ZN 358 B CYS 503 1_555 ? ? ? ? ? ? ? 2.331 ? ? 
metalc14 metalc ? ? G ZN . ZN ? ? ? 1_555 B CYS 23 SG  ? ? B ZN 358 B CYS 506 1_555 ? ? ? ? ? ? ? 2.331 ? ? 
metalc15 metalc ? ? G ZN . ZN ? ? ? 1_555 B CYS 46 SG  ? ? B ZN 358 B CYS 529 1_555 ? ? ? ? ? ? ? 2.356 ? ? 
metalc16 metalc ? ? G ZN . ZN ? ? ? 1_555 B CYS 49 SG  ? ? B ZN 358 B CYS 532 1_555 ? ? ? ? ? ? ? 2.315 ? ? 
# 
_struct_conn_type.id          metalc 
_struct_conn_type.criteria    ? 
_struct_conn_type.reference   ? 
# 
loop_
_pdbx_struct_conn_angle.id 
_pdbx_struct_conn_angle.ptnr1_label_atom_id 
_pdbx_struct_conn_angle.ptnr1_label_alt_id 
_pdbx_struct_conn_angle.ptnr1_label_asym_id 
_pdbx_struct_conn_angle.ptnr1_label_comp_id 
_pdbx_struct_conn_angle.ptnr1_label_seq_id 
_pdbx_struct_conn_angle.ptnr1_auth_atom_id 
_pdbx_struct_conn_angle.ptnr1_auth_asym_id 
_pdbx_struct_conn_angle.ptnr1_auth_comp_id 
_pdbx_struct_conn_angle.ptnr1_auth_seq_id 
_pdbx_struct_conn_angle.ptnr1_PDB_ins_code 
_pdbx_struct_conn_angle.ptnr1_symmetry 
_pdbx_struct_conn_angle.ptnr2_label_atom_id 
_pdbx_struct_conn_angle.ptnr2_label_alt_id 
_pdbx_struct_conn_angle.ptnr2_label_asym_id 
_pdbx_struct_conn_angle.ptnr2_label_comp_id 
_pdbx_struct_conn_angle.ptnr2_label_seq_id 
_pdbx_struct_conn_angle.ptnr2_auth_atom_id 
_pdbx_struct_conn_angle.ptnr2_auth_asym_id 
_pdbx_struct_conn_angle.ptnr2_auth_comp_id 
_pdbx_struct_conn_angle.ptnr2_auth_seq_id 
_pdbx_struct_conn_angle.ptnr2_PDB_ins_code 
_pdbx_struct_conn_angle.ptnr2_symmetry 
_pdbx_struct_conn_angle.ptnr3_label_atom_id 
_pdbx_struct_conn_angle.ptnr3_label_alt_id 
_pdbx_struct_conn_angle.ptnr3_label_asym_id 
_pdbx_struct_conn_angle.ptnr3_label_comp_id 
_pdbx_struct_conn_angle.ptnr3_label_seq_id 
_pdbx_struct_conn_angle.ptnr3_auth_atom_id 
_pdbx_struct_conn_angle.ptnr3_auth_asym_id 
_pdbx_struct_conn_angle.ptnr3_auth_comp_id 
_pdbx_struct_conn_angle.ptnr3_auth_seq_id 
_pdbx_struct_conn_angle.ptnr3_PDB_ins_code 
_pdbx_struct_conn_angle.ptnr3_symmetry 
_pdbx_struct_conn_angle.value 
_pdbx_struct_conn_angle.value_esd 
1  SG  ? A CYS 8  ? A CYS 491 ? 1_555 ZN ? D ZN . ? A ZN 355 ? 1_555 SG  ? A CYS 11 ? A CYS 494 ? 1_555 113.1 ? 
2  SG  ? A CYS 8  ? A CYS 491 ? 1_555 ZN ? D ZN . ? A ZN 355 ? 1_555 ND1 ? A HIS 28 ? A HIS 511 ? 1_555 101.5 ? 
3  SG  ? A CYS 11 ? A CYS 494 ? 1_555 ZN ? D ZN . ? A ZN 355 ? 1_555 ND1 ? A HIS 28 ? A HIS 511 ? 1_555 95.4  ? 
4  SG  ? A CYS 8  ? A CYS 491 ? 1_555 ZN ? D ZN . ? A ZN 355 ? 1_555 SG  ? A CYS 31 ? A CYS 514 ? 1_555 115.0 ? 
5  SG  ? A CYS 11 ? A CYS 494 ? 1_555 ZN ? D ZN . ? A ZN 355 ? 1_555 SG  ? A CYS 31 ? A CYS 514 ? 1_555 114.5 ? 
6  ND1 ? A HIS 28 ? A HIS 511 ? 1_555 ZN ? D ZN . ? A ZN 355 ? 1_555 SG  ? A CYS 31 ? A CYS 514 ? 1_555 115.0 ? 
7  SG  ? A CYS 20 ? A CYS 503 ? 1_555 ZN ? E ZN . ? A ZN 356 ? 1_555 SG  ? A CYS 23 ? A CYS 506 ? 1_555 112.1 ? 
8  SG  ? A CYS 20 ? A CYS 503 ? 1_555 ZN ? E ZN . ? A ZN 356 ? 1_555 SG  ? A CYS 46 ? A CYS 529 ? 1_555 107.9 ? 
9  SG  ? A CYS 23 ? A CYS 506 ? 1_555 ZN ? E ZN . ? A ZN 356 ? 1_555 SG  ? A CYS 46 ? A CYS 529 ? 1_555 108.0 ? 
10 SG  ? A CYS 20 ? A CYS 503 ? 1_555 ZN ? E ZN . ? A ZN 356 ? 1_555 SG  ? A CYS 49 ? A CYS 532 ? 1_555 110.9 ? 
11 SG  ? A CYS 23 ? A CYS 506 ? 1_555 ZN ? E ZN . ? A ZN 356 ? 1_555 SG  ? A CYS 49 ? A CYS 532 ? 1_555 103.7 ? 
12 SG  ? A CYS 46 ? A CYS 529 ? 1_555 ZN ? E ZN . ? A ZN 356 ? 1_555 SG  ? A CYS 49 ? A CYS 532 ? 1_555 114.3 ? 
13 SG  ? B CYS 8  ? B CYS 491 ? 1_555 ZN ? F ZN . ? B ZN 357 ? 1_555 SG  ? B CYS 11 ? B CYS 494 ? 1_555 111.0 ? 
14 SG  ? B CYS 8  ? B CYS 491 ? 1_555 ZN ? F ZN . ? B ZN 357 ? 1_555 ND1 ? B HIS 28 ? B HIS 511 ? 1_555 102.9 ? 
15 SG  ? B CYS 11 ? B CYS 494 ? 1_555 ZN ? F ZN . ? B ZN 357 ? 1_555 ND1 ? B HIS 28 ? B HIS 511 ? 1_555 94.2  ? 
16 SG  ? B CYS 8  ? B CYS 491 ? 1_555 ZN ? F ZN . ? B ZN 357 ? 1_555 SG  ? B CYS 31 ? B CYS 514 ? 1_555 112.4 ? 
17 SG  ? B CYS 11 ? B CYS 494 ? 1_555 ZN ? F ZN . ? B ZN 357 ? 1_555 SG  ? B CYS 31 ? B CYS 514 ? 1_555 118.5 ? 
18 ND1 ? B HIS 28 ? B HIS 511 ? 1_555 ZN ? F ZN . ? B ZN 357 ? 1_555 SG  ? B CYS 31 ? B CYS 514 ? 1_555 115.6 ? 
19 SG  ? B CYS 20 ? B CYS 503 ? 1_555 ZN ? G ZN . ? B ZN 358 ? 1_555 SG  ? B CYS 23 ? B CYS 506 ? 1_555 113.5 ? 
20 SG  ? B CYS 20 ? B CYS 503 ? 1_555 ZN ? G ZN . ? B ZN 358 ? 1_555 SG  ? B CYS 46 ? B CYS 529 ? 1_555 106.0 ? 
21 SG  ? B CYS 23 ? B CYS 506 ? 1_555 ZN ? G ZN . ? B ZN 358 ? 1_555 SG  ? B CYS 46 ? B CYS 529 ? 1_555 108.6 ? 
22 SG  ? B CYS 20 ? B CYS 503 ? 1_555 ZN ? G ZN . ? B ZN 358 ? 1_555 SG  ? B CYS 49 ? B CYS 532 ? 1_555 111.3 ? 
23 SG  ? B CYS 23 ? B CYS 506 ? 1_555 ZN ? G ZN . ? B ZN 358 ? 1_555 SG  ? B CYS 49 ? B CYS 532 ? 1_555 103.2 ? 
24 SG  ? B CYS 46 ? B CYS 529 ? 1_555 ZN ? G ZN . ? B ZN 358 ? 1_555 SG  ? B CYS 49 ? B CYS 532 ? 1_555 114.5 ? 
# 
loop_
_struct_mon_prot_cis.pdbx_id 
_struct_mon_prot_cis.label_comp_id 
_struct_mon_prot_cis.label_seq_id 
_struct_mon_prot_cis.label_asym_id 
_struct_mon_prot_cis.label_alt_id 
_struct_mon_prot_cis.pdbx_PDB_ins_code 
_struct_mon_prot_cis.auth_comp_id 
_struct_mon_prot_cis.auth_seq_id 
_struct_mon_prot_cis.auth_asym_id 
_struct_mon_prot_cis.pdbx_label_comp_id_2 
_struct_mon_prot_cis.pdbx_label_seq_id_2 
_struct_mon_prot_cis.pdbx_label_asym_id_2 
_struct_mon_prot_cis.pdbx_PDB_ins_code_2 
_struct_mon_prot_cis.pdbx_auth_comp_id_2 
_struct_mon_prot_cis.pdbx_auth_seq_id_2 
_struct_mon_prot_cis.pdbx_auth_asym_id_2 
_struct_mon_prot_cis.pdbx_PDB_model_num 
_struct_mon_prot_cis.pdbx_omega_angle 
1 ASP 33 A . ? ASP 516 A PRO 34 A ? PRO 517 A 1 0.20  
2 ASP 33 B . ? ASP 516 B PRO 34 B ? PRO 517 B 1 -0.19 
# 
loop_
_struct_sheet.id 
_struct_sheet.type 
_struct_sheet.number_strands 
_struct_sheet.details 
A ? 2 ? 
B ? 3 ? 
# 
loop_
_struct_sheet_order.sheet_id 
_struct_sheet_order.range_id_1 
_struct_sheet_order.range_id_2 
_struct_sheet_order.offset 
_struct_sheet_order.sense 
A 1 2 ? anti-parallel 
B 1 2 ? anti-parallel 
B 2 3 ? anti-parallel 
# 
loop_
_struct_sheet_range.sheet_id 
_struct_sheet_range.id 
_struct_sheet_range.beg_label_comp_id 
_struct_sheet_range.beg_label_asym_id 
_struct_sheet_range.beg_label_seq_id 
_struct_sheet_range.pdbx_beg_PDB_ins_code 
_struct_sheet_range.end_label_comp_id 
_struct_sheet_range.end_label_asym_id 
_struct_sheet_range.end_label_seq_id 
_struct_sheet_range.pdbx_end_PDB_ins_code 
_struct_sheet_range.beg_auth_comp_id 
_struct_sheet_range.beg_auth_asym_id 
_struct_sheet_range.beg_auth_seq_id 
_struct_sheet_range.end_auth_comp_id 
_struct_sheet_range.end_auth_asym_id 
_struct_sheet_range.end_auth_seq_id 
A 1 LEU A 18 ? MET A 19 ? LEU A 501 MET A 502 
A 2 VAL A 26 ? TYR A 27 ? VAL A 509 TYR A 510 
B 1 VAL B 26 ? TYR B 27 ? VAL B 509 TYR B 510 
B 2 GLY B 15 ? MET B 19 ? GLY B 498 MET B 502 
B 3 THR C 3  ? THR C 6  ? THR E 3   THR E 6   
# 
loop_
_pdbx_struct_sheet_hbond.sheet_id 
_pdbx_struct_sheet_hbond.range_id_1 
_pdbx_struct_sheet_hbond.range_id_2 
_pdbx_struct_sheet_hbond.range_1_label_atom_id 
_pdbx_struct_sheet_hbond.range_1_label_comp_id 
_pdbx_struct_sheet_hbond.range_1_label_asym_id 
_pdbx_struct_sheet_hbond.range_1_label_seq_id 
_pdbx_struct_sheet_hbond.range_1_PDB_ins_code 
_pdbx_struct_sheet_hbond.range_1_auth_atom_id 
_pdbx_struct_sheet_hbond.range_1_auth_comp_id 
_pdbx_struct_sheet_hbond.range_1_auth_asym_id 
_pdbx_struct_sheet_hbond.range_1_auth_seq_id 
_pdbx_struct_sheet_hbond.range_2_label_atom_id 
_pdbx_struct_sheet_hbond.range_2_label_comp_id 
_pdbx_struct_sheet_hbond.range_2_label_asym_id 
_pdbx_struct_sheet_hbond.range_2_label_seq_id 
_pdbx_struct_sheet_hbond.range_2_PDB_ins_code 
_pdbx_struct_sheet_hbond.range_2_auth_atom_id 
_pdbx_struct_sheet_hbond.range_2_auth_comp_id 
_pdbx_struct_sheet_hbond.range_2_auth_asym_id 
_pdbx_struct_sheet_hbond.range_2_auth_seq_id 
A 1 2 N LEU A 18 ? N LEU A 501 O TYR A 27 ? O TYR A 510 
B 1 2 O TYR B 27 ? O TYR B 510 N LEU B 18 ? N LEU B 501 
B 2 3 N LEU B 17 ? N LEU B 500 O LYS C 4  ? O LYS E 4   
# 
loop_
_struct_site.id 
_struct_site.pdbx_evidence_code 
_struct_site.pdbx_auth_asym_id 
_struct_site.pdbx_auth_comp_id 
_struct_site.pdbx_auth_seq_id 
_struct_site.pdbx_auth_ins_code 
_struct_site.pdbx_num_residues 
_struct_site.details 
AC1 Software A ZN 355 ? 4 'BINDING SITE FOR RESIDUE ZN A 355' 
AC2 Software A ZN 356 ? 4 'BINDING SITE FOR RESIDUE ZN A 356' 
AC3 Software B ZN 357 ? 4 'BINDING SITE FOR RESIDUE ZN B 357' 
AC4 Software B ZN 358 ? 4 'BINDING SITE FOR RESIDUE ZN B 358' 
# 
loop_
_struct_site_gen.id 
_struct_site_gen.site_id 
_struct_site_gen.pdbx_num_res 
_struct_site_gen.label_comp_id 
_struct_site_gen.label_asym_id 
_struct_site_gen.label_seq_id 
_struct_site_gen.pdbx_auth_ins_code 
_struct_site_gen.auth_comp_id 
_struct_site_gen.auth_asym_id 
_struct_site_gen.auth_seq_id 
_struct_site_gen.label_atom_id 
_struct_site_gen.label_alt_id 
_struct_site_gen.symmetry 
_struct_site_gen.details 
1  AC1 4 CYS A 8  ? CYS A 491 . ? 1_555 ? 
2  AC1 4 CYS A 11 ? CYS A 494 . ? 1_555 ? 
3  AC1 4 HIS A 28 ? HIS A 511 . ? 1_555 ? 
4  AC1 4 CYS A 31 ? CYS A 514 . ? 1_555 ? 
5  AC2 4 CYS A 20 ? CYS A 503 . ? 1_555 ? 
6  AC2 4 CYS A 23 ? CYS A 506 . ? 1_555 ? 
7  AC2 4 CYS A 46 ? CYS A 529 . ? 1_555 ? 
8  AC2 4 CYS A 49 ? CYS A 532 . ? 1_555 ? 
9  AC3 4 CYS B 8  ? CYS B 491 . ? 1_555 ? 
10 AC3 4 CYS B 11 ? CYS B 494 . ? 1_555 ? 
11 AC3 4 HIS B 28 ? HIS B 511 . ? 1_555 ? 
12 AC3 4 CYS B 31 ? CYS B 514 . ? 1_555 ? 
13 AC4 4 CYS B 20 ? CYS B 503 . ? 1_555 ? 
14 AC4 4 CYS B 23 ? CYS B 506 . ? 1_555 ? 
15 AC4 4 CYS B 46 ? CYS B 529 . ? 1_555 ? 
16 AC4 4 CYS B 49 ? CYS B 532 . ? 1_555 ? 
# 
_pdbx_struct_special_symmetry.id              1 
_pdbx_struct_special_symmetry.PDB_model_num   1 
_pdbx_struct_special_symmetry.auth_asym_id    B 
_pdbx_struct_special_symmetry.auth_comp_id    HOH 
_pdbx_struct_special_symmetry.auth_seq_id     43 
_pdbx_struct_special_symmetry.PDB_ins_code    ? 
_pdbx_struct_special_symmetry.label_asym_id   I 
_pdbx_struct_special_symmetry.label_comp_id   HOH 
_pdbx_struct_special_symmetry.label_seq_id    . 
# 
_pdbx_unobs_or_zero_occ_residues.id               1 
_pdbx_unobs_or_zero_occ_residues.PDB_model_num    1 
_pdbx_unobs_or_zero_occ_residues.polymer_flag     Y 
_pdbx_unobs_or_zero_occ_residues.occupancy_flag   1 
_pdbx_unobs_or_zero_occ_residues.auth_asym_id     A 
_pdbx_unobs_or_zero_occ_residues.auth_comp_id     HIS 
_pdbx_unobs_or_zero_occ_residues.auth_seq_id      484 
_pdbx_unobs_or_zero_occ_residues.PDB_ins_code     ? 
_pdbx_unobs_or_zero_occ_residues.label_asym_id    A 
_pdbx_unobs_or_zero_occ_residues.label_comp_id    HIS 
_pdbx_unobs_or_zero_occ_residues.label_seq_id     1 
# 
loop_
_chem_comp_atom.comp_id 
_chem_comp_atom.atom_id 
_chem_comp_atom.type_symbol 
_chem_comp_atom.pdbx_aromatic_flag 
_chem_comp_atom.pdbx_stereo_config 
_chem_comp_atom.pdbx_ordinal 
ALA N    N  N N 1   
ALA CA   C  N S 2   
ALA C    C  N N 3   
ALA O    O  N N 4   
ALA CB   C  N N 5   
ALA OXT  O  N N 6   
ALA H    H  N N 7   
ALA H2   H  N N 8   
ALA HA   H  N N 9   
ALA HB1  H  N N 10  
ALA HB2  H  N N 11  
ALA HB3  H  N N 12  
ALA HXT  H  N N 13  
ARG N    N  N N 14  
ARG CA   C  N S 15  
ARG C    C  N N 16  
ARG O    O  N N 17  
ARG CB   C  N N 18  
ARG CG   C  N N 19  
ARG CD   C  N N 20  
ARG NE   N  N N 21  
ARG CZ   C  N N 22  
ARG NH1  N  N N 23  
ARG NH2  N  N N 24  
ARG OXT  O  N N 25  
ARG H    H  N N 26  
ARG H2   H  N N 27  
ARG HA   H  N N 28  
ARG HB2  H  N N 29  
ARG HB3  H  N N 30  
ARG HG2  H  N N 31  
ARG HG3  H  N N 32  
ARG HD2  H  N N 33  
ARG HD3  H  N N 34  
ARG HE   H  N N 35  
ARG HH11 H  N N 36  
ARG HH12 H  N N 37  
ARG HH21 H  N N 38  
ARG HH22 H  N N 39  
ARG HXT  H  N N 40  
ASP N    N  N N 41  
ASP CA   C  N S 42  
ASP C    C  N N 43  
ASP O    O  N N 44  
ASP CB   C  N N 45  
ASP CG   C  N N 46  
ASP OD1  O  N N 47  
ASP OD2  O  N N 48  
ASP OXT  O  N N 49  
ASP H    H  N N 50  
ASP H2   H  N N 51  
ASP HA   H  N N 52  
ASP HB2  H  N N 53  
ASP HB3  H  N N 54  
ASP HD2  H  N N 55  
ASP HXT  H  N N 56  
CYS N    N  N N 57  
CYS CA   C  N R 58  
CYS C    C  N N 59  
CYS O    O  N N 60  
CYS CB   C  N N 61  
CYS SG   S  N N 62  
CYS OXT  O  N N 63  
CYS H    H  N N 64  
CYS H2   H  N N 65  
CYS HA   H  N N 66  
CYS HB2  H  N N 67  
CYS HB3  H  N N 68  
CYS HG   H  N N 69  
CYS HXT  H  N N 70  
GLN N    N  N N 71  
GLN CA   C  N S 72  
GLN C    C  N N 73  
GLN O    O  N N 74  
GLN CB   C  N N 75  
GLN CG   C  N N 76  
GLN CD   C  N N 77  
GLN OE1  O  N N 78  
GLN NE2  N  N N 79  
GLN OXT  O  N N 80  
GLN H    H  N N 81  
GLN H2   H  N N 82  
GLN HA   H  N N 83  
GLN HB2  H  N N 84  
GLN HB3  H  N N 85  
GLN HG2  H  N N 86  
GLN HG3  H  N N 87  
GLN HE21 H  N N 88  
GLN HE22 H  N N 89  
GLN HXT  H  N N 90  
GLU N    N  N N 91  
GLU CA   C  N S 92  
GLU C    C  N N 93  
GLU O    O  N N 94  
GLU CB   C  N N 95  
GLU CG   C  N N 96  
GLU CD   C  N N 97  
GLU OE1  O  N N 98  
GLU OE2  O  N N 99  
GLU OXT  O  N N 100 
GLU H    H  N N 101 
GLU H2   H  N N 102 
GLU HA   H  N N 103 
GLU HB2  H  N N 104 
GLU HB3  H  N N 105 
GLU HG2  H  N N 106 
GLU HG3  H  N N 107 
GLU HE2  H  N N 108 
GLU HXT  H  N N 109 
GLY N    N  N N 110 
GLY CA   C  N N 111 
GLY C    C  N N 112 
GLY O    O  N N 113 
GLY OXT  O  N N 114 
GLY H    H  N N 115 
GLY H2   H  N N 116 
GLY HA2  H  N N 117 
GLY HA3  H  N N 118 
GLY HXT  H  N N 119 
HIS N    N  N N 120 
HIS CA   C  N S 121 
HIS C    C  N N 122 
HIS O    O  N N 123 
HIS CB   C  N N 124 
HIS CG   C  Y N 125 
HIS ND1  N  Y N 126 
HIS CD2  C  Y N 127 
HIS CE1  C  Y N 128 
HIS NE2  N  Y N 129 
HIS OXT  O  N N 130 
HIS H    H  N N 131 
HIS H2   H  N N 132 
HIS HA   H  N N 133 
HIS HB2  H  N N 134 
HIS HB3  H  N N 135 
HIS HD1  H  N N 136 
HIS HD2  H  N N 137 
HIS HE1  H  N N 138 
HIS HE2  H  N N 139 
HIS HXT  H  N N 140 
HOH O    O  N N 141 
HOH H1   H  N N 142 
HOH H2   H  N N 143 
ILE N    N  N N 144 
ILE CA   C  N S 145 
ILE C    C  N N 146 
ILE O    O  N N 147 
ILE CB   C  N S 148 
ILE CG1  C  N N 149 
ILE CG2  C  N N 150 
ILE CD1  C  N N 151 
ILE OXT  O  N N 152 
ILE H    H  N N 153 
ILE H2   H  N N 154 
ILE HA   H  N N 155 
ILE HB   H  N N 156 
ILE HG12 H  N N 157 
ILE HG13 H  N N 158 
ILE HG21 H  N N 159 
ILE HG22 H  N N 160 
ILE HG23 H  N N 161 
ILE HD11 H  N N 162 
ILE HD12 H  N N 163 
ILE HD13 H  N N 164 
ILE HXT  H  N N 165 
LEU N    N  N N 166 
LEU CA   C  N S 167 
LEU C    C  N N 168 
LEU O    O  N N 169 
LEU CB   C  N N 170 
LEU CG   C  N N 171 
LEU CD1  C  N N 172 
LEU CD2  C  N N 173 
LEU OXT  O  N N 174 
LEU H    H  N N 175 
LEU H2   H  N N 176 
LEU HA   H  N N 177 
LEU HB2  H  N N 178 
LEU HB3  H  N N 179 
LEU HG   H  N N 180 
LEU HD11 H  N N 181 
LEU HD12 H  N N 182 
LEU HD13 H  N N 183 
LEU HD21 H  N N 184 
LEU HD22 H  N N 185 
LEU HD23 H  N N 186 
LEU HXT  H  N N 187 
LYS N    N  N N 188 
LYS CA   C  N S 189 
LYS C    C  N N 190 
LYS O    O  N N 191 
LYS CB   C  N N 192 
LYS CG   C  N N 193 
LYS CD   C  N N 194 
LYS CE   C  N N 195 
LYS NZ   N  N N 196 
LYS OXT  O  N N 197 
LYS H    H  N N 198 
LYS H2   H  N N 199 
LYS HA   H  N N 200 
LYS HB2  H  N N 201 
LYS HB3  H  N N 202 
LYS HG2  H  N N 203 
LYS HG3  H  N N 204 
LYS HD2  H  N N 205 
LYS HD3  H  N N 206 
LYS HE2  H  N N 207 
LYS HE3  H  N N 208 
LYS HZ1  H  N N 209 
LYS HZ2  H  N N 210 
LYS HZ3  H  N N 211 
LYS HXT  H  N N 212 
MET N    N  N N 213 
MET CA   C  N S 214 
MET C    C  N N 215 
MET O    O  N N 216 
MET CB   C  N N 217 
MET CG   C  N N 218 
MET SD   S  N N 219 
MET CE   C  N N 220 
MET OXT  O  N N 221 
MET H    H  N N 222 
MET H2   H  N N 223 
MET HA   H  N N 224 
MET HB2  H  N N 225 
MET HB3  H  N N 226 
MET HG2  H  N N 227 
MET HG3  H  N N 228 
MET HE1  H  N N 229 
MET HE2  H  N N 230 
MET HE3  H  N N 231 
MET HXT  H  N N 232 
PHE N    N  N N 233 
PHE CA   C  N S 234 
PHE C    C  N N 235 
PHE O    O  N N 236 
PHE CB   C  N N 237 
PHE CG   C  Y N 238 
PHE CD1  C  Y N 239 
PHE CD2  C  Y N 240 
PHE CE1  C  Y N 241 
PHE CE2  C  Y N 242 
PHE CZ   C  Y N 243 
PHE OXT  O  N N 244 
PHE H    H  N N 245 
PHE H2   H  N N 246 
PHE HA   H  N N 247 
PHE HB2  H  N N 248 
PHE HB3  H  N N 249 
PHE HD1  H  N N 250 
PHE HD2  H  N N 251 
PHE HE1  H  N N 252 
PHE HE2  H  N N 253 
PHE HZ   H  N N 254 
PHE HXT  H  N N 255 
PRO N    N  N N 256 
PRO CA   C  N S 257 
PRO C    C  N N 258 
PRO O    O  N N 259 
PRO CB   C  N N 260 
PRO CG   C  N N 261 
PRO CD   C  N N 262 
PRO OXT  O  N N 263 
PRO H    H  N N 264 
PRO HA   H  N N 265 
PRO HB2  H  N N 266 
PRO HB3  H  N N 267 
PRO HG2  H  N N 268 
PRO HG3  H  N N 269 
PRO HD2  H  N N 270 
PRO HD3  H  N N 271 
PRO HXT  H  N N 272 
SER N    N  N N 273 
SER CA   C  N S 274 
SER C    C  N N 275 
SER O    O  N N 276 
SER CB   C  N N 277 
SER OG   O  N N 278 
SER OXT  O  N N 279 
SER H    H  N N 280 
SER H2   H  N N 281 
SER HA   H  N N 282 
SER HB2  H  N N 283 
SER HB3  H  N N 284 
SER HG   H  N N 285 
SER HXT  H  N N 286 
THR N    N  N N 287 
THR CA   C  N S 288 
THR C    C  N N 289 
THR O    O  N N 290 
THR CB   C  N R 291 
THR OG1  O  N N 292 
THR CG2  C  N N 293 
THR OXT  O  N N 294 
THR H    H  N N 295 
THR H2   H  N N 296 
THR HA   H  N N 297 
THR HB   H  N N 298 
THR HG1  H  N N 299 
THR HG21 H  N N 300 
THR HG22 H  N N 301 
THR HG23 H  N N 302 
THR HXT  H  N N 303 
TRP N    N  N N 304 
TRP CA   C  N S 305 
TRP C    C  N N 306 
TRP O    O  N N 307 
TRP CB   C  N N 308 
TRP CG   C  Y N 309 
TRP CD1  C  Y N 310 
TRP CD2  C  Y N 311 
TRP NE1  N  Y N 312 
TRP CE2  C  Y N 313 
TRP CE3  C  Y N 314 
TRP CZ2  C  Y N 315 
TRP CZ3  C  Y N 316 
TRP CH2  C  Y N 317 
TRP OXT  O  N N 318 
TRP H    H  N N 319 
TRP H2   H  N N 320 
TRP HA   H  N N 321 
TRP HB2  H  N N 322 
TRP HB3  H  N N 323 
TRP HD1  H  N N 324 
TRP HE1  H  N N 325 
TRP HE3  H  N N 326 
TRP HZ2  H  N N 327 
TRP HZ3  H  N N 328 
TRP HH2  H  N N 329 
TRP HXT  H  N N 330 
TYR N    N  N N 331 
TYR CA   C  N S 332 
TYR C    C  N N 333 
TYR O    O  N N 334 
TYR CB   C  N N 335 
TYR CG   C  Y N 336 
TYR CD1  C  Y N 337 
TYR CD2  C  Y N 338 
TYR CE1  C  Y N 339 
TYR CE2  C  Y N 340 
TYR CZ   C  Y N 341 
TYR OH   O  N N 342 
TYR OXT  O  N N 343 
TYR H    H  N N 344 
TYR H2   H  N N 345 
TYR HA   H  N N 346 
TYR HB2  H  N N 347 
TYR HB3  H  N N 348 
TYR HD1  H  N N 349 
TYR HD2  H  N N 350 
TYR HE1  H  N N 351 
TYR HE2  H  N N 352 
TYR HH   H  N N 353 
TYR HXT  H  N N 354 
VAL N    N  N N 355 
VAL CA   C  N S 356 
VAL C    C  N N 357 
VAL O    O  N N 358 
VAL CB   C  N N 359 
VAL CG1  C  N N 360 
VAL CG2  C  N N 361 
VAL OXT  O  N N 362 
VAL H    H  N N 363 
VAL H2   H  N N 364 
VAL HA   H  N N 365 
VAL HB   H  N N 366 
VAL HG11 H  N N 367 
VAL HG12 H  N N 368 
VAL HG13 H  N N 369 
VAL HG21 H  N N 370 
VAL HG22 H  N N 371 
VAL HG23 H  N N 372 
VAL HXT  H  N N 373 
ZN  ZN   ZN N N 374 
# 
loop_
_chem_comp_bond.comp_id 
_chem_comp_bond.atom_id_1 
_chem_comp_bond.atom_id_2 
_chem_comp_bond.value_order 
_chem_comp_bond.pdbx_aromatic_flag 
_chem_comp_bond.pdbx_stereo_config 
_chem_comp_bond.pdbx_ordinal 
ALA N   CA   sing N N 1   
ALA N   H    sing N N 2   
ALA N   H2   sing N N 3   
ALA CA  C    sing N N 4   
ALA CA  CB   sing N N 5   
ALA CA  HA   sing N N 6   
ALA C   O    doub N N 7   
ALA C   OXT  sing N N 8   
ALA CB  HB1  sing N N 9   
ALA CB  HB2  sing N N 10  
ALA CB  HB3  sing N N 11  
ALA OXT HXT  sing N N 12  
ARG N   CA   sing N N 13  
ARG N   H    sing N N 14  
ARG N   H2   sing N N 15  
ARG CA  C    sing N N 16  
ARG CA  CB   sing N N 17  
ARG CA  HA   sing N N 18  
ARG C   O    doub N N 19  
ARG C   OXT  sing N N 20  
ARG CB  CG   sing N N 21  
ARG CB  HB2  sing N N 22  
ARG CB  HB3  sing N N 23  
ARG CG  CD   sing N N 24  
ARG CG  HG2  sing N N 25  
ARG CG  HG3  sing N N 26  
ARG CD  NE   sing N N 27  
ARG CD  HD2  sing N N 28  
ARG CD  HD3  sing N N 29  
ARG NE  CZ   sing N N 30  
ARG NE  HE   sing N N 31  
ARG CZ  NH1  sing N N 32  
ARG CZ  NH2  doub N N 33  
ARG NH1 HH11 sing N N 34  
ARG NH1 HH12 sing N N 35  
ARG NH2 HH21 sing N N 36  
ARG NH2 HH22 sing N N 37  
ARG OXT HXT  sing N N 38  
ASP N   CA   sing N N 39  
ASP N   H    sing N N 40  
ASP N   H2   sing N N 41  
ASP CA  C    sing N N 42  
ASP CA  CB   sing N N 43  
ASP CA  HA   sing N N 44  
ASP C   O    doub N N 45  
ASP C   OXT  sing N N 46  
ASP CB  CG   sing N N 47  
ASP CB  HB2  sing N N 48  
ASP CB  HB3  sing N N 49  
ASP CG  OD1  doub N N 50  
ASP CG  OD2  sing N N 51  
ASP OD2 HD2  sing N N 52  
ASP OXT HXT  sing N N 53  
CYS N   CA   sing N N 54  
CYS N   H    sing N N 55  
CYS N   H2   sing N N 56  
CYS CA  C    sing N N 57  
CYS CA  CB   sing N N 58  
CYS CA  HA   sing N N 59  
CYS C   O    doub N N 60  
CYS C   OXT  sing N N 61  
CYS CB  SG   sing N N 62  
CYS CB  HB2  sing N N 63  
CYS CB  HB3  sing N N 64  
CYS SG  HG   sing N N 65  
CYS OXT HXT  sing N N 66  
GLN N   CA   sing N N 67  
GLN N   H    sing N N 68  
GLN N   H2   sing N N 69  
GLN CA  C    sing N N 70  
GLN CA  CB   sing N N 71  
GLN CA  HA   sing N N 72  
GLN C   O    doub N N 73  
GLN C   OXT  sing N N 74  
GLN CB  CG   sing N N 75  
GLN CB  HB2  sing N N 76  
GLN CB  HB3  sing N N 77  
GLN CG  CD   sing N N 78  
GLN CG  HG2  sing N N 79  
GLN CG  HG3  sing N N 80  
GLN CD  OE1  doub N N 81  
GLN CD  NE2  sing N N 82  
GLN NE2 HE21 sing N N 83  
GLN NE2 HE22 sing N N 84  
GLN OXT HXT  sing N N 85  
GLU N   CA   sing N N 86  
GLU N   H    sing N N 87  
GLU N   H2   sing N N 88  
GLU CA  C    sing N N 89  
GLU CA  CB   sing N N 90  
GLU CA  HA   sing N N 91  
GLU C   O    doub N N 92  
GLU C   OXT  sing N N 93  
GLU CB  CG   sing N N 94  
GLU CB  HB2  sing N N 95  
GLU CB  HB3  sing N N 96  
GLU CG  CD   sing N N 97  
GLU CG  HG2  sing N N 98  
GLU CG  HG3  sing N N 99  
GLU CD  OE1  doub N N 100 
GLU CD  OE2  sing N N 101 
GLU OE2 HE2  sing N N 102 
GLU OXT HXT  sing N N 103 
GLY N   CA   sing N N 104 
GLY N   H    sing N N 105 
GLY N   H2   sing N N 106 
GLY CA  C    sing N N 107 
GLY CA  HA2  sing N N 108 
GLY CA  HA3  sing N N 109 
GLY C   O    doub N N 110 
GLY C   OXT  sing N N 111 
GLY OXT HXT  sing N N 112 
HIS N   CA   sing N N 113 
HIS N   H    sing N N 114 
HIS N   H2   sing N N 115 
HIS CA  C    sing N N 116 
HIS CA  CB   sing N N 117 
HIS CA  HA   sing N N 118 
HIS C   O    doub N N 119 
HIS C   OXT  sing N N 120 
HIS CB  CG   sing N N 121 
HIS CB  HB2  sing N N 122 
HIS CB  HB3  sing N N 123 
HIS CG  ND1  sing Y N 124 
HIS CG  CD2  doub Y N 125 
HIS ND1 CE1  doub Y N 126 
HIS ND1 HD1  sing N N 127 
HIS CD2 NE2  sing Y N 128 
HIS CD2 HD2  sing N N 129 
HIS CE1 NE2  sing Y N 130 
HIS CE1 HE1  sing N N 131 
HIS NE2 HE2  sing N N 132 
HIS OXT HXT  sing N N 133 
HOH O   H1   sing N N 134 
HOH O   H2   sing N N 135 
ILE N   CA   sing N N 136 
ILE N   H    sing N N 137 
ILE N   H2   sing N N 138 
ILE CA  C    sing N N 139 
ILE CA  CB   sing N N 140 
ILE CA  HA   sing N N 141 
ILE C   O    doub N N 142 
ILE C   OXT  sing N N 143 
ILE CB  CG1  sing N N 144 
ILE CB  CG2  sing N N 145 
ILE CB  HB   sing N N 146 
ILE CG1 CD1  sing N N 147 
ILE CG1 HG12 sing N N 148 
ILE CG1 HG13 sing N N 149 
ILE CG2 HG21 sing N N 150 
ILE CG2 HG22 sing N N 151 
ILE CG2 HG23 sing N N 152 
ILE CD1 HD11 sing N N 153 
ILE CD1 HD12 sing N N 154 
ILE CD1 HD13 sing N N 155 
ILE OXT HXT  sing N N 156 
LEU N   CA   sing N N 157 
LEU N   H    sing N N 158 
LEU N   H2   sing N N 159 
LEU CA  C    sing N N 160 
LEU CA  CB   sing N N 161 
LEU CA  HA   sing N N 162 
LEU C   O    doub N N 163 
LEU C   OXT  sing N N 164 
LEU CB  CG   sing N N 165 
LEU CB  HB2  sing N N 166 
LEU CB  HB3  sing N N 167 
LEU CG  CD1  sing N N 168 
LEU CG  CD2  sing N N 169 
LEU CG  HG   sing N N 170 
LEU CD1 HD11 sing N N 171 
LEU CD1 HD12 sing N N 172 
LEU CD1 HD13 sing N N 173 
LEU CD2 HD21 sing N N 174 
LEU CD2 HD22 sing N N 175 
LEU CD2 HD23 sing N N 176 
LEU OXT HXT  sing N N 177 
LYS N   CA   sing N N 178 
LYS N   H    sing N N 179 
LYS N   H2   sing N N 180 
LYS CA  C    sing N N 181 
LYS CA  CB   sing N N 182 
LYS CA  HA   sing N N 183 
LYS C   O    doub N N 184 
LYS C   OXT  sing N N 185 
LYS CB  CG   sing N N 186 
LYS CB  HB2  sing N N 187 
LYS CB  HB3  sing N N 188 
LYS CG  CD   sing N N 189 
LYS CG  HG2  sing N N 190 
LYS CG  HG3  sing N N 191 
LYS CD  CE   sing N N 192 
LYS CD  HD2  sing N N 193 
LYS CD  HD3  sing N N 194 
LYS CE  NZ   sing N N 195 
LYS CE  HE2  sing N N 196 
LYS CE  HE3  sing N N 197 
LYS NZ  HZ1  sing N N 198 
LYS NZ  HZ2  sing N N 199 
LYS NZ  HZ3  sing N N 200 
LYS OXT HXT  sing N N 201 
MET N   CA   sing N N 202 
MET N   H    sing N N 203 
MET N   H2   sing N N 204 
MET CA  C    sing N N 205 
MET CA  CB   sing N N 206 
MET CA  HA   sing N N 207 
MET C   O    doub N N 208 
MET C   OXT  sing N N 209 
MET CB  CG   sing N N 210 
MET CB  HB2  sing N N 211 
MET CB  HB3  sing N N 212 
MET CG  SD   sing N N 213 
MET CG  HG2  sing N N 214 
MET CG  HG3  sing N N 215 
MET SD  CE   sing N N 216 
MET CE  HE1  sing N N 217 
MET CE  HE2  sing N N 218 
MET CE  HE3  sing N N 219 
MET OXT HXT  sing N N 220 
PHE N   CA   sing N N 221 
PHE N   H    sing N N 222 
PHE N   H2   sing N N 223 
PHE CA  C    sing N N 224 
PHE CA  CB   sing N N 225 
PHE CA  HA   sing N N 226 
PHE C   O    doub N N 227 
PHE C   OXT  sing N N 228 
PHE CB  CG   sing N N 229 
PHE CB  HB2  sing N N 230 
PHE CB  HB3  sing N N 231 
PHE CG  CD1  doub Y N 232 
PHE CG  CD2  sing Y N 233 
PHE CD1 CE1  sing Y N 234 
PHE CD1 HD1  sing N N 235 
PHE CD2 CE2  doub Y N 236 
PHE CD2 HD2  sing N N 237 
PHE CE1 CZ   doub Y N 238 
PHE CE1 HE1  sing N N 239 
PHE CE2 CZ   sing Y N 240 
PHE CE2 HE2  sing N N 241 
PHE CZ  HZ   sing N N 242 
PHE OXT HXT  sing N N 243 
PRO N   CA   sing N N 244 
PRO N   CD   sing N N 245 
PRO N   H    sing N N 246 
PRO CA  C    sing N N 247 
PRO CA  CB   sing N N 248 
PRO CA  HA   sing N N 249 
PRO C   O    doub N N 250 
PRO C   OXT  sing N N 251 
PRO CB  CG   sing N N 252 
PRO CB  HB2  sing N N 253 
PRO CB  HB3  sing N N 254 
PRO CG  CD   sing N N 255 
PRO CG  HG2  sing N N 256 
PRO CG  HG3  sing N N 257 
PRO CD  HD2  sing N N 258 
PRO CD  HD3  sing N N 259 
PRO OXT HXT  sing N N 260 
SER N   CA   sing N N 261 
SER N   H    sing N N 262 
SER N   H2   sing N N 263 
SER CA  C    sing N N 264 
SER CA  CB   sing N N 265 
SER CA  HA   sing N N 266 
SER C   O    doub N N 267 
SER C   OXT  sing N N 268 
SER CB  OG   sing N N 269 
SER CB  HB2  sing N N 270 
SER CB  HB3  sing N N 271 
SER OG  HG   sing N N 272 
SER OXT HXT  sing N N 273 
THR N   CA   sing N N 274 
THR N   H    sing N N 275 
THR N   H2   sing N N 276 
THR CA  C    sing N N 277 
THR CA  CB   sing N N 278 
THR CA  HA   sing N N 279 
THR C   O    doub N N 280 
THR C   OXT  sing N N 281 
THR CB  OG1  sing N N 282 
THR CB  CG2  sing N N 283 
THR CB  HB   sing N N 284 
THR OG1 HG1  sing N N 285 
THR CG2 HG21 sing N N 286 
THR CG2 HG22 sing N N 287 
THR CG2 HG23 sing N N 288 
THR OXT HXT  sing N N 289 
TRP N   CA   sing N N 290 
TRP N   H    sing N N 291 
TRP N   H2   sing N N 292 
TRP CA  C    sing N N 293 
TRP CA  CB   sing N N 294 
TRP CA  HA   sing N N 295 
TRP C   O    doub N N 296 
TRP C   OXT  sing N N 297 
TRP CB  CG   sing N N 298 
TRP CB  HB2  sing N N 299 
TRP CB  HB3  sing N N 300 
TRP CG  CD1  doub Y N 301 
TRP CG  CD2  sing Y N 302 
TRP CD1 NE1  sing Y N 303 
TRP CD1 HD1  sing N N 304 
TRP CD2 CE2  doub Y N 305 
TRP CD2 CE3  sing Y N 306 
TRP NE1 CE2  sing Y N 307 
TRP NE1 HE1  sing N N 308 
TRP CE2 CZ2  sing Y N 309 
TRP CE3 CZ3  doub Y N 310 
TRP CE3 HE3  sing N N 311 
TRP CZ2 CH2  doub Y N 312 
TRP CZ2 HZ2  sing N N 313 
TRP CZ3 CH2  sing Y N 314 
TRP CZ3 HZ3  sing N N 315 
TRP CH2 HH2  sing N N 316 
TRP OXT HXT  sing N N 317 
TYR N   CA   sing N N 318 
TYR N   H    sing N N 319 
TYR N   H2   sing N N 320 
TYR CA  C    sing N N 321 
TYR CA  CB   sing N N 322 
TYR CA  HA   sing N N 323 
TYR C   O    doub N N 324 
TYR C   OXT  sing N N 325 
TYR CB  CG   sing N N 326 
TYR CB  HB2  sing N N 327 
TYR CB  HB3  sing N N 328 
TYR CG  CD1  doub Y N 329 
TYR CG  CD2  sing Y N 330 
TYR CD1 CE1  sing Y N 331 
TYR CD1 HD1  sing N N 332 
TYR CD2 CE2  doub Y N 333 
TYR CD2 HD2  sing N N 334 
TYR CE1 CZ   doub Y N 335 
TYR CE1 HE1  sing N N 336 
TYR CE2 CZ   sing Y N 337 
TYR CE2 HE2  sing N N 338 
TYR CZ  OH   sing N N 339 
TYR OH  HH   sing N N 340 
TYR OXT HXT  sing N N 341 
VAL N   CA   sing N N 342 
VAL N   H    sing N N 343 
VAL N   H2   sing N N 344 
VAL CA  C    sing N N 345 
VAL CA  CB   sing N N 346 
VAL CA  HA   sing N N 347 
VAL C   O    doub N N 348 
VAL C   OXT  sing N N 349 
VAL CB  CG1  sing N N 350 
VAL CB  CG2  sing N N 351 
VAL CB  HB   sing N N 352 
VAL CG1 HG11 sing N N 353 
VAL CG1 HG12 sing N N 354 
VAL CG1 HG13 sing N N 355 
VAL CG2 HG21 sing N N 356 
VAL CG2 HG22 sing N N 357 
VAL CG2 HG23 sing N N 358 
VAL OXT HXT  sing N N 359 
# 
_atom_sites.entry_id                    2PUY 
_atom_sites.fract_transf_matrix[1][1]   -0.01160275 
_atom_sites.fract_transf_matrix[1][2]   0.00116512 
_atom_sites.fract_transf_matrix[1][3]   -0.00495354 
_atom_sites.fract_transf_matrix[2][1]   -0.00556185 
_atom_sites.fract_transf_matrix[2][2]   0.03299460 
_atom_sites.fract_transf_matrix[2][3]   0.02078826 
_atom_sites.fract_transf_matrix[3][1]   0.00424962 
_atom_sites.fract_transf_matrix[3][2]   0.00882544 
_atom_sites.fract_transf_matrix[3][3]   -0.01287053 
_atom_sites.fract_transf_vector[1]      0.868413 
_atom_sites.fract_transf_vector[2]      0.119113 
_atom_sites.fract_transf_vector[3]      0.304327 
# 
loop_
_atom_type.symbol 
C  
N  
O  
S  
ZN 
# 
loop_
_atom_site.group_PDB 
_atom_site.id 
_atom_site.type_symbol 
_atom_site.label_atom_id 
_atom_site.label_alt_id 
_atom_site.label_comp_id 
_atom_site.label_asym_id 
_atom_site.label_entity_id 
_atom_site.label_seq_id 
_atom_site.pdbx_PDB_ins_code 
_atom_site.Cartn_x 
_atom_site.Cartn_y 
_atom_site.Cartn_z 
_atom_site.occupancy 
_atom_site.B_iso_or_equiv 
_atom_site.pdbx_formal_charge 
_atom_site.auth_seq_id 
_atom_site.auth_comp_id 
_atom_site.auth_asym_id 
_atom_site.auth_atom_id 
_atom_site.pdbx_PDB_model_num 
ATOM   1    N  N   . MET A 1 2  ? -13.039 -10.366 17.202  1.00 26.04 ? 485 MET A N   1 
ATOM   2    C  CA  . MET A 1 2  ? -12.308 -10.961 16.052  1.00 26.19 ? 485 MET A CA  1 
ATOM   3    C  C   . MET A 1 2  ? -11.308 -11.989 16.568  1.00 25.13 ? 485 MET A C   1 
ATOM   4    O  O   . MET A 1 2  ? -10.566 -11.733 17.521  1.00 26.67 ? 485 MET A O   1 
ATOM   5    C  CB  . MET A 1 2  ? -11.555 -9.866  15.279  1.00 28.13 ? 485 MET A CB  1 
ATOM   6    C  CG  . MET A 1 2  ? -10.833 -10.335 14.010  1.00 29.80 ? 485 MET A CG  1 
ATOM   7    S  SD  . MET A 1 2  ? -11.886 -10.485 12.540  1.00 31.82 ? 485 MET A SD  1 
ATOM   8    C  CE  . MET A 1 2  ? -12.038 -12.262 12.405  1.00 30.02 ? 485 MET A CE  1 
ATOM   9    N  N   . ILE A 1 3  ? -11.313 -13.165 15.956  1.00 23.66 ? 486 ILE A N   1 
ATOM   10   C  CA  . ILE A 1 3  ? -10.371 -14.211 16.334  1.00 22.11 ? 486 ILE A CA  1 
ATOM   11   C  C   . ILE A 1 3  ? -9.359  -14.291 15.203  1.00 20.64 ? 486 ILE A C   1 
ATOM   12   O  O   . ILE A 1 3  ? -9.701  -14.692 14.091  1.00 21.57 ? 486 ILE A O   1 
ATOM   13   C  CB  . ILE A 1 3  ? -11.050 -15.575 16.450  1.00 22.26 ? 486 ILE A CB  1 
ATOM   14   C  CG1 . ILE A 1 3  ? -12.251 -15.495 17.394  1.00 23.05 ? 486 ILE A CG1 1 
ATOM   15   C  CG2 . ILE A 1 3  ? -10.046 -16.592 16.939  1.00 22.71 ? 486 ILE A CG2 1 
ATOM   16   C  CD1 . ILE A 1 3  ? -13.138 -16.722 17.345  1.00 23.57 ? 486 ILE A CD1 1 
ATOM   17   N  N   . HIS A 1 4  ? -8.116  -13.910 15.470  1.00 18.17 ? 487 HIS A N   1 
ATOM   18   C  CA  . HIS A 1 4  ? -7.110  -13.956 14.420  1.00 15.56 ? 487 HIS A CA  1 
ATOM   19   C  C   . HIS A 1 4  ? -6.404  -15.297 14.327  1.00 14.85 ? 487 HIS A C   1 
ATOM   20   O  O   . HIS A 1 4  ? -6.280  -16.032 15.310  1.00 15.25 ? 487 HIS A O   1 
ATOM   21   C  CB  . HIS A 1 4  ? -6.062  -12.852 14.615  1.00 16.04 ? 487 HIS A CB  1 
ATOM   22   C  CG  . HIS A 1 4  ? -6.523  -11.496 14.183  1.00 14.13 ? 487 HIS A CG  1 
ATOM   23   N  ND1 . HIS A 1 4  ? -7.213  -10.642 15.016  1.00 16.18 ? 487 HIS A ND1 1 
ATOM   24   C  CD2 . HIS A 1 4  ? -6.416  -10.858 12.993  1.00 15.82 ? 487 HIS A CD2 1 
ATOM   25   C  CE1 . HIS A 1 4  ? -7.515  -9.537  14.357  1.00 14.00 ? 487 HIS A CE1 1 
ATOM   26   N  NE2 . HIS A 1 4  ? -7.044  -9.644  13.127  1.00 15.06 ? 487 HIS A NE2 1 
ATOM   27   N  N   . GLU A 1 5  ? -5.955  -15.599 13.118  1.00 12.97 ? 488 GLU A N   1 
ATOM   28   C  CA  . GLU A 1 5  ? -5.222  -16.816 12.817  1.00 12.49 ? 488 GLU A CA  1 
ATOM   29   C  C   . GLU A 1 5  ? -3.865  -16.810 13.514  1.00 12.01 ? 488 GLU A C   1 
ATOM   30   O  O   . GLU A 1 5  ? -3.388  -15.777 13.989  1.00 10.90 ? 488 GLU A O   1 
ATOM   31   C  CB  . GLU A 1 5  ? -5.059  -16.942 11.301  1.00 13.65 ? 488 GLU A CB  1 
ATOM   32   C  CG  . GLU A 1 5  ? -6.401  -17.166 10.632  1.00 14.93 ? 488 GLU A CG  1 
ATOM   33   C  CD  . GLU A 1 5  ? -6.379  -16.950 9.139   1.00 16.72 ? 488 GLU A CD  1 
ATOM   34   O  OE1 . GLU A 1 5  ? -5.395  -17.335 8.476   1.00 17.29 ? 488 GLU A OE1 1 
ATOM   35   O  OE2 . GLU A 1 5  ? -7.376  -16.405 8.621   1.00 20.08 ? 488 GLU A OE2 1 
ATOM   36   N  N   . ASP A 1 6  ? -3.241  -17.977 13.562  1.00 11.43 ? 489 ASP A N   1 
ATOM   37   C  CA  . ASP A 1 6  ? -1.966  -18.131 14.247  1.00 10.43 ? 489 ASP A CA  1 
ATOM   38   C  C   . ASP A 1 6  ? -0.776  -18.331 13.319  1.00 8.77  ? 489 ASP A C   1 
ATOM   39   O  O   . ASP A 1 6  ? 0.345   -18.497 13.789  1.00 10.46 ? 489 ASP A O   1 
ATOM   40   C  CB  . ASP A 1 6  ? -2.014  -19.337 15.189  1.00 12.21 ? 489 ASP A CB  1 
ATOM   41   C  CG  . ASP A 1 6  ? -3.086  -19.226 16.250  1.00 14.73 ? 489 ASP A CG  1 
ATOM   42   O  OD1 . ASP A 1 6  ? -3.277  -18.133 16.813  1.00 15.65 ? 489 ASP A OD1 1 
ATOM   43   O  OD2 . ASP A 1 6  ? -3.740  -20.258 16.549  1.00 18.15 ? 489 ASP A OD2 1 
ATOM   44   N  N   . PHE A 1 7  ? -1.021  -18.334 12.009  1.00 8.66  ? 490 PHE A N   1 
ATOM   45   C  CA  . PHE A 1 7  ? 0.032   -18.566 11.035  1.00 8.81  ? 490 PHE A CA  1 
ATOM   46   C  C   . PHE A 1 7  ? -0.018  -17.535 9.927   1.00 8.48  ? 490 PHE A C   1 
ATOM   47   O  O   . PHE A 1 7  ? -1.093  -17.145 9.481   1.00 9.30  ? 490 PHE A O   1 
ATOM   48   C  CB  . PHE A 1 7  ? -0.099  -19.968 10.433  1.00 8.96  ? 490 PHE A CB  1 
ATOM   49   C  CG  . PHE A 1 7  ? -0.068  -21.083 11.457  1.00 9.44  ? 490 PHE A CG  1 
ATOM   50   C  CD1 . PHE A 1 7  ? -1.239  -21.526 12.066  1.00 10.01 ? 490 PHE A CD1 1 
ATOM   51   C  CD2 . PHE A 1 7  ? 1.146   -21.658 11.827  1.00 8.95  ? 490 PHE A CD2 1 
ATOM   52   C  CE1 . PHE A 1 7  ? -1.202  -22.525 13.030  1.00 10.60 ? 490 PHE A CE1 1 
ATOM   53   C  CE2 . PHE A 1 7  ? 1.187   -22.662 12.793  1.00 10.82 ? 490 PHE A CE2 1 
ATOM   54   C  CZ  . PHE A 1 7  ? 0.011   -23.093 13.394  1.00 10.73 ? 490 PHE A CZ  1 
ATOM   55   N  N   . CYS A 1 8  ? 1.152   -17.105 9.484   1.00 7.90  ? 491 CYS A N   1 
ATOM   56   C  CA  . CYS A 1 8  ? 1.262   -16.097 8.434   1.00 8.44  ? 491 CYS A CA  1 
ATOM   57   C  C   . CYS A 1 8  ? 0.534   -16.489 7.140   1.00 9.30  ? 491 CYS A C   1 
ATOM   58   O  O   . CYS A 1 8  ? 0.651   -17.612 6.665   1.00 9.57  ? 491 CYS A O   1 
ATOM   59   C  CB  . CYS A 1 8  ? 2.745   -15.842 8.166   1.00 7.30  ? 491 CYS A CB  1 
ATOM   60   S  SG  . CYS A 1 8  ? 3.096   -14.712 6.806   1.00 8.22  ? 491 CYS A SG  1 
ATOM   61   N  N   . SER A 1 9  ? -0.224  -15.556 6.568   1.00 8.78  ? 492 SER A N   1 
ATOM   62   C  CA  . SER A 1 9  ? -0.955  -15.844 5.333   1.00 11.03 ? 492 SER A CA  1 
ATOM   63   C  C   . SER A 1 9  ? -0.058  -16.026 4.117   1.00 11.29 ? 492 SER A C   1 
ATOM   64   O  O   . SER A 1 9  ? -0.489  -16.570 3.101   1.00 13.49 ? 492 SER A O   1 
ATOM   65   C  CB  . SER A 1 9  ? -1.963  -14.731 5.047   1.00 11.50 ? 492 SER A CB  1 
ATOM   66   O  OG  . SER A 1 9  ? -3.172  -14.961 5.743   1.00 14.01 ? 492 SER A OG  1 
ATOM   67   N  N   . VAL A 1 10 ? 1.183   -15.575 4.215   1.00 10.81 ? 493 VAL A N   1 
ATOM   68   C  CA  . VAL A 1 10 ? 2.118   -15.699 3.109   1.00 11.16 ? 493 VAL A CA  1 
ATOM   69   C  C   . VAL A 1 10 ? 2.929   -16.995 3.181   1.00 11.15 ? 493 VAL A C   1 
ATOM   70   O  O   . VAL A 1 10 ? 2.892   -17.798 2.251   1.00 11.45 ? 493 VAL A O   1 
ATOM   71   C  CB  . VAL A 1 10 ? 3.082   -14.484 3.064   1.00 10.40 ? 493 VAL A CB  1 
ATOM   72   C  CG1 . VAL A 1 10 ? 4.122   -14.650 1.958   1.00 11.10 ? 493 VAL A CG1 1 
ATOM   73   C  CG2 . VAL A 1 10 ? 2.282   -13.218 2.812   1.00 10.99 ? 493 VAL A CG2 1 
ATOM   74   N  N   . CYS A 1 11 ? 3.635   -17.213 4.290   1.00 10.70 ? 494 CYS A N   1 
ATOM   75   C  CA  . CYS A 1 11 ? 4.493   -18.397 4.435   1.00 10.76 ? 494 CYS A CA  1 
ATOM   76   C  C   . CYS A 1 11 ? 3.942   -19.533 5.302   1.00 11.07 ? 494 CYS A C   1 
ATOM   77   O  O   . CYS A 1 11 ? 4.553   -20.597 5.394   1.00 10.98 ? 494 CYS A O   1 
ATOM   78   C  CB  . CYS A 1 11 ? 5.862   -17.972 4.972   1.00 10.20 ? 494 CYS A CB  1 
ATOM   79   S  SG  . CYS A 1 11 ? 5.863   -17.466 6.727   1.00 9.32  ? 494 CYS A SG  1 
ATOM   80   N  N   . ARG A 1 12 ? 2.794   -19.296 5.926   1.00 9.92  ? 495 ARG A N   1 
ATOM   81   C  CA  . ARG A 1 12 ? 2.117   -20.256 6.790   1.00 10.12 ? 495 ARG A CA  1 
ATOM   82   C  C   . ARG A 1 12 ? 2.879   -20.719 8.025   1.00 9.50  ? 495 ARG A C   1 
ATOM   83   O  O   . ARG A 1 12 ? 2.567   -21.768 8.592   1.00 9.37  ? 495 ARG A O   1 
ATOM   84   C  CB  . ARG A 1 12 ? 1.597   -21.456 5.977   1.00 11.90 ? 495 ARG A CB  1 
ATOM   85   C  CG  . ARG A 1 12 ? 0.198   -21.188 5.391   1.00 17.17 ? 495 ARG A CG  1 
ATOM   86   C  CD  . ARG A 1 12 ? -0.345  -22.293 4.471   1.00 18.86 ? 495 ARG A CD  1 
ATOM   87   N  NE  . ARG A 1 12 ? -0.244  -21.933 3.057   1.00 21.24 ? 495 ARG A NE  1 
ATOM   88   C  CZ  . ARG A 1 12 ? -0.826  -22.609 2.067   1.00 20.37 ? 495 ARG A CZ  1 
ATOM   89   N  NH1 . ARG A 1 12 ? -1.553  -23.682 2.337   1.00 20.60 ? 495 ARG A NH1 1 
ATOM   90   N  NH2 . ARG A 1 12 ? -0.690  -22.208 0.810   1.00 22.45 ? 495 ARG A NH2 1 
ATOM   91   N  N   . LYS A 1 13 ? 3.847   -19.925 8.471   1.00 8.10  ? 496 LYS A N   1 
ATOM   92   C  CA  . LYS A 1 13 ? 4.585   -20.268 9.684   1.00 8.72  ? 496 LYS A CA  1 
ATOM   93   C  C   . LYS A 1 13 ? 4.148   -19.399 10.868  1.00 8.93  ? 496 LYS A C   1 
ATOM   94   O  O   . LYS A 1 13 ? 3.531   -18.338 10.704  1.00 8.98  ? 496 LYS A O   1 
ATOM   95   C  CB  . LYS A 1 13 ? 6.091   -20.136 9.448   1.00 10.24 ? 496 LYS A CB  1 
ATOM   96   C  CG  . LYS A 1 13 ? 6.598   -21.155 8.450   1.00 12.17 ? 496 LYS A CG  1 
ATOM   97   C  CD  . LYS A 1 13 ? 8.080   -21.103 8.222   1.00 13.45 ? 496 LYS A CD  1 
ATOM   98   C  CE  . LYS A 1 13 ? 8.481   -22.106 7.143   1.00 14.63 ? 496 LYS A CE  1 
ATOM   99   N  NZ  . LYS A 1 13 ? 9.932   -22.022 6.841   1.00 16.27 ? 496 LYS A NZ  1 
ATOM   100  N  N   . SER A 1 14 ? 4.439   -19.878 12.070  1.00 8.64  ? 497 SER A N   1 
ATOM   101  C  CA  . SER A 1 14 ? 4.118   -19.154 13.295  1.00 9.50  ? 497 SER A CA  1 
ATOM   102  C  C   . SER A 1 14 ? 5.118   -18.018 13.507  1.00 10.04 ? 497 SER A C   1 
ATOM   103  O  O   . SER A 1 14 ? 5.995   -17.774 12.673  1.00 10.04 ? 497 SER A O   1 
ATOM   104  C  CB  . SER A 1 14 ? 4.211   -20.099 14.492  1.00 9.06  ? 497 SER A CB  1 
ATOM   105  O  OG  . SER A 1 14 ? 5.517   -20.644 14.622  1.00 10.21 ? 497 SER A OG  1 
ATOM   106  N  N   . GLY A 1 15 ? 5.000   -17.322 14.629  1.00 8.83  ? 498 GLY A N   1 
ATOM   107  C  CA  . GLY A 1 15 ? 5.971   -16.282 14.935  1.00 9.48  ? 498 GLY A CA  1 
ATOM   108  C  C   . GLY A 1 15 ? 5.397   -14.933 15.281  1.00 9.51  ? 498 GLY A C   1 
ATOM   109  O  O   . GLY A 1 15 ? 4.267   -14.851 15.742  1.00 8.75  ? 498 GLY A O   1 
ATOM   110  N  N   . GLN A 1 16 ? 6.200   -13.889 15.085  1.00 9.05  ? 499 GLN A N   1 
ATOM   111  C  CA  . GLN A 1 16 ? 5.764   -12.518 15.359  1.00 9.35  ? 499 GLN A CA  1 
ATOM   112  C  C   . GLN A 1 16 ? 4.863   -12.125 14.200  1.00 8.02  ? 499 GLN A C   1 
ATOM   113  O  O   . GLN A 1 16 ? 5.317   -11.956 13.072  1.00 8.73  ? 499 GLN A O   1 
ATOM   114  C  CB  . GLN A 1 16 ? 6.967   -11.586 15.473  1.00 10.80 ? 499 GLN A CB  1 
ATOM   115  C  CG  . GLN A 1 16 ? 7.768   -11.854 16.749  1.00 14.48 ? 499 GLN A CG  1 
ATOM   116  C  CD  . GLN A 1 16 ? 8.837   -10.808 17.029  1.00 17.18 ? 499 GLN A CD  1 
ATOM   117  O  OE1 . GLN A 1 16 ? 9.499   -10.320 16.119  1.00 20.49 ? 499 GLN A OE1 1 
ATOM   118  N  NE2 . GLN A 1 16 ? 9.017   -10.475 18.306  1.00 19.67 ? 499 GLN A NE2 1 
ATOM   119  N  N   . LEU A 1 17 ? 3.575   -11.987 14.497  1.00 6.95  ? 500 LEU A N   1 
ATOM   120  C  CA  . LEU A 1 17 ? 2.558   -11.741 13.491  1.00 7.15  ? 500 LEU A CA  1 
ATOM   121  C  C   . LEU A 1 17 ? 1.713   -10.487 13.681  1.00 7.45  ? 500 LEU A C   1 
ATOM   122  O  O   . LEU A 1 17 ? 1.162   -10.234 14.768  1.00 8.35  ? 500 LEU A O   1 
ATOM   123  C  CB  . LEU A 1 17 ? 1.657   -12.996 13.413  1.00 8.17  ? 500 LEU A CB  1 
ATOM   124  C  CG  . LEU A 1 17 ? 2.378   -14.281 12.973  1.00 8.82  ? 500 LEU A CG  1 
ATOM   125  C  CD1 . LEU A 1 17 ? 1.512   -15.501 13.264  1.00 9.39  ? 500 LEU A CD1 1 
ATOM   126  C  CD2 . LEU A 1 17 ? 2.710   -14.221 11.486  1.00 8.69  ? 500 LEU A CD2 1 
ATOM   127  N  N   . LEU A 1 18 ? 1.619   -9.719  12.598  1.00 7.66  ? 501 LEU A N   1 
ATOM   128  C  CA  . LEU A 1 18 ? 0.834   -8.499  12.535  1.00 7.48  ? 501 LEU A CA  1 
ATOM   129  C  C   . LEU A 1 18 ? -0.596  -8.890  12.165  1.00 8.25  ? 501 LEU A C   1 
ATOM   130  O  O   . LEU A 1 18 ? -0.818  -9.625  11.200  1.00 8.83  ? 501 LEU A O   1 
ATOM   131  C  CB  . LEU A 1 18 ? 1.414   -7.568  11.467  1.00 7.51  ? 501 LEU A CB  1 
ATOM   132  C  CG  . LEU A 1 18 ? 0.550   -6.355  11.094  1.00 7.99  ? 501 LEU A CG  1 
ATOM   133  C  CD1 . LEU A 1 18 ? 0.460   -5.402  12.285  1.00 9.70  ? 501 LEU A CD1 1 
ATOM   134  C  CD2 . LEU A 1 18 ? 1.153   -5.659  9.887   1.00 10.26 ? 501 LEU A CD2 1 
ATOM   135  N  N   . MET A 1 19 ? -1.555  -8.400  12.937  1.00 9.02  ? 502 MET A N   1 
ATOM   136  C  CA  . MET A 1 19 ? -2.953  -8.705  12.687  1.00 10.39 ? 502 MET A CA  1 
ATOM   137  C  C   . MET A 1 19 ? -3.649  -7.710  11.767  1.00 10.06 ? 502 MET A C   1 
ATOM   138  O  O   . MET A 1 19 ? -3.495  -6.504  11.908  1.00 12.02 ? 502 MET A O   1 
ATOM   139  C  CB  . MET A 1 19 ? -3.721  -8.769  14.015  1.00 12.33 ? 502 MET A CB  1 
ATOM   140  C  CG  . MET A 1 19 ? -3.198  -9.843  14.978  1.00 15.33 ? 502 MET A CG  1 
ATOM   141  S  SD  . MET A 1 19 ? -4.160  -10.056 16.496  1.00 20.35 ? 502 MET A SD  1 
ATOM   142  C  CE  . MET A 1 19 ? -4.299  -8.433  16.981  1.00 19.19 ? 502 MET A CE  1 
ATOM   143  N  N   . CYS A 1 20 ? -4.415  -8.230  10.816  1.00 9.99  ? 503 CYS A N   1 
ATOM   144  C  CA  . CYS A 1 20 ? -5.168  -7.361  9.930   1.00 10.41 ? 503 CYS A CA  1 
ATOM   145  C  C   . CYS A 1 20 ? -6.333  -6.768  10.728  1.00 11.04 ? 503 CYS A C   1 
ATOM   146  O  O   . CYS A 1 20 ? -6.959  -7.465  11.522  1.00 11.71 ? 503 CYS A O   1 
ATOM   147  C  CB  . CYS A 1 20 ? -5.739  -8.154  8.763   1.00 9.39  ? 503 CYS A CB  1 
ATOM   148  S  SG  . CYS A 1 20 ? -6.849  -7.173  7.715   1.00 11.61 ? 503 CYS A SG  1 
ATOM   149  N  N   . ASP A 1 21 ? -6.625  -5.489  10.505  1.00 12.30 ? 504 ASP A N   1 
ATOM   150  C  CA  . ASP A 1 21 ? -7.712  -4.825  11.225  1.00 13.91 ? 504 ASP A CA  1 
ATOM   151  C  C   . ASP A 1 21 ? -9.111  -5.102  10.676  1.00 14.49 ? 504 ASP A C   1 
ATOM   152  O  O   . ASP A 1 21 ? -10.112 -4.745  11.312  1.00 17.08 ? 504 ASP A O   1 
ATOM   153  C  CB  . ASP A 1 21 ? -7.477  -3.308  11.251  1.00 15.00 ? 504 ASP A CB  1 
ATOM   154  C  CG  . ASP A 1 21 ? -6.386  -2.899  12.222  1.00 17.06 ? 504 ASP A CG  1 
ATOM   155  O  OD1 . ASP A 1 21 ? -6.310  -3.515  13.304  1.00 19.57 ? 504 ASP A OD1 1 
ATOM   156  O  OD2 . ASP A 1 21 ? -5.629  -1.954  11.911  1.00 20.12 ? 504 ASP A OD2 1 
ATOM   157  N  N   . THR A 1 22 ? -9.196  -5.744  9.517   1.00 13.99 ? 505 THR A N   1 
ATOM   158  C  CA  . THR A 1 22 ? -10.506 -6.023  8.934   1.00 14.66 ? 505 THR A CA  1 
ATOM   159  C  C   . THR A 1 22 ? -10.836 -7.483  8.649   1.00 14.50 ? 505 THR A C   1 
ATOM   160  O  O   . THR A 1 22 ? -11.929 -7.789  8.182   1.00 16.04 ? 505 THR A O   1 
ATOM   161  C  CB  . THR A 1 22 ? -10.721 -5.211  7.654   1.00 15.23 ? 505 THR A CB  1 
ATOM   162  O  OG1 . THR A 1 22 ? -9.633  -5.430  6.750   1.00 15.66 ? 505 THR A OG1 1 
ATOM   163  C  CG2 . THR A 1 22 ? -10.811 -3.733  7.985   1.00 15.89 ? 505 THR A CG2 1 
ATOM   164  N  N   . CYS A 1 23 ? -9.897  -8.385  8.917   1.00 13.92 ? 506 CYS A N   1 
ATOM   165  C  CA  . CYS A 1 23 ? -10.142 -9.808  8.730   1.00 13.23 ? 506 CYS A CA  1 
ATOM   166  C  C   . CYS A 1 23 ? -9.254  -10.578 9.711   1.00 13.77 ? 506 CYS A C   1 
ATOM   167  O  O   . CYS A 1 23 ? -8.420  -9.980  10.405  1.00 14.20 ? 506 CYS A O   1 
ATOM   168  C  CB  . CYS A 1 23 ? -9.890  -10.237 7.273   1.00 13.77 ? 506 CYS A CB  1 
ATOM   169  S  SG  . CYS A 1 23 ? -8.203  -10.695 6.842   1.00 11.48 ? 506 CYS A SG  1 
ATOM   170  N  N   . SER A 1 24 ? -9.442  -11.890 9.774   1.00 12.75 ? 507 SER A N   1 
ATOM   171  C  CA  . SER A 1 24 ? -8.698  -12.753 10.697  1.00 13.18 ? 507 SER A CA  1 
ATOM   172  C  C   . SER A 1 24 ? -7.260  -13.099 10.327  1.00 12.06 ? 507 SER A C   1 
ATOM   173  O  O   . SER A 1 24 ? -6.563  -13.747 11.116  1.00 12.12 ? 507 SER A O   1 
ATOM   174  C  CB  . SER A 1 24 ? -9.469  -14.066 10.916  1.00 12.50 ? 507 SER A CB  1 
ATOM   175  O  OG  . SER A 1 24 ? -9.550  -14.805 9.705   1.00 16.38 ? 507 SER A OG  1 
ATOM   176  N  N   . ARG A 1 25 ? -6.810  -12.681 9.147   1.00 9.92  ? 508 ARG A N   1 
ATOM   177  C  CA  . ARG A 1 25 ? -5.445  -12.993 8.711   1.00 9.32  ? 508 ARG A CA  1 
ATOM   178  C  C   . ARG A 1 25 ? -4.360  -12.247 9.486   1.00 8.85  ? 508 ARG A C   1 
ATOM   179  O  O   . ARG A 1 25 ? -4.599  -11.161 10.028  1.00 9.01  ? 508 ARG A O   1 
ATOM   180  C  CB  . ARG A 1 25 ? -5.264  -12.692 7.217   1.00 10.59 ? 508 ARG A CB  1 
ATOM   181  C  CG  . ARG A 1 25 ? -6.084  -13.577 6.293   1.00 11.54 ? 508 ARG A CG  1 
ATOM   182  C  CD  . ARG A 1 25 ? -5.896  -13.134 4.851   1.00 14.09 ? 508 ARG A CD  1 
ATOM   183  N  NE  . ARG A 1 25 ? -6.678  -13.928 3.898   1.00 16.02 ? 508 ARG A NE  1 
ATOM   184  C  CZ  . ARG A 1 25 ? -6.338  -15.132 3.447   1.00 17.69 ? 508 ARG A CZ  1 
ATOM   185  N  NH1 . ARG A 1 25 ? -5.214  -15.717 3.848   1.00 18.43 ? 508 ARG A NH1 1 
ATOM   186  N  NH2 . ARG A 1 25 ? -7.127  -15.759 2.583   1.00 20.09 ? 508 ARG A NH2 1 
ATOM   187  N  N   . VAL A 1 26 ? -3.175  -12.857 9.525   1.00 8.55  ? 509 VAL A N   1 
ATOM   188  C  CA  . VAL A 1 26 ? -1.998  -12.310 10.190  1.00 9.25  ? 509 VAL A CA  1 
ATOM   189  C  C   . VAL A 1 26 ? -0.813  -12.501 9.254   1.00 8.60  ? 509 VAL A C   1 
ATOM   190  O  O   . VAL A 1 26 ? -0.814  -13.403 8.418   1.00 8.17  ? 509 VAL A O   1 
ATOM   191  C  CB  . VAL A 1 26 ? -1.730  -13.001 11.568  1.00 9.44  ? 509 VAL A CB  1 
ATOM   192  C  CG1 . VAL A 1 26 ? -2.933  -12.774 12.490  1.00 10.30 ? 509 VAL A CG1 1 
ATOM   193  C  CG2 . VAL A 1 26 ? -1.426  -14.497 11.369  1.00 9.27  ? 509 VAL A CG2 1 
ATOM   194  N  N   . TYR A 1 27 ? 0.199   -11.664 9.425   1.00 8.11  ? 510 TYR A N   1 
ATOM   195  C  CA  . TYR A 1 27 ? 1.360   -11.667 8.543   1.00 7.57  ? 510 TYR A CA  1 
ATOM   196  C  C   . TYR A 1 27 ? 2.669   -11.342 9.240   1.00 7.30  ? 510 TYR A C   1 
ATOM   197  O  O   . TYR A 1 27 ? 2.692   -10.547 10.173  1.00 8.06  ? 510 TYR A O   1 
ATOM   198  C  CB  . TYR A 1 27 ? 1.189   -10.572 7.474   1.00 9.46  ? 510 TYR A CB  1 
ATOM   199  C  CG  . TYR A 1 27 ? 0.086   -10.765 6.476   1.00 9.11  ? 510 TYR A CG  1 
ATOM   200  C  CD1 . TYR A 1 27 ? 0.384   -11.121 5.159   1.00 10.67 ? 510 TYR A CD1 1 
ATOM   201  C  CD2 . TYR A 1 27 ? -1.253  -10.592 6.834   1.00 11.08 ? 510 TYR A CD2 1 
ATOM   202  C  CE1 . TYR A 1 27 ? -0.624  -11.301 4.222   1.00 11.31 ? 510 TYR A CE1 1 
ATOM   203  C  CE2 . TYR A 1 27 ? -2.266  -10.772 5.906   1.00 12.24 ? 510 TYR A CE2 1 
ATOM   204  C  CZ  . TYR A 1 27 ? -1.941  -11.124 4.603   1.00 12.01 ? 510 TYR A CZ  1 
ATOM   205  O  OH  . TYR A 1 27 ? -2.930  -11.302 3.659   1.00 15.91 ? 510 TYR A OH  1 
ATOM   206  N  N   . HIS A 1 28 ? 3.757   -11.965 8.806   1.00 6.65  ? 511 HIS A N   1 
ATOM   207  C  CA  . HIS A 1 28 ? 5.046   -11.566 9.338   1.00 7.71  ? 511 HIS A CA  1 
ATOM   208  C  C   . HIS A 1 28 ? 5.346   -10.242 8.639   1.00 8.71  ? 511 HIS A C   1 
ATOM   209  O  O   . HIS A 1 28 ? 5.045   -10.076 7.453   1.00 8.41  ? 511 HIS A O   1 
ATOM   210  C  CB  . HIS A 1 28 ? 6.158   -12.517 8.920   1.00 8.39  ? 511 HIS A CB  1 
ATOM   211  C  CG  . HIS A 1 28 ? 6.100   -13.846 9.585   1.00 6.54  ? 511 HIS A CG  1 
ATOM   212  N  ND1 . HIS A 1 28 ? 5.882   -15.011 8.885   1.00 6.99  ? 511 HIS A ND1 1 
ATOM   213  C  CD2 . HIS A 1 28 ? 6.260   -14.204 10.880  1.00 8.78  ? 511 HIS A CD2 1 
ATOM   214  C  CE1 . HIS A 1 28 ? 5.912   -16.034 9.723   1.00 8.29  ? 511 HIS A CE1 1 
ATOM   215  N  NE2 . HIS A 1 28 ? 6.136   -15.572 10.941  1.00 7.99  ? 511 HIS A NE2 1 
ATOM   216  N  N   . LEU A 1 29 ? 5.975   -9.314  9.349   1.00 9.55  ? 512 LEU A N   1 
ATOM   217  C  CA  . LEU A 1 29 ? 6.341   -8.047  8.723   1.00 10.09 ? 512 LEU A CA  1 
ATOM   218  C  C   . LEU A 1 29 ? 7.304   -8.297  7.546   1.00 10.87 ? 512 LEU A C   1 
ATOM   219  O  O   . LEU A 1 29 ? 7.248   -7.575  6.540   1.00 9.83  ? 512 LEU A O   1 
ATOM   220  C  CB  . LEU A 1 29 ? 7.007   -7.119  9.739   1.00 10.15 ? 512 LEU A CB  1 
ATOM   221  C  CG  . LEU A 1 29 ? 6.171   -6.627  10.918  1.00 9.04  ? 512 LEU A CG  1 
ATOM   222  C  CD1 . LEU A 1 29 ? 7.057   -5.718  11.767  1.00 11.86 ? 512 LEU A CD1 1 
ATOM   223  C  CD2 . LEU A 1 29 ? 4.915   -5.898  10.462  1.00 11.23 ? 512 LEU A CD2 1 
ATOM   224  N  N   . ASP A 1 30 ? 8.153   -9.320  7.676   1.00 10.95 ? 513 ASP A N   1 
ATOM   225  C  CA  . ASP A 1 30 ? 9.142   -9.689  6.650   1.00 13.01 ? 513 ASP A CA  1 
ATOM   226  C  C   . ASP A 1 30 ? 8.515   -10.284 5.404   1.00 12.52 ? 513 ASP A C   1 
ATOM   227  O  O   . ASP A 1 30 ? 9.177   -10.392 4.369   1.00 13.17 ? 513 ASP A O   1 
ATOM   228  C  CB  . ASP A 1 30 ? 10.135  -10.749 7.165   1.00 16.68 ? 513 ASP A CB  1 
ATOM   229  C  CG  . ASP A 1 30 ? 10.982  -10.278 8.319   1.00 20.35 ? 513 ASP A CG  1 
ATOM   230  O  OD1 . ASP A 1 30 ? 11.149  -9.060  8.500   1.00 23.79 ? 513 ASP A OD1 1 
ATOM   231  O  OD2 . ASP A 1 30 ? 11.504  -11.151 9.042   1.00 23.15 ? 513 ASP A OD2 1 
ATOM   232  N  N   . CYS A 1 31 ? 7.261   -10.715 5.508   1.00 11.24 ? 514 CYS A N   1 
ATOM   233  C  CA  . CYS A 1 31 ? 6.590   -11.318 4.367   1.00 11.33 ? 514 CYS A CA  1 
ATOM   234  C  C   . CYS A 1 31 ? 5.734   -10.365 3.543   1.00 11.76 ? 514 CYS A C   1 
ATOM   235  O  O   . CYS A 1 31 ? 5.089   -10.770 2.570   1.00 13.11 ? 514 CYS A O   1 
ATOM   236  C  CB  . CYS A 1 31 ? 5.749   -12.516 4.827   1.00 9.18  ? 514 CYS A CB  1 
ATOM   237  S  SG  . CYS A 1 31 ? 6.689   -13.950 5.439   1.00 10.31 ? 514 CYS A SG  1 
ATOM   238  N  N   . LEU A 1 32 ? 5.734   -9.096  3.922   1.00 10.68 ? 515 LEU A N   1 
ATOM   239  C  CA  . LEU A 1 32 ? 4.963   -8.103  3.194   1.00 11.26 ? 515 LEU A CA  1 
ATOM   240  C  C   . LEU A 1 32 ? 5.825   -7.542  2.066   1.00 11.51 ? 515 LEU A C   1 
ATOM   241  O  O   . LEU A 1 32 ? 7.045   -7.643  2.107   1.00 11.35 ? 515 LEU A O   1 
ATOM   242  C  CB  . LEU A 1 32 ? 4.544   -6.968  4.134   1.00 11.77 ? 515 LEU A CB  1 
ATOM   243  C  CG  . LEU A 1 32 ? 3.678   -7.384  5.327   1.00 11.88 ? 515 LEU A CG  1 
ATOM   244  C  CD1 . LEU A 1 32 ? 3.456   -6.199  6.266   1.00 11.09 ? 515 LEU A CD1 1 
ATOM   245  C  CD2 . LEU A 1 32 ? 2.352   -7.926  4.822   1.00 11.82 ? 515 LEU A CD2 1 
ATOM   246  N  N   . ASP A 1 33 ? 5.178   -6.991  1.046   1.00 10.82 ? 516 ASP A N   1 
ATOM   247  C  CA  . ASP A 1 33 ? 5.883   -6.375  -0.080  1.00 11.14 ? 516 ASP A CA  1 
ATOM   248  C  C   . ASP A 1 33 ? 5.342   -4.952  -0.154  1.00 10.50 ? 516 ASP A C   1 
ATOM   249  O  O   . ASP A 1 33 ? 4.204   -4.734  -0.564  1.00 10.59 ? 516 ASP A O   1 
ATOM   250  C  CB  . ASP A 1 33 ? 5.584   -7.122  -1.382  1.00 11.17 ? 516 ASP A CB  1 
ATOM   251  C  CG  . ASP A 1 33 ? 6.083   -6.380  -2.615  1.00 12.31 ? 516 ASP A CG  1 
ATOM   252  O  OD1 . ASP A 1 33 ? 7.060   -5.624  -2.504  1.00 11.91 ? 516 ASP A OD1 1 
ATOM   253  O  OD2 . ASP A 1 33 ? 5.490   -6.560  -3.700  1.00 14.98 ? 516 ASP A OD2 1 
ATOM   254  N  N   . PRO A 1 34 ? 6.142   -3.958  0.249   1.00 10.59 ? 517 PRO A N   1 
ATOM   255  C  CA  . PRO A 1 34 ? 7.510   -4.063  0.763   1.00 10.67 ? 517 PRO A CA  1 
ATOM   256  C  C   . PRO A 1 34 ? 7.600   -4.593  2.192   1.00 10.99 ? 517 PRO A C   1 
ATOM   257  O  O   . PRO A 1 34 ? 6.719   -4.371  3.006   1.00 10.85 ? 517 PRO A O   1 
ATOM   258  C  CB  . PRO A 1 34 ? 8.008   -2.630  0.656   1.00 11.30 ? 517 PRO A CB  1 
ATOM   259  C  CG  . PRO A 1 34 ? 6.795   -1.854  1.010   1.00 9.97  ? 517 PRO A CG  1 
ATOM   260  C  CD  . PRO A 1 34 ? 5.689   -2.556  0.246   1.00 10.32 ? 517 PRO A CD  1 
ATOM   261  N  N   . PRO A 1 35 ? 8.703   -5.280  2.521   1.00 11.22 ? 518 PRO A N   1 
ATOM   262  C  CA  . PRO A 1 35 ? 8.857   -5.811  3.881   1.00 10.58 ? 518 PRO A CA  1 
ATOM   263  C  C   . PRO A 1 35 ? 9.111   -4.708  4.911   1.00 11.27 ? 518 PRO A C   1 
ATOM   264  O  O   . PRO A 1 35 ? 9.788   -3.711  4.626   1.00 11.02 ? 518 PRO A O   1 
ATOM   265  C  CB  . PRO A 1 35 ? 10.034  -6.764  3.739   1.00 10.96 ? 518 PRO A CB  1 
ATOM   266  C  CG  . PRO A 1 35 ? 10.890  -6.082  2.698   1.00 11.67 ? 518 PRO A CG  1 
ATOM   267  C  CD  . PRO A 1 35 ? 9.869   -5.607  1.678   1.00 11.24 ? 518 PRO A CD  1 
ATOM   268  N  N   . LEU A 1 36 ? 8.602   -4.890  6.126   1.00 11.42 ? 519 LEU A N   1 
ATOM   269  C  CA  . LEU A 1 36 ? 8.750   -3.868  7.150   1.00 13.06 ? 519 LEU A CA  1 
ATOM   270  C  C   . LEU A 1 36 ? 9.580   -4.266  8.352   1.00 14.46 ? 519 LEU A C   1 
ATOM   271  O  O   . LEU A 1 36 ? 9.653   -5.437  8.711   1.00 15.06 ? 519 LEU A O   1 
ATOM   272  C  CB  . LEU A 1 36 ? 7.370   -3.453  7.660   1.00 12.54 ? 519 LEU A CB  1 
ATOM   273  C  CG  . LEU A 1 36 ? 6.335   -3.026  6.617   1.00 12.60 ? 519 LEU A CG  1 
ATOM   274  C  CD1 . LEU A 1 36 ? 4.980   -2.824  7.274   1.00 13.39 ? 519 LEU A CD1 1 
ATOM   275  C  CD2 . LEU A 1 36 ? 6.779   -1.771  5.902   1.00 13.61 ? 519 LEU A CD2 1 
ATOM   276  N  N   . LYS A 1 37 ? 10.209  -3.295  8.951   1.00 16.71 ? 520 LYS A N   1 
ATOM   277  C  CA  . LYS A 1 37 ? 10.961  -3.474  10.171  1.00 18.45 ? 520 LYS A CA  1 
ATOM   278  C  C   . LYS A 1 37 ? 10.105  -2.722  11.176  1.00 20.00 ? 520 LYS A C   1 
ATOM   279  O  O   . LYS A 1 37 ? 10.029  -3.052  12.356  1.00 21.54 ? 520 LYS A O   1 
ATOM   280  C  CB  . LYS A 1 37 ? 12.352  -2.849  10.124  1.00 20.54 ? 520 LYS A CB  1 
ATOM   281  C  CG  . LYS A 1 37 ? 13.359  -3.677  9.340   1.00 23.79 ? 520 LYS A CG  1 
ATOM   282  C  CD  . LYS A 1 37 ? 14.670  -3.816  10.091  1.00 25.34 ? 520 LYS A CD  1 
ATOM   283  C  CE  . LYS A 1 37 ? 14.498  -4.658  11.347  1.00 26.00 ? 520 LYS A CE  1 
ATOM   284  N  NZ  . LYS A 1 37 ? 15.794  -4.877  12.051  1.00 27.43 ? 520 LYS A NZ  1 
ATOM   285  N  N   . THR A 1 38 ? 9.464   -1.690  10.627  1.00 20.94 ? 521 THR A N   1 
ATOM   286  C  CA  . THR A 1 38 ? 8.584   -0.775  11.336  1.00 21.49 ? 521 THR A CA  1 
ATOM   287  C  C   . THR A 1 38 ? 7.144   -1.282  11.259  1.00 20.65 ? 521 THR A C   1 
ATOM   288  O  O   . THR A 1 38 ? 6.616   -1.498  10.168  1.00 21.42 ? 521 THR A O   1 
ATOM   289  C  CB  . THR A 1 38 ? 8.619   0.604   10.668  1.00 23.48 ? 521 THR A CB  1 
ATOM   290  O  OG1 . THR A 1 38 ? 8.042   0.518   9.357   1.00 27.03 ? 521 THR A OG1 1 
ATOM   291  C  CG2 . THR A 1 38 ? 10.050  1.119   10.561  1.00 22.59 ? 521 THR A CG2 1 
ATOM   292  N  N   A ILE A 1 39 ? 6.518   -1.471  12.417  0.50 20.21 ? 522 ILE A N   1 
ATOM   293  N  N   B ILE A 1 39 ? 6.519   -1.473  12.414  0.50 20.19 ? 522 ILE A N   1 
ATOM   294  C  CA  A ILE A 1 39 ? 5.133   -1.940  12.480  0.50 19.05 ? 522 ILE A CA  1 
ATOM   295  C  CA  B ILE A 1 39 ? 5.141   -1.940  12.447  0.50 19.01 ? 522 ILE A CA  1 
ATOM   296  C  C   A ILE A 1 39 ? 4.207   -0.797  12.029  0.50 17.56 ? 522 ILE A C   1 
ATOM   297  C  C   B ILE A 1 39 ? 4.222   -0.795  12.004  0.50 17.54 ? 522 ILE A C   1 
ATOM   298  O  O   A ILE A 1 39 ? 4.415   0.354   12.402  0.50 16.03 ? 522 ILE A O   1 
ATOM   299  O  O   B ILE A 1 39 ? 4.445   0.359   12.366  0.50 16.00 ? 522 ILE A O   1 
ATOM   300  C  CB  A ILE A 1 39 ? 4.781   -2.402  13.933  0.50 20.22 ? 522 ILE A CB  1 
ATOM   301  C  CB  B ILE A 1 39 ? 4.753   -2.426  13.865  0.50 20.06 ? 522 ILE A CB  1 
ATOM   302  C  CG1 A ILE A 1 39 ? 3.483   -3.218  13.943  0.50 20.57 ? 522 ILE A CG1 1 
ATOM   303  C  CG1 B ILE A 1 39 ? 3.483   -3.264  13.786  0.50 20.30 ? 522 ILE A CG1 1 
ATOM   304  C  CG2 A ILE A 1 39 ? 4.666   -1.198  14.864  0.50 20.19 ? 522 ILE A CG2 1 
ATOM   305  C  CG2 B ILE A 1 39 ? 4.538   -1.242  14.805  0.50 20.06 ? 522 ILE A CG2 1 
ATOM   306  C  CD1 A ILE A 1 39 ? 2.214   -2.406  13.779  0.50 20.85 ? 522 ILE A CD1 1 
ATOM   307  C  CD1 B ILE A 1 39 ? 3.179   -3.994  15.052  0.50 19.78 ? 522 ILE A CD1 1 
ATOM   308  N  N   . PRO A 1 40 ? 3.194   -1.096  11.190  1.00 16.24 ? 523 PRO A N   1 
ATOM   309  C  CA  . PRO A 1 40 ? 2.267   -0.059  10.716  1.00 16.90 ? 523 PRO A CA  1 
ATOM   310  C  C   . PRO A 1 40 ? 1.584   0.783   11.792  1.00 17.90 ? 523 PRO A C   1 
ATOM   311  O  O   . PRO A 1 40 ? 1.191   0.272   12.842  1.00 18.78 ? 523 PRO A O   1 
ATOM   312  C  CB  . PRO A 1 40 ? 1.244   -0.858  9.903   1.00 16.85 ? 523 PRO A CB  1 
ATOM   313  C  CG  . PRO A 1 40 ? 2.054   -1.950  9.324   1.00 16.49 ? 523 PRO A CG  1 
ATOM   314  C  CD  . PRO A 1 40 ? 2.914   -2.379  10.516  1.00 17.14 ? 523 PRO A CD  1 
ATOM   315  N  N   A LYS A 1 41 ? 1.442   2.075   11.520  0.50 18.36 ? 524 LYS A N   1 
ATOM   316  N  N   B LYS A 1 41 ? 1.456   2.081   11.521  0.50 18.39 ? 524 LYS A N   1 
ATOM   317  C  CA  A LYS A 1 41 ? 0.783   2.976   12.456  0.50 19.27 ? 524 LYS A CA  1 
ATOM   318  C  CA  B LYS A 1 41 ? 0.808   3.029   12.436  0.50 19.42 ? 524 LYS A CA  1 
ATOM   319  C  C   A LYS A 1 41 ? -0.653  3.206   11.991  0.50 19.43 ? 524 LYS A C   1 
ATOM   320  C  C   B LYS A 1 41 ? -0.646  3.219   11.992  0.50 19.48 ? 524 LYS A C   1 
ATOM   321  O  O   A LYS A 1 41 ? -0.934  3.239   10.794  0.50 19.68 ? 524 LYS A O   1 
ATOM   322  O  O   B LYS A 1 41 ? -0.939  3.232   10.792  0.50 19.67 ? 524 LYS A O   1 
ATOM   323  C  CB  A LYS A 1 41 ? 1.558   4.293   12.543  0.50 19.95 ? 524 LYS A CB  1 
ATOM   324  C  CB  B LYS A 1 41 ? 1.541   4.379   12.405  0.50 20.37 ? 524 LYS A CB  1 
ATOM   325  C  CG  A LYS A 1 41 ? 3.018   4.099   12.939  0.50 19.49 ? 524 LYS A CG  1 
ATOM   326  C  CG  B LYS A 1 41 ? 2.440   4.686   13.609  0.50 21.01 ? 524 LYS A CG  1 
ATOM   327  C  CD  A LYS A 1 41 ? 3.138   3.230   14.198  0.50 21.21 ? 524 LYS A CD  1 
ATOM   328  C  CD  B LYS A 1 41 ? 3.242   5.973   13.377  0.50 22.31 ? 524 LYS A CD  1 
ATOM   329  C  CE  A LYS A 1 41 ? 4.581   3.036   14.646  0.50 22.11 ? 524 LYS A CE  1 
ATOM   330  C  CE  B LYS A 1 41 ? 3.619   6.710   14.670  0.50 22.64 ? 524 LYS A CE  1 
ATOM   331  N  NZ  A LYS A 1 41 ? 5.424   2.319   13.649  0.50 22.96 ? 524 LYS A NZ  1 
ATOM   332  N  NZ  B LYS A 1 41 ? 4.407   5.927   15.667  0.50 22.82 ? 524 LYS A NZ  1 
ATOM   333  N  N   . GLY A 1 42 ? -1.555  3.362   12.948  1.00 19.04 ? 525 GLY A N   1 
ATOM   334  C  CA  . GLY A 1 42 ? -2.952  3.553   12.607  1.00 20.16 ? 525 GLY A CA  1 
ATOM   335  C  C   . GLY A 1 42 ? -3.597  2.265   12.123  1.00 20.27 ? 525 GLY A C   1 
ATOM   336  O  O   . GLY A 1 42 ? -3.136  1.166   12.432  1.00 21.43 ? 525 GLY A O   1 
ATOM   337  N  N   . MET A 1 43 ? -4.673  2.391   11.357  1.00 20.61 ? 526 MET A N   1 
ATOM   338  C  CA  . MET A 1 43 ? -5.372  1.218   10.845  1.00 19.96 ? 526 MET A CA  1 
ATOM   339  C  C   . MET A 1 43 ? -4.576  0.525   9.733   1.00 18.41 ? 526 MET A C   1 
ATOM   340  O  O   . MET A 1 43 ? -4.001  1.184   8.864   1.00 17.92 ? 526 MET A O   1 
ATOM   341  C  CB  . MET A 1 43 ? -6.755  1.633   10.332  1.00 22.05 ? 526 MET A CB  1 
ATOM   342  C  CG  . MET A 1 43 ? -7.516  0.560   9.581   1.00 23.75 ? 526 MET A CG  1 
ATOM   343  S  SD  . MET A 1 43 ? -9.175  1.114   9.136   1.00 27.39 ? 526 MET A SD  1 
ATOM   344  C  CE  . MET A 1 43 ? -10.143 -0.345  9.541   1.00 26.94 ? 526 MET A CE  1 
ATOM   345  N  N   . TRP A 1 44 ? -4.522  -0.804  9.773   1.00 17.02 ? 527 TRP A N   1 
ATOM   346  C  CA  . TRP A 1 44 ? -3.806  -1.552  8.740   1.00 15.04 ? 527 TRP A CA  1 
ATOM   347  C  C   . TRP A 1 44 ? -4.718  -2.605  8.124   1.00 14.25 ? 527 TRP A C   1 
ATOM   348  O  O   . TRP A 1 44 ? -5.326  -3.408  8.819   1.00 13.43 ? 527 TRP A O   1 
ATOM   349  C  CB  . TRP A 1 44 ? -2.549  -2.228  9.307   1.00 14.52 ? 527 TRP A CB  1 
ATOM   350  C  CG  . TRP A 1 44 ? -1.713  -2.920  8.258   1.00 13.55 ? 527 TRP A CG  1 
ATOM   351  C  CD1 . TRP A 1 44 ? -0.892  -2.333  7.341   1.00 13.47 ? 527 TRP A CD1 1 
ATOM   352  C  CD2 . TRP A 1 44 ? -1.642  -4.331  8.012   1.00 12.27 ? 527 TRP A CD2 1 
ATOM   353  N  NE1 . TRP A 1 44 ? -0.311  -3.288  6.540   1.00 13.17 ? 527 TRP A NE1 1 
ATOM   354  C  CE2 . TRP A 1 44 ? -0.755  -4.523  6.931   1.00 12.00 ? 527 TRP A CE2 1 
ATOM   355  C  CE3 . TRP A 1 44 ? -2.244  -5.455  8.602   1.00 12.25 ? 527 TRP A CE3 1 
ATOM   356  C  CZ2 . TRP A 1 44 ? -0.454  -5.796  6.423   1.00 12.90 ? 527 TRP A CZ2 1 
ATOM   357  C  CZ3 . TRP A 1 44 ? -1.941  -6.725  8.092   1.00 12.26 ? 527 TRP A CZ3 1 
ATOM   358  C  CH2 . TRP A 1 44 ? -1.054  -6.879  7.014   1.00 11.97 ? 527 TRP A CH2 1 
ATOM   359  N  N   . ILE A 1 45 ? -4.782  -2.600  6.802   1.00 14.18 ? 528 ILE A N   1 
ATOM   360  C  CA  . ILE A 1 45 ? -5.632  -3.530  6.073   1.00 14.48 ? 528 ILE A CA  1 
ATOM   361  C  C   . ILE A 1 45 ? -4.725  -4.403  5.243   1.00 13.91 ? 528 ILE A C   1 
ATOM   362  O  O   . ILE A 1 45 ? -3.965  -3.915  4.417   1.00 13.57 ? 528 ILE A O   1 
ATOM   363  C  CB  . ILE A 1 45 ? -6.641  -2.755  5.211   1.00 14.98 ? 528 ILE A CB  1 
ATOM   364  C  CG1 . ILE A 1 45 ? -7.575  -1.995  6.154   1.00 15.81 ? 528 ILE A CG1 1 
ATOM   365  C  CG2 . ILE A 1 45 ? -7.388  -3.695  4.287   1.00 15.16 ? 528 ILE A CG2 1 
ATOM   366  C  CD1 . ILE A 1 45 ? -8.753  -1.365  5.522   1.00 17.91 ? 528 ILE A CD1 1 
ATOM   367  N  N   . CYS A 1 46 ? -4.811  -5.703  5.478   1.00 13.16 ? 529 CYS A N   1 
ATOM   368  C  CA  . CYS A 1 46 ? -3.944  -6.661  4.816   1.00 12.07 ? 529 CYS A CA  1 
ATOM   369  C  C   . CYS A 1 46 ? -4.095  -6.776  3.304   1.00 12.63 ? 529 CYS A C   1 
ATOM   370  O  O   . CYS A 1 46 ? -5.113  -6.371  2.723   1.00 12.15 ? 529 CYS A O   1 
ATOM   371  C  CB  . CYS A 1 46 ? -4.122  -8.036  5.463   1.00 11.62 ? 529 CYS A CB  1 
ATOM   372  S  SG  . CYS A 1 46 ? -5.412  -9.071  4.728   1.00 10.78 ? 529 CYS A SG  1 
ATOM   373  N  N   . PRO A 1 47 ? -3.070  -7.328  2.642   1.00 12.79 ? 530 PRO A N   1 
ATOM   374  C  CA  . PRO A 1 47 ? -3.063  -7.508  1.188   1.00 14.06 ? 530 PRO A CA  1 
ATOM   375  C  C   . PRO A 1 47 ? -4.262  -8.262  0.630   1.00 13.97 ? 530 PRO A C   1 
ATOM   376  O  O   . PRO A 1 47 ? -4.737  -7.958  -0.474  1.00 13.13 ? 530 PRO A O   1 
ATOM   377  C  CB  . PRO A 1 47 ? -1.761  -8.257  0.939   1.00 13.82 ? 530 PRO A CB  1 
ATOM   378  C  CG  . PRO A 1 47 ? -0.863  -7.730  2.032   1.00 14.27 ? 530 PRO A CG  1 
ATOM   379  C  CD  . PRO A 1 47 ? -1.784  -7.750  3.232   1.00 13.26 ? 530 PRO A CD  1 
ATOM   380  N  N   . ARG A 1 48 ? -4.747  -9.255  1.369   1.00 13.98 ? 531 ARG A N   1 
ATOM   381  C  CA  . ARG A 1 48 ? -5.894  -10.014 0.884   1.00 14.09 ? 531 ARG A CA  1 
ATOM   382  C  C   . ARG A 1 48 ? -7.162  -9.176  0.968   1.00 13.83 ? 531 ARG A C   1 
ATOM   383  O  O   . ARG A 1 48 ? -8.020  -9.253  0.089   1.00 13.76 ? 531 ARG A O   1 
ATOM   384  C  CB  . ARG A 1 48 ? -6.046  -11.327 1.657   1.00 14.28 ? 531 ARG A CB  1 
ATOM   385  C  CG  . ARG A 1 48 ? -4.909  -12.322 1.425   1.00 19.08 ? 531 ARG A CG  1 
ATOM   386  C  CD  . ARG A 1 48 ? -4.580  -12.480 -0.059  1.00 22.26 ? 531 ARG A CD  1 
ATOM   387  N  NE  . ARG A 1 48 ? -3.705  -11.403 -0.524  1.00 26.20 ? 531 ARG A NE  1 
ATOM   388  C  CZ  . ARG A 1 48 ? -3.406  -11.163 -1.797  1.00 27.33 ? 531 ARG A CZ  1 
ATOM   389  N  NH1 . ARG A 1 48 ? -3.917  -11.920 -2.766  1.00 28.87 ? 531 ARG A NH1 1 
ATOM   390  N  NH2 . ARG A 1 48 ? -2.596  -10.157 -2.108  1.00 28.94 ? 531 ARG A NH2 1 
ATOM   391  N  N   . CYS A 1 49 ? -7.304  -8.382  2.023   1.00 13.28 ? 532 CYS A N   1 
ATOM   392  C  CA  . CYS A 1 49 ? -8.470  -7.516  2.129   1.00 14.17 ? 532 CYS A CA  1 
ATOM   393  C  C   . CYS A 1 49 ? -8.431  -6.493  1.003   1.00 14.57 ? 532 CYS A C   1 
ATOM   394  O  O   . CYS A 1 49 ? -9.464  -6.187  0.402   1.00 14.91 ? 532 CYS A O   1 
ATOM   395  C  CB  . CYS A 1 49 ? -8.498  -6.802  3.475   1.00 13.82 ? 532 CYS A CB  1 
ATOM   396  S  SG  . CYS A 1 49 ? -9.143  -7.835  4.801   1.00 11.94 ? 532 CYS A SG  1 
ATOM   397  N  N   . GLN A 1 50 ? -7.251  -5.949  0.721   1.00 14.55 ? 533 GLN A N   1 
ATOM   398  C  CA  . GLN A 1 50 ? -7.115  -4.976  -0.368  1.00 15.08 ? 533 GLN A CA  1 
ATOM   399  C  C   . GLN A 1 50 ? -7.526  -5.633  -1.691  1.00 16.29 ? 533 GLN A C   1 
ATOM   400  O  O   . GLN A 1 50 ? -8.221  -5.025  -2.508  1.00 15.82 ? 533 GLN A O   1 
ATOM   401  C  CB  . GLN A 1 50 ? -5.671  -4.487  -0.473  1.00 15.89 ? 533 GLN A CB  1 
ATOM   402  C  CG  . GLN A 1 50 ? -5.242  -3.483  0.580   1.00 17.83 ? 533 GLN A CG  1 
ATOM   403  C  CD  . GLN A 1 50 ? -3.763  -3.198  0.508   1.00 19.30 ? 533 GLN A CD  1 
ATOM   404  O  OE1 . GLN A 1 50 ? -3.229  -2.907  -0.566  1.00 21.32 ? 533 GLN A OE1 1 
ATOM   405  N  NE2 . GLN A 1 50 ? -3.084  -3.282  1.648   1.00 21.25 ? 533 GLN A NE2 1 
ATOM   406  N  N   . ASP A 1 51 ? -7.091  -6.872  -1.903  1.00 16.06 ? 534 ASP A N   1 
ATOM   407  C  CA  . ASP A 1 51 ? -7.423  -7.605  -3.125  1.00 17.85 ? 534 ASP A CA  1 
ATOM   408  C  C   . ASP A 1 51 ? -8.939  -7.746  -3.239  1.00 17.33 ? 534 ASP A C   1 
ATOM   409  O  O   . ASP A 1 51 ? -9.518  -7.593  -4.326  1.00 16.91 ? 534 ASP A O   1 
ATOM   410  C  CB  . ASP A 1 51 ? -6.783  -8.997  -3.096  1.00 20.27 ? 534 ASP A CB  1 
ATOM   411  C  CG  . ASP A 1 51 ? -6.868  -9.703  -4.429  1.00 23.36 ? 534 ASP A CG  1 
ATOM   412  O  OD1 . ASP A 1 51 ? -7.298  -10.872 -4.453  1.00 25.35 ? 534 ASP A OD1 1 
ATOM   413  O  OD2 . ASP A 1 51 ? -6.495  -9.090  -5.451  1.00 26.01 ? 534 ASP A OD2 1 
ATOM   414  N  N   . GLN A 1 52 ? -9.577  -8.052  -2.115  1.00 17.93 ? 535 GLN A N   1 
ATOM   415  C  CA  . GLN A 1 52 ? -11.025 -8.209  -2.065  1.00 18.48 ? 535 GLN A CA  1 
ATOM   416  C  C   . GLN A 1 52 ? -11.679 -6.916  -2.535  1.00 17.88 ? 535 GLN A C   1 
ATOM   417  O  O   . GLN A 1 52 ? -12.564 -6.929  -3.397  1.00 17.49 ? 535 GLN A O   1 
ATOM   418  C  CB  . GLN A 1 52 ? -11.472 -8.526  -0.634  1.00 20.31 ? 535 GLN A CB  1 
ATOM   419  C  CG  . GLN A 1 52 ? -12.968 -8.725  -0.480  1.00 24.58 ? 535 GLN A CG  1 
ATOM   420  C  CD  . GLN A 1 52 ? -13.496 -9.853  -1.344  1.00 25.98 ? 535 GLN A CD  1 
ATOM   421  O  OE1 . GLN A 1 52 ? -13.058 -11.000 -1.224  1.00 28.39 ? 535 GLN A OE1 1 
ATOM   422  N  NE2 . GLN A 1 52 ? -14.446 -9.536  -2.217  1.00 28.04 ? 535 GLN A NE2 1 
ATOM   423  N  N   . MET A 1 53 ? -11.227 -5.800  -1.979  1.00 17.07 ? 536 MET A N   1 
ATOM   424  C  CA  . MET A 1 53 ? -11.762 -4.492  -2.340  1.00 17.80 ? 536 MET A CA  1 
ATOM   425  C  C   . MET A 1 53 ? -11.491 -4.115  -3.790  1.00 18.49 ? 536 MET A C   1 
ATOM   426  O  O   . MET A 1 53 ? -12.322 -3.474  -4.432  1.00 17.94 ? 536 MET A O   1 
ATOM   427  C  CB  . MET A 1 53 ? -11.205 -3.426  -1.396  1.00 16.71 ? 536 MET A CB  1 
ATOM   428  C  CG  . MET A 1 53 ? -11.696 -3.613  0.038   1.00 16.25 ? 536 MET A CG  1 
ATOM   429  S  SD  . MET A 1 53 ? -11.384 -2.204  1.111   1.00 18.79 ? 536 MET A SD  1 
ATOM   430  C  CE  . MET A 1 53 ? -9.720  -2.470  1.455   1.00 15.93 ? 536 MET A CE  1 
ATOM   431  N  N   A LEU A 1 54 ? -10.334 -4.514  -4.309  0.50 19.29 ? 537 LEU A N   1 
ATOM   432  N  N   B LEU A 1 54 ? -10.337 -4.519  -4.310  0.50 19.28 ? 537 LEU A N   1 
ATOM   433  C  CA  A LEU A 1 54 ? -9.971  -4.215  -5.690  0.50 20.62 ? 537 LEU A CA  1 
ATOM   434  C  CA  B LEU A 1 54 ? -9.979  -4.227  -5.695  0.50 20.60 ? 537 LEU A CA  1 
ATOM   435  C  C   A LEU A 1 54 ? -10.806 -5.058  -6.653  0.50 21.14 ? 537 LEU A C   1 
ATOM   436  C  C   B LEU A 1 54 ? -10.823 -5.057  -6.650  0.50 21.12 ? 537 LEU A C   1 
ATOM   437  O  O   A LEU A 1 54 ? -11.176 -4.596  -7.732  0.50 21.25 ? 537 LEU A O   1 
ATOM   438  O  O   B LEU A 1 54 ? -11.215 -4.586  -7.718  0.50 21.22 ? 537 LEU A O   1 
ATOM   439  C  CB  A LEU A 1 54 ? -8.480  -4.490  -5.922  0.50 20.82 ? 537 LEU A CB  1 
ATOM   440  C  CB  B LEU A 1 54 ? -8.504  -4.539  -5.937  0.50 20.81 ? 537 LEU A CB  1 
ATOM   441  C  CG  A LEU A 1 54 ? -7.900  -4.034  -7.265  0.50 21.03 ? 537 LEU A CG  1 
ATOM   442  C  CG  B LEU A 1 54 ? -7.507  -3.620  -5.240  0.50 20.94 ? 537 LEU A CG  1 
ATOM   443  C  CD1 A LEU A 1 54 ? -7.928  -2.516  -7.348  0.50 20.76 ? 537 LEU A CD1 1 
ATOM   444  C  CD1 B LEU A 1 54 ? -6.107  -4.188  -5.389  0.50 21.34 ? 537 LEU A CD1 1 
ATOM   445  C  CD2 A LEU A 1 54 ? -6.473  -4.542  -7.408  0.50 21.33 ? 537 LEU A CD2 1 
ATOM   446  C  CD2 B LEU A 1 54 ? -7.593  -2.224  -5.835  0.50 21.13 ? 537 LEU A CD2 1 
ATOM   447  N  N   . LYS A 1 55 ? -11.092 -6.297  -6.260  1.00 22.32 ? 538 LYS A N   1 
ATOM   448  C  CA  . LYS A 1 55 ? -11.889 -7.199  -7.085  1.00 24.12 ? 538 LYS A CA  1 
ATOM   449  C  C   . LYS A 1 55 ? -13.285 -6.641  -7.298  1.00 25.24 ? 538 LYS A C   1 
ATOM   450  O  O   . LYS A 1 55 ? -13.835 -6.725  -8.397  1.00 26.19 ? 538 LYS A O   1 
ATOM   451  C  CB  . LYS A 1 55 ? -11.990 -8.581  -6.436  1.00 24.57 ? 538 LYS A CB  1 
ATOM   452  C  CG  . LYS A 1 55 ? -10.739 -9.426  -6.570  1.00 25.85 ? 538 LYS A CG  1 
ATOM   453  C  CD  . LYS A 1 55 ? -10.925 -10.780 -5.903  1.00 26.72 ? 538 LYS A CD  1 
ATOM   454  C  CE  . LYS A 1 55 ? -9.718  -11.671 -6.127  1.00 27.53 ? 538 LYS A CE  1 
ATOM   455  N  NZ  . LYS A 1 55 ? -9.823  -12.952 -5.382  1.00 28.18 ? 538 LYS A NZ  1 
ATOM   456  N  N   . LYS A 1 56 ? -13.866 -6.066  -6.252  1.00 26.83 ? 539 LYS A N   1 
ATOM   457  C  CA  . LYS A 1 56 ? -15.204 -5.507  -6.375  1.00 27.58 ? 539 LYS A CA  1 
ATOM   458  C  C   . LYS A 1 56 ? -15.131 -4.155  -7.072  1.00 28.05 ? 539 LYS A C   1 
ATOM   459  O  O   . LYS A 1 56 ? -16.154 -3.569  -7.422  1.00 28.15 ? 539 LYS A O   1 
ATOM   460  C  CB  . LYS A 1 56 ? -15.863 -5.354  -4.997  1.00 27.98 ? 539 LYS A CB  1 
ATOM   461  C  CG  . LYS A 1 56 ? -15.358 -4.191  -4.176  1.00 28.52 ? 539 LYS A CG  1 
ATOM   462  C  CD  . LYS A 1 56 ? -16.314 -3.895  -3.026  1.00 29.74 ? 539 LYS A CD  1 
ATOM   463  C  CE  . LYS A 1 56 ? -16.083 -2.501  -2.484  1.00 29.65 ? 539 LYS A CE  1 
ATOM   464  N  NZ  . LYS A 1 56 ? -17.026 -2.125  -1.394  1.00 30.38 ? 539 LYS A NZ  1 
ATOM   465  N  N   . GLU A 1 57 ? -13.907 -3.675  -7.281  1.00 28.56 ? 540 GLU A N   1 
ATOM   466  C  CA  . GLU A 1 57 ? -13.666 -2.400  -7.946  1.00 28.82 ? 540 GLU A CA  1 
ATOM   467  C  C   . GLU A 1 57 ? -13.810 -2.552  -9.453  1.00 29.39 ? 540 GLU A C   1 
ATOM   468  O  O   . GLU A 1 57 ? -14.325 -1.657  -10.131 1.00 29.96 ? 540 GLU A O   1 
ATOM   469  C  CB  . GLU A 1 57 ? -12.260 -1.899  -7.618  1.00 28.44 ? 540 GLU A CB  1 
ATOM   470  C  CG  . GLU A 1 57 ? -11.859 -0.623  -8.334  1.00 27.66 ? 540 GLU A CG  1 
ATOM   471  C  CD  . GLU A 1 57 ? -12.791 0.521   -8.022  1.00 27.08 ? 540 GLU A CD  1 
ATOM   472  O  OE1 . GLU A 1 57 ? -13.241 0.610   -6.857  1.00 26.78 ? 540 GLU A OE1 1 
ATOM   473  O  OE2 . GLU A 1 57 ? -13.063 1.338   -8.930  1.00 26.61 ? 540 GLU A OE2 1 
ATOM   474  N  N   . GLU A 1 58 ? -13.347 -3.686  -9.971  1.00 30.16 ? 541 GLU A N   1 
ATOM   475  C  CA  . GLU A 1 58 ? -13.430 -3.967  -11.398 1.00 30.61 ? 541 GLU A CA  1 
ATOM   476  C  C   . GLU A 1 58 ? -14.846 -4.428  -11.718 1.00 31.05 ? 541 GLU A C   1 
ATOM   477  O  O   . GLU A 1 58 ? -15.169 -4.741  -12.867 1.00 31.46 ? 541 GLU A O   1 
ATOM   478  C  CB  . GLU A 1 58 ? -12.424 -5.048  -11.785 1.00 30.70 ? 541 GLU A CB  1 
ATOM   479  N  N   . ALA A 1 59 ? -15.689 -4.467  -10.689 1.00 31.29 ? 542 ALA A N   1 
ATOM   480  C  CA  . ALA A 1 59 ? -17.075 -4.885  -10.843 1.00 31.20 ? 542 ALA A CA  1 
ATOM   481  C  C   . ALA A 1 59 ? -18.026 -3.710  -10.618 1.00 31.58 ? 542 ALA A C   1 
ATOM   482  O  O   . ALA A 1 59 ? -18.843 -3.389  -11.483 1.00 31.97 ? 542 ALA A O   1 
ATOM   483  C  CB  . ALA A 1 59 ? -17.392 -6.015  -9.864  1.00 30.84 ? 542 ALA A CB  1 
ATOM   484  N  N   . ILE A 1 60 ? -17.916 -3.074  -9.454  1.00 31.70 ? 543 ILE A N   1 
ATOM   485  C  CA  . ILE A 1 60 ? -18.770 -1.936  -9.113  1.00 32.27 ? 543 ILE A CA  1 
ATOM   486  C  C   . ILE A 1 60 ? -18.792 -0.903  -10.235 1.00 32.13 ? 543 ILE A C   1 
ATOM   487  O  O   . ILE A 1 60 ? -19.898 -0.446  -10.598 1.00 32.75 ? 543 ILE A O   1 
ATOM   488  C  CB  . ILE A 1 60 ? -18.291 -1.291  -7.817  1.00 31.49 ? 543 ILE A CB  1 
ATOM   489  O  OXT . ILE A 1 60 ? -17.700 -0.558  -10.734 1.00 33.32 ? 543 ILE A OXT 1 
ATOM   490  N  N   . HIS B 1 1  ? -4.009  1.848   -19.576 1.00 24.58 ? 484 HIS B N   1 
ATOM   491  C  CA  . HIS B 1 1  ? -3.106  3.030   -19.684 1.00 23.77 ? 484 HIS B CA  1 
ATOM   492  C  C   . HIS B 1 1  ? -3.275  3.918   -18.455 1.00 22.76 ? 484 HIS B C   1 
ATOM   493  O  O   . HIS B 1 1  ? -4.245  3.778   -17.704 1.00 24.14 ? 484 HIS B O   1 
ATOM   494  C  CB  . HIS B 1 1  ? -3.449  3.835   -20.939 1.00 25.17 ? 484 HIS B CB  1 
ATOM   495  C  CG  . HIS B 1 1  ? -3.618  2.994   -22.166 1.00 25.72 ? 484 HIS B CG  1 
ATOM   496  N  ND1 . HIS B 1 1  ? -2.552  2.491   -22.880 1.00 27.33 ? 484 HIS B ND1 1 
ATOM   497  C  CD2 . HIS B 1 1  ? -4.733  2.561   -22.802 1.00 26.35 ? 484 HIS B CD2 1 
ATOM   498  C  CE1 . HIS B 1 1  ? -3.002  1.786   -23.904 1.00 26.96 ? 484 HIS B CE1 1 
ATOM   499  N  NE2 . HIS B 1 1  ? -4.323  1.813   -23.878 1.00 27.28 ? 484 HIS B NE2 1 
ATOM   500  N  N   . MET B 1 2  ? -2.320  4.821   -18.248 1.00 20.51 ? 485 MET B N   1 
ATOM   501  C  CA  . MET B 1 2  ? -2.360  5.751   -17.123 1.00 19.59 ? 485 MET B CA  1 
ATOM   502  C  C   . MET B 1 2  ? -1.426  6.933   -17.353 1.00 17.62 ? 485 MET B C   1 
ATOM   503  O  O   . MET B 1 2  ? -0.328  6.788   -17.897 1.00 18.42 ? 485 MET B O   1 
ATOM   504  C  CB  . MET B 1 2  ? -1.955  5.056   -15.815 1.00 21.63 ? 485 MET B CB  1 
ATOM   505  C  CG  . MET B 1 2  ? -2.077  5.936   -14.571 1.00 23.57 ? 485 MET B CG  1 
ATOM   506  S  SD  . MET B 1 2  ? -3.733  5.990   -13.852 1.00 26.22 ? 485 MET B SD  1 
ATOM   507  C  CE  . MET B 1 2  ? -3.663  4.439   -12.922 1.00 25.84 ? 485 MET B CE  1 
ATOM   508  N  N   . ILE B 1 3  ? -1.875  8.113   -16.960 1.00 14.47 ? 486 ILE B N   1 
ATOM   509  C  CA  . ILE B 1 3  ? -1.061  9.310   -17.077 1.00 13.96 ? 486 ILE B CA  1 
ATOM   510  C  C   . ILE B 1 3  ? -0.713  9.720   -15.653 1.00 13.88 ? 486 ILE B C   1 
ATOM   511  O  O   . ILE B 1 3  ? -1.577  10.187  -14.895 1.00 15.58 ? 486 ILE B O   1 
ATOM   512  C  CB  . ILE B 1 3  ? -1.840  10.434  -17.772 1.00 13.95 ? 486 ILE B CB  1 
ATOM   513  C  CG1 . ILE B 1 3  ? -2.121  10.036  -19.221 1.00 14.51 ? 486 ILE B CG1 1 
ATOM   514  C  CG2 . ILE B 1 3  ? -1.055  11.734  -17.717 1.00 16.00 ? 486 ILE B CG2 1 
ATOM   515  C  CD1 . ILE B 1 3  ? -3.082  10.979  -19.929 1.00 14.99 ? 486 ILE B CD1 1 
ATOM   516  N  N   . HIS B 1 4  ? 0.549   9.527   -15.279 1.00 12.13 ? 487 HIS B N   1 
ATOM   517  C  CA  . HIS B 1 4  ? 0.971   9.864   -13.929 1.00 12.30 ? 487 HIS B CA  1 
ATOM   518  C  C   . HIS B 1 4  ? 1.459   11.289  -13.783 1.00 12.38 ? 487 HIS B C   1 
ATOM   519  O  O   . HIS B 1 4  ? 1.984   11.880  -14.722 1.00 13.26 ? 487 HIS B O   1 
ATOM   520  C  CB  . HIS B 1 4  ? 2.063   8.914   -13.440 1.00 11.04 ? 487 HIS B CB  1 
ATOM   521  C  CG  . HIS B 1 4  ? 1.542   7.589   -12.976 1.00 11.18 ? 487 HIS B CG  1 
ATOM   522  N  ND1 . HIS B 1 4  ? 1.421   6.501   -13.813 1.00 11.88 ? 487 HIS B ND1 1 
ATOM   523  C  CD2 . HIS B 1 4  ? 1.093   7.185   -11.763 1.00 11.77 ? 487 HIS B CD2 1 
ATOM   524  C  CE1 . HIS B 1 4  ? 0.923   5.481   -13.134 1.00 11.21 ? 487 HIS B CE1 1 
ATOM   525  N  NE2 . HIS B 1 4  ? 0.715   5.869   -11.888 1.00 11.32 ? 487 HIS B NE2 1 
ATOM   526  N  N   . GLU B 1 5  ? 1.259   11.845  -12.598 1.00 12.08 ? 488 GLU B N   1 
ATOM   527  C  CA  . GLU B 1 5  ? 1.707   13.200  -12.314 1.00 12.11 ? 488 GLU B CA  1 
ATOM   528  C  C   . GLU B 1 5  ? 3.239   13.259  -12.278 1.00 11.03 ? 488 GLU B C   1 
ATOM   529  O  O   . GLU B 1 5  ? 3.904   12.222  -12.216 1.00 10.52 ? 488 GLU B O   1 
ATOM   530  C  CB  . GLU B 1 5  ? 1.102   13.681  -10.989 1.00 12.24 ? 488 GLU B CB  1 
ATOM   531  C  CG  . GLU B 1 5  ? -0.439  13.699  -11.006 1.00 15.65 ? 488 GLU B CG  1 
ATOM   532  C  CD  . GLU B 1 5  ? -1.048  14.422  -9.825  1.00 18.23 ? 488 GLU B CD  1 
ATOM   533  O  OE1 . GLU B 1 5  ? -0.654  14.146  -8.682  1.00 19.41 ? 488 GLU B OE1 1 
ATOM   534  O  OE2 . GLU B 1 5  ? -1.942  15.276  -10.038 1.00 21.56 ? 488 GLU B OE2 1 
ATOM   535  N  N   . ASP B 1 6  ? 3.777   14.477  -12.329 1.00 11.16 ? 489 ASP B N   1 
ATOM   536  C  CA  . ASP B 1 6  ? 5.217   14.719  -12.336 1.00 12.57 ? 489 ASP B CA  1 
ATOM   537  C  C   . ASP B 1 6  ? 5.755   15.244  -11.024 1.00 12.41 ? 489 ASP B C   1 
ATOM   538  O  O   . ASP B 1 6  ? 6.954   15.496  -10.917 1.00 12.99 ? 489 ASP B O   1 
ATOM   539  C  CB  . ASP B 1 6  ? 5.583   15.736  -13.422 1.00 13.55 ? 489 ASP B CB  1 
ATOM   540  C  CG  . ASP B 1 6  ? 5.746   15.116  -14.787 1.00 17.29 ? 489 ASP B CG  1 
ATOM   541  O  OD1 . ASP B 1 6  ? 5.652   13.874  -14.914 1.00 19.73 ? 489 ASP B OD1 1 
ATOM   542  O  OD2 . ASP B 1 6  ? 5.977   15.896  -15.745 1.00 18.54 ? 489 ASP B OD2 1 
ATOM   543  N  N   . PHE B 1 7  ? 4.882   15.433  -10.042 1.00 10.91 ? 490 PHE B N   1 
ATOM   544  C  CA  . PHE B 1 7  ? 5.301   15.952  -8.746  1.00 11.16 ? 490 PHE B CA  1 
ATOM   545  C  C   . PHE B 1 7  ? 4.731   15.064  -7.643  1.00 9.66  ? 490 PHE B C   1 
ATOM   546  O  O   . PHE B 1 7  ? 3.614   14.569  -7.752  1.00 12.04 ? 490 PHE B O   1 
ATOM   547  C  CB  . PHE B 1 7  ? 4.783   17.386  -8.530  1.00 12.81 ? 490 PHE B CB  1 
ATOM   548  C  CG  . PHE B 1 7  ? 5.349   18.412  -9.483  1.00 14.62 ? 490 PHE B CG  1 
ATOM   549  C  CD1 . PHE B 1 7  ? 4.652   18.796  -10.624 1.00 15.70 ? 490 PHE B CD1 1 
ATOM   550  C  CD2 . PHE B 1 7  ? 6.576   19.000  -9.221  1.00 14.48 ? 490 PHE B CD2 1 
ATOM   551  C  CE1 . PHE B 1 7  ? 5.177   19.756  -11.496 1.00 15.67 ? 490 PHE B CE1 1 
ATOM   552  C  CE2 . PHE B 1 7  ? 7.113   19.961  -10.086 1.00 15.11 ? 490 PHE B CE2 1 
ATOM   553  C  CZ  . PHE B 1 7  ? 6.411   20.339  -11.223 1.00 15.56 ? 490 PHE B CZ  1 
ATOM   554  N  N   . CYS B 1 8  ? 5.502   14.874  -6.584  1.00 8.36  ? 491 CYS B N   1 
ATOM   555  C  CA  . CYS B 1 8  ? 5.110   14.068  -5.430  1.00 7.23  ? 491 CYS B CA  1 
ATOM   556  C  C   . CYS B 1 8  ? 3.836   14.602  -4.784  1.00 8.04  ? 491 CYS B C   1 
ATOM   557  O  O   . CYS B 1 8  ? 3.705   15.810  -4.556  1.00 9.33  ? 491 CYS B O   1 
ATOM   558  C  CB  . CYS B 1 8  ? 6.280   14.062  -4.433  1.00 7.81  ? 491 CYS B CB  1 
ATOM   559  S  SG  . CYS B 1 8  ? 5.951   13.251  -2.825  1.00 7.47  ? 491 CYS B SG  1 
ATOM   560  N  N   . SER B 1 9  ? 2.904   13.704  -4.486  1.00 7.77  ? 492 SER B N   1 
ATOM   561  C  CA  . SER B 1 9  ? 1.644   14.124  -3.866  1.00 9.51  ? 492 SER B CA  1 
ATOM   562  C  C   . SER B 1 9  ? 1.809   14.733  -2.486  1.00 10.98 ? 492 SER B C   1 
ATOM   563  O  O   . SER B 1 9  ? 0.968   15.510  -2.040  1.00 12.40 ? 492 SER B O   1 
ATOM   564  C  CB  . SER B 1 9  ? 0.678   12.948  -3.783  1.00 11.34 ? 492 SER B CB  1 
ATOM   565  O  OG  . SER B 1 9  ? -0.044  12.807  -4.986  1.00 13.29 ? 492 SER B OG  1 
ATOM   566  N  N   . VAL B 1 10 ? 2.894   14.401  -1.802  1.00 9.80  ? 493 VAL B N   1 
ATOM   567  C  CA  . VAL B 1 10 ? 3.108   14.964  -0.474  1.00 10.55 ? 493 VAL B CA  1 
ATOM   568  C  C   . VAL B 1 10 ? 3.819   16.321  -0.503  1.00 10.60 ? 493 VAL B C   1 
ATOM   569  O  O   . VAL B 1 10 ? 3.290   17.327  -0.020  1.00 11.08 ? 493 VAL B O   1 
ATOM   570  C  CB  . VAL B 1 10 ? 3.903   13.965  0.414   1.00 10.25 ? 493 VAL B CB  1 
ATOM   571  C  CG1 . VAL B 1 10 ? 4.286   14.608  1.727   1.00 10.87 ? 493 VAL B CG1 1 
ATOM   572  C  CG2 . VAL B 1 10 ? 3.061   12.716  0.668   1.00 10.93 ? 493 VAL B CG2 1 
ATOM   573  N  N   . CYS B 1 11 ? 4.995   16.370  -1.114  1.00 9.31  ? 494 CYS B N   1 
ATOM   574  C  CA  . CYS B 1 11 ? 5.780   17.595  -1.124  1.00 9.60  ? 494 CYS B CA  1 
ATOM   575  C  C   . CYS B 1 11 ? 5.698   18.459  -2.363  1.00 11.11 ? 494 CYS B C   1 
ATOM   576  O  O   . CYS B 1 11 ? 6.199   19.576  -2.358  1.00 10.32 ? 494 CYS B O   1 
ATOM   577  C  CB  . CYS B 1 11 ? 7.251   17.257  -0.854  1.00 8.62  ? 494 CYS B CB  1 
ATOM   578  S  SG  . CYS B 1 11 ? 8.055   16.339  -2.200  1.00 8.24  ? 494 CYS B SG  1 
ATOM   579  N  N   . ARG B 1 12 ? 5.099   17.926  -3.423  1.00 10.66 ? 495 ARG B N   1 
ATOM   580  C  CA  . ARG B 1 12 ? 4.940   18.614  -4.693  1.00 11.94 ? 495 ARG B CA  1 
ATOM   581  C  C   . ARG B 1 12 ? 6.254   18.934  -5.406  1.00 11.84 ? 495 ARG B C   1 
ATOM   582  O  O   . ARG B 1 12 ? 6.340   19.904  -6.156  1.00 12.66 ? 495 ARG B O   1 
ATOM   583  C  CB  . ARG B 1 12 ? 4.094   19.890  -4.527  1.00 14.01 ? 495 ARG B CB  1 
ATOM   584  C  CG  . ARG B 1 12 ? 2.692   19.624  -3.984  1.00 18.86 ? 495 ARG B CG  1 
ATOM   585  C  CD  . ARG B 1 12 ? 1.944   18.601  -4.816  1.00 21.58 ? 495 ARG B CD  1 
ATOM   586  N  NE  . ARG B 1 12 ? 0.730   18.142  -4.143  1.00 25.43 ? 495 ARG B NE  1 
ATOM   587  C  CZ  . ARG B 1 12 ? -0.014  17.124  -4.563  1.00 25.83 ? 495 ARG B CZ  1 
ATOM   588  N  NH1 . ARG B 1 12 ? 0.331   16.458  -5.656  1.00 27.56 ? 495 ARG B NH1 1 
ATOM   589  N  NH2 . ARG B 1 12 ? -1.097  16.767  -3.886  1.00 27.08 ? 495 ARG B NH2 1 
ATOM   590  N  N   . LYS B 1 13 ? 7.269   18.105  -5.176  1.00 10.75 ? 496 LYS B N   1 
ATOM   591  C  CA  . LYS B 1 13 ? 8.560   18.259  -5.859  1.00 9.33  ? 496 LYS B CA  1 
ATOM   592  C  C   . LYS B 1 13 ? 8.753   17.025  -6.735  1.00 7.97  ? 496 LYS B C   1 
ATOM   593  O  O   . LYS B 1 13 ? 8.156   15.977  -6.485  1.00 9.24  ? 496 LYS B O   1 
ATOM   594  C  CB  . LYS B 1 13 ? 9.732   18.319  -4.873  1.00 10.99 ? 496 LYS B CB  1 
ATOM   595  C  CG  . LYS B 1 13 ? 9.573   19.302  -3.717  1.00 13.53 ? 496 LYS B CG  1 
ATOM   596  C  CD  . LYS B 1 13 ? 9.641   20.727  -4.194  1.00 14.22 ? 496 LYS B CD  1 
ATOM   597  C  CE  . LYS B 1 13 ? 9.729   21.699  -3.016  1.00 15.48 ? 496 LYS B CE  1 
ATOM   598  N  NZ  . LYS B 1 13 ? 9.722   23.089  -3.493  1.00 16.94 ? 496 LYS B NZ  1 
ATOM   599  N  N   . SER B 1 14 ? 9.592   17.145  -7.762  1.00 8.49  ? 497 SER B N   1 
ATOM   600  C  CA  . SER B 1 14 ? 9.863   16.011  -8.632  1.00 7.95  ? 497 SER B CA  1 
ATOM   601  C  C   . SER B 1 14 ? 11.127  15.263  -8.169  1.00 8.81  ? 497 SER B C   1 
ATOM   602  O  O   . SER B 1 14 ? 11.641  15.512  -7.067  1.00 9.60  ? 497 SER B O   1 
ATOM   603  C  CB  . SER B 1 14 ? 9.989   16.479  -10.092 1.00 8.70  ? 497 SER B CB  1 
ATOM   604  O  OG  . SER B 1 14 ? 11.054  17.410  -10.287 1.00 10.16 ? 497 SER B OG  1 
ATOM   605  N  N   . GLY B 1 15 ? 11.595  14.330  -8.997  1.00 8.53  ? 498 GLY B N   1 
ATOM   606  C  CA  . GLY B 1 15 ? 12.779  13.538  -8.708  1.00 9.84  ? 498 GLY B CA  1 
ATOM   607  C  C   . GLY B 1 15 ? 12.473  12.075  -8.985  1.00 9.49  ? 498 GLY B C   1 
ATOM   608  O  O   . GLY B 1 15 ? 11.878  11.753  -10.003 1.00 8.97  ? 498 GLY B O   1 
ATOM   609  N  N   . GLN B 1 16 ? 12.899  11.189  -8.092  1.00 9.14  ? 499 GLN B N   1 
ATOM   610  C  CA  . GLN B 1 16 ? 12.609  9.756   -8.213  1.00 8.16  ? 499 GLN B CA  1 
ATOM   611  C  C   . GLN B 1 16 ? 11.213  9.584   -7.626  1.00 8.47  ? 499 GLN B C   1 
ATOM   612  O  O   . GLN B 1 16 ? 11.001  9.803   -6.425  1.00 8.81  ? 499 GLN B O   1 
ATOM   613  C  CB  . GLN B 1 16 ? 13.614  8.937   -7.414  1.00 9.42  ? 499 GLN B CB  1 
ATOM   614  C  CG  . GLN B 1 16 ? 13.295  7.457   -7.364  1.00 10.17 ? 499 GLN B CG  1 
ATOM   615  C  CD  . GLN B 1 16 ? 14.173  6.754   -6.363  1.00 11.93 ? 499 GLN B CD  1 
ATOM   616  O  OE1 . GLN B 1 16 ? 14.202  7.119   -5.187  1.00 13.27 ? 499 GLN B OE1 1 
ATOM   617  N  NE2 . GLN B 1 16 ? 14.892  5.745   -6.813  1.00 13.19 ? 499 GLN B NE2 1 
ATOM   618  N  N   . LEU B 1 17 ? 10.266  9.187   -8.470  1.00 8.03  ? 500 LEU B N   1 
ATOM   619  C  CA  . LEU B 1 17 ? 8.887   9.085   -8.030  1.00 8.62  ? 500 LEU B CA  1 
ATOM   620  C  C   . LEU B 1 17 ? 8.284   7.710   -8.226  1.00 8.35  ? 500 LEU B C   1 
ATOM   621  O  O   . LEU B 1 17 ? 8.279   7.170   -9.330  1.00 10.33 ? 500 LEU B O   1 
ATOM   622  C  CB  . LEU B 1 17 ? 8.049   10.144  -8.775  1.00 8.34  ? 500 LEU B CB  1 
ATOM   623  C  CG  . LEU B 1 17 ? 8.508   11.603  -8.607  1.00 7.73  ? 500 LEU B CG  1 
ATOM   624  C  CD1 . LEU B 1 17 ? 7.947   12.464  -9.719  1.00 9.29  ? 500 LEU B CD1 1 
ATOM   625  C  CD2 . LEU B 1 17 ? 8.096   12.119  -7.238  1.00 9.38  ? 500 LEU B CD2 1 
ATOM   626  N  N   . LEU B 1 18 ? 7.796   7.140   -7.135  1.00 7.31  ? 501 LEU B N   1 
ATOM   627  C  CA  . LEU B 1 18 ? 7.131   5.845   -7.181  1.00 7.46  ? 501 LEU B CA  1 
ATOM   628  C  C   . LEU B 1 18 ? 5.718   6.102   -7.731  1.00 7.69  ? 501 LEU B C   1 
ATOM   629  O  O   . LEU B 1 18 ? 4.988   6.949   -7.219  1.00 7.81  ? 501 LEU B O   1 
ATOM   630  C  CB  . LEU B 1 18 ? 7.047   5.246   -5.768  1.00 8.00  ? 501 LEU B CB  1 
ATOM   631  C  CG  . LEU B 1 18 ? 6.402   3.860   -5.677  1.00 8.04  ? 501 LEU B CG  1 
ATOM   632  C  CD1 . LEU B 1 18 ? 7.285   2.842   -6.429  1.00 8.78  ? 501 LEU B CD1 1 
ATOM   633  C  CD2 . LEU B 1 18 ? 6.205   3.435   -4.213  1.00 8.44  ? 501 LEU B CD2 1 
ATOM   634  N  N   . MET B 1 19 ? 5.331   5.376   -8.771  1.00 7.54  ? 502 MET B N   1 
ATOM   635  C  CA  . MET B 1 19 ? 4.014   5.545   -9.386  1.00 7.89  ? 502 MET B CA  1 
ATOM   636  C  C   . MET B 1 19 ? 2.982   4.594   -8.790  1.00 7.92  ? 502 MET B C   1 
ATOM   637  O  O   . MET B 1 19 ? 3.225   3.386   -8.640  1.00 9.67  ? 502 MET B O   1 
ATOM   638  C  CB  . MET B 1 19 ? 4.095   5.294   -10.891 1.00 9.84  ? 502 MET B CB  1 
ATOM   639  C  CG  . MET B 1 19 ? 5.024   6.270   -11.592 1.00 10.34 ? 502 MET B CG  1 
ATOM   640  S  SD  . MET B 1 19 ? 5.074   6.058   -13.360 1.00 14.35 ? 502 MET B SD  1 
ATOM   641  C  CE  . MET B 1 19 ? 6.162   4.660   -13.462 1.00 16.06 ? 502 MET B CE  1 
ATOM   642  N  N   . CYS B 1 20 ? 1.816   5.136   -8.454  1.00 8.80  ? 503 CYS B N   1 
ATOM   643  C  CA  . CYS B 1 20 ? 0.761   4.303   -7.912  1.00 8.73  ? 503 CYS B CA  1 
ATOM   644  C  C   . CYS B 1 20 ? 0.221   3.399   -9.020  1.00 9.24  ? 503 CYS B C   1 
ATOM   645  O  O   . CYS B 1 20 ? 0.026   3.843   -10.157 1.00 9.51  ? 503 CYS B O   1 
ATOM   646  C  CB  . CYS B 1 20 ? -0.373  5.166   -7.362  1.00 9.68  ? 503 CYS B CB  1 
ATOM   647  S  SG  . CYS B 1 20 ? -1.726  4.162   -6.684  1.00 8.18  ? 503 CYS B SG  1 
ATOM   648  N  N   . ASP B 1 21 ? -0.025  2.134   -8.697  1.00 8.77  ? 504 ASP B N   1 
ATOM   649  C  CA  . ASP B 1 21 ? -0.551  1.223   -9.705  1.00 10.37 ? 504 ASP B CA  1 
ATOM   650  C  C   . ASP B 1 21 ? -2.043  1.359   -9.944  1.00 10.95 ? 504 ASP B C   1 
ATOM   651  O  O   . ASP B 1 21 ? -2.566  0.740   -10.867 1.00 12.92 ? 504 ASP B O   1 
ATOM   652  C  CB  . ASP B 1 21 ? -0.203  -0.224  -9.348  1.00 11.69 ? 504 ASP B CB  1 
ATOM   653  C  CG  . ASP B 1 21 ? 1.257   -0.526  -9.578  1.00 11.75 ? 504 ASP B CG  1 
ATOM   654  O  OD1 . ASP B 1 21 ? 1.786   -0.088  -10.616 1.00 13.55 ? 504 ASP B OD1 1 
ATOM   655  O  OD2 . ASP B 1 21 ? 1.890   -1.191  -8.728  1.00 13.86 ? 504 ASP B OD2 1 
ATOM   656  N  N   . THR B 1 22 ? -2.723  2.175   -9.146  1.00 10.77 ? 505 THR B N   1 
ATOM   657  C  CA  . THR B 1 22 ? -4.169  2.333   -9.299  1.00 11.53 ? 505 THR B CA  1 
ATOM   658  C  C   . THR B 1 22 ? -4.714  3.751   -9.514  1.00 10.83 ? 505 THR B C   1 
ATOM   659  O  O   . THR B 1 22 ? -5.937  3.937   -9.618  1.00 11.19 ? 505 THR B O   1 
ATOM   660  C  CB  . THR B 1 22 ? -4.902  1.661   -8.109  1.00 11.61 ? 505 THR B CB  1 
ATOM   661  O  OG1 . THR B 1 22 ? -4.364  2.148   -6.871  1.00 12.11 ? 505 THR B OG1 1 
ATOM   662  C  CG2 . THR B 1 22 ? -4.722  0.145   -8.155  1.00 12.81 ? 505 THR B CG2 1 
ATOM   663  N  N   . CYS B 1 23 ? -3.837  4.749   -9.558  1.00 9.77  ? 506 CYS B N   1 
ATOM   664  C  CA  . CYS B 1 23 ? -4.253  6.126   -9.839  1.00 9.68  ? 506 CYS B CA  1 
ATOM   665  C  C   . CYS B 1 23 ? -3.057  6.885   -10.415 1.00 9.39  ? 506 CYS B C   1 
ATOM   666  O  O   . CYS B 1 23 ? -1.967  6.326   -10.546 1.00 10.72 ? 506 CYS B O   1 
ATOM   667  C  CB  . CYS B 1 23 ? -4.818  6.843   -8.607  1.00 8.70  ? 506 CYS B CB  1 
ATOM   668  S  SG  . CYS B 1 23 ? -3.597  7.498   -7.436  1.00 9.94  ? 506 CYS B SG  1 
ATOM   669  N  N   A SER B 1 24 ? -3.267  8.152   -10.749 0.50 8.88  ? 507 SER B N   1 
ATOM   670  N  N   B SER B 1 24 ? -3.269  8.154   -10.742 0.50 9.26  ? 507 SER B N   1 
ATOM   671  C  CA  A SER B 1 24 ? -2.235  8.991   -11.348 0.50 9.19  ? 507 SER B CA  1 
ATOM   672  C  CA  B SER B 1 24 ? -2.239  8.999   -11.339 0.50 9.89  ? 507 SER B CA  1 
ATOM   673  C  C   A SER B 1 24 ? -1.204  9.580   -10.394 0.50 9.39  ? 507 SER B C   1 
ATOM   674  C  C   B SER B 1 24 ? -1.206  9.585   -10.391 0.50 9.78  ? 507 SER B C   1 
ATOM   675  O  O   A SER B 1 24 ? -0.253  10.224  -10.840 0.50 8.79  ? 507 SER B O   1 
ATOM   676  O  O   B SER B 1 24 ? -0.254  10.229  -10.838 0.50 9.14  ? 507 SER B O   1 
ATOM   677  C  CB  A SER B 1 24 ? -2.899  10.137  -12.116 0.50 9.88  ? 507 SER B CB  1 
ATOM   678  C  CB  B SER B 1 24 ? -2.907  10.145  -12.101 0.50 11.06 ? 507 SER B CB  1 
ATOM   679  O  OG  A SER B 1 24 ? -3.734  10.890  -11.261 0.50 9.42  ? 507 SER B OG  1 
ATOM   680  O  OG  B SER B 1 24 ? -3.665  9.637   -13.180 0.50 12.76 ? 507 SER B OG  1 
ATOM   681  N  N   . ARG B 1 25 ? -1.390  9.373   -9.094  1.00 9.03  ? 508 ARG B N   1 
ATOM   682  C  CA  . ARG B 1 25 ? -0.459  9.920   -8.114  1.00 8.54  ? 508 ARG B CA  1 
ATOM   683  C  C   . ARG B 1 25 ? 0.918   9.271   -8.068  1.00 7.21  ? 508 ARG B C   1 
ATOM   684  O  O   . ARG B 1 25 ? 1.088   8.092   -8.387  1.00 8.13  ? 508 ARG B O   1 
ATOM   685  C  CB  . ARG B 1 25 ? -1.076  9.882   -6.721  1.00 7.63  ? 508 ARG B CB  1 
ATOM   686  C  CG  . ARG B 1 25 ? -2.345  10.735  -6.583  1.00 10.50 ? 508 ARG B CG  1 
ATOM   687  C  CD  . ARG B 1 25 ? -2.884  10.612  -5.165  1.00 12.79 ? 508 ARG B CD  1 
ATOM   688  N  NE  . ARG B 1 25 ? -4.186  11.244  -4.934  1.00 15.19 ? 508 ARG B NE  1 
ATOM   689  C  CZ  . ARG B 1 25 ? -5.367  10.714  -5.253  1.00 17.50 ? 508 ARG B CZ  1 
ATOM   690  N  NH1 . ARG B 1 25 ? -5.446  9.526   -5.840  1.00 16.41 ? 508 ARG B NH1 1 
ATOM   691  N  NH2 . ARG B 1 25 ? -6.483  11.362  -4.936  1.00 19.21 ? 508 ARG B NH2 1 
ATOM   692  N  N   . VAL B 1 26 ? 1.908   10.077  -7.684  1.00 7.32  ? 509 VAL B N   1 
ATOM   693  C  CA  . VAL B 1 26 ? 3.287   9.604   -7.531  1.00 6.35  ? 509 VAL B CA  1 
ATOM   694  C  C   . VAL B 1 26 ? 3.831   10.143  -6.228  1.00 6.97  ? 509 VAL B C   1 
ATOM   695  O  O   . VAL B 1 26 ? 3.396   11.193  -5.746  1.00 6.71  ? 509 VAL B O   1 
ATOM   696  C  CB  . VAL B 1 26 ? 4.162   10.034  -8.727  1.00 8.14  ? 509 VAL B CB  1 
ATOM   697  C  CG1 . VAL B 1 26 ? 3.517   9.574   -10.022 1.00 8.10  ? 509 VAL B CG1 1 
ATOM   698  C  CG2 . VAL B 1 26 ? 4.378   11.536  -8.730  1.00 9.80  ? 509 VAL B CG2 1 
ATOM   699  N  N   . TYR B 1 27 ? 4.797   9.427   -5.671  1.00 7.12  ? 510 TYR B N   1 
ATOM   700  C  CA  . TYR B 1 27 ? 5.369   9.780   -4.372  1.00 7.52  ? 510 TYR B CA  1 
ATOM   701  C  C   . TYR B 1 27 ? 6.843   9.491   -4.272  1.00 7.56  ? 510 TYR B C   1 
ATOM   702  O  O   . TYR B 1 27 ? 7.316   8.498   -4.804  1.00 7.62  ? 510 TYR B O   1 
ATOM   703  C  CB  . TYR B 1 27 ? 4.745   8.935   -3.252  1.00 8.85  ? 510 TYR B CB  1 
ATOM   704  C  CG  . TYR B 1 27 ? 3.256   9.030   -3.103  1.00 9.17  ? 510 TYR B CG  1 
ATOM   705  C  CD1 . TYR B 1 27 ? 2.393   8.464   -4.044  1.00 10.50 ? 510 TYR B CD1 1 
ATOM   706  C  CD2 . TYR B 1 27 ? 2.704   9.710   -2.024  1.00 10.39 ? 510 TYR B CD2 1 
ATOM   707  C  CE1 . TYR B 1 27 ? 1.019   8.589   -3.909  1.00 12.07 ? 510 TYR B CE1 1 
ATOM   708  C  CE2 . TYR B 1 27 ? 1.330   9.830   -1.883  1.00 12.59 ? 510 TYR B CE2 1 
ATOM   709  C  CZ  . TYR B 1 27 ? 0.503   9.275   -2.828  1.00 11.80 ? 510 TYR B CZ  1 
ATOM   710  O  OH  . TYR B 1 27 ? -0.859  9.439   -2.695  1.00 16.50 ? 510 TYR B OH  1 
ATOM   711  N  N   . HIS B 1 28 ? 7.575   10.355  -3.579  1.00 6.92  ? 511 HIS B N   1 
ATOM   712  C  CA  . HIS B 1 28 ? 8.964   10.040  -3.291  1.00 7.11  ? 511 HIS B CA  1 
ATOM   713  C  C   . HIS B 1 28 ? 8.893   8.901   -2.275  1.00 7.29  ? 511 HIS B C   1 
ATOM   714  O  O   . HIS B 1 28 ? 8.013   8.877   -1.400  1.00 7.16  ? 511 HIS B O   1 
ATOM   715  C  CB  . HIS B 1 28 ? 9.665   11.195  -2.592  1.00 7.07  ? 511 HIS B CB  1 
ATOM   716  C  CG  . HIS B 1 28 ? 9.947   12.359  -3.475  1.00 7.84  ? 511 HIS B CG  1 
ATOM   717  N  ND1 . HIS B 1 28 ? 9.343   13.579  -3.292  1.00 7.47  ? 511 HIS B ND1 1 
ATOM   718  C  CD2 . HIS B 1 28 ? 10.760  12.491  -4.551  1.00 8.22  ? 511 HIS B CD2 1 
ATOM   719  C  CE1 . HIS B 1 28 ? 9.771   14.419  -4.223  1.00 7.06  ? 511 HIS B CE1 1 
ATOM   720  N  NE2 . HIS B 1 28 ? 10.631  13.781  -4.999  1.00 8.44  ? 511 HIS B NE2 1 
ATOM   721  N  N   . LEU B 1 29 ? 9.833   7.974   -2.344  1.00 7.61  ? 512 LEU B N   1 
ATOM   722  C  CA  . LEU B 1 29 ? 9.854   6.872   -1.392  1.00 9.50  ? 512 LEU B CA  1 
ATOM   723  C  C   . LEU B 1 29 ? 9.994   7.413   0.034   1.00 10.07 ? 512 LEU B C   1 
ATOM   724  O  O   . LEU B 1 29 ? 9.380   6.883   0.960   1.00 10.49 ? 512 LEU B O   1 
ATOM   725  C  CB  . LEU B 1 29 ? 11.029  5.938   -1.692  1.00 10.96 ? 512 LEU B CB  1 
ATOM   726  C  CG  . LEU B 1 29 ? 10.906  5.135   -2.989  1.00 13.66 ? 512 LEU B CG  1 
ATOM   727  C  CD1 . LEU B 1 29 ? 12.208  4.425   -3.284  1.00 14.66 ? 512 LEU B CD1 1 
ATOM   728  C  CD2 . LEU B 1 29 ? 9.781   4.146   -2.880  1.00 14.36 ? 512 LEU B CD2 1 
ATOM   729  N  N   . ASP B 1 30 ? 10.779  8.474   0.197   1.00 10.79 ? 513 ASP B N   1 
ATOM   730  C  CA  . ASP B 1 30 ? 11.002  9.060   1.520   1.00 12.49 ? 513 ASP B CA  1 
ATOM   731  C  C   . ASP B 1 30 ? 9.830   9.905   2.018   1.00 12.12 ? 513 ASP B C   1 
ATOM   732  O  O   . ASP B 1 30 ? 9.811   10.346  3.171   1.00 14.27 ? 513 ASP B O   1 
ATOM   733  C  CB  . ASP B 1 30 ? 12.307  9.862   1.514   1.00 15.55 ? 513 ASP B CB  1 
ATOM   734  C  CG  . ASP B 1 30 ? 13.529  8.963   1.493   1.00 18.23 ? 513 ASP B CG  1 
ATOM   735  O  OD1 . ASP B 1 30 ? 13.678  8.173   2.452   1.00 20.87 ? 513 ASP B OD1 1 
ATOM   736  O  OD2 . ASP B 1 30 ? 14.324  9.033   0.531   1.00 21.71 ? 513 ASP B OD2 1 
ATOM   737  N  N   . CYS B 1 31 ? 8.846   10.125  1.159   1.00 10.44 ? 514 CYS B N   1 
ATOM   738  C  CA  . CYS B 1 31 ? 7.661   10.878  1.569   1.00 11.24 ? 514 CYS B CA  1 
ATOM   739  C  C   . CYS B 1 31 ? 6.514   9.981   2.033   1.00 11.86 ? 514 CYS B C   1 
ATOM   740  O  O   . CYS B 1 31 ? 5.448   10.472  2.397   1.00 13.32 ? 514 CYS B O   1 
ATOM   741  C  CB  . CYS B 1 31 ? 7.181   11.780  0.429   1.00 11.94 ? 514 CYS B CB  1 
ATOM   742  S  SG  . CYS B 1 31 ? 8.215   13.229  0.249   1.00 10.52 ? 514 CYS B SG  1 
ATOM   743  N  N   . LEU B 1 32 ? 6.740   8.670   2.016   1.00 10.92 ? 515 LEU B N   1 
ATOM   744  C  CA  . LEU B 1 32 ? 5.748   7.697   2.453   1.00 11.77 ? 515 LEU B CA  1 
ATOM   745  C  C   . LEU B 1 32 ? 5.885   7.358   3.937   1.00 11.92 ? 515 LEU B C   1 
ATOM   746  O  O   . LEU B 1 32 ? 6.871   7.721   4.577   1.00 12.21 ? 515 LEU B O   1 
ATOM   747  C  CB  . LEU B 1 32 ? 5.891   6.424   1.634   1.00 10.18 ? 515 LEU B CB  1 
ATOM   748  C  CG  . LEU B 1 32 ? 5.592   6.587   0.144   1.00 11.09 ? 515 LEU B CG  1 
ATOM   749  C  CD1 . LEU B 1 32 ? 5.843   5.273   -0.551  1.00 11.10 ? 515 LEU B CD1 1 
ATOM   750  C  CD2 . LEU B 1 32 ? 4.144   7.025   -0.079  1.00 9.40  ? 515 LEU B CD2 1 
ATOM   751  N  N   . ASP B 1 33 ? 4.888   6.654   4.468   1.00 14.47 ? 516 ASP B N   1 
ATOM   752  C  CA  . ASP B 1 33 ? 4.877   6.245   5.872   1.00 16.88 ? 516 ASP B CA  1 
ATOM   753  C  C   . ASP B 1 33 ? 4.821   4.732   6.008   1.00 17.51 ? 516 ASP B C   1 
ATOM   754  O  O   . ASP B 1 33 ? 3.792   4.109   5.749   1.00 19.33 ? 516 ASP B O   1 
ATOM   755  C  CB  . ASP B 1 33 ? 3.674   6.841   6.600   1.00 19.80 ? 516 ASP B CB  1 
ATOM   756  C  CG  . ASP B 1 33 ? 3.441   8.285   6.234   1.00 21.85 ? 516 ASP B CG  1 
ATOM   757  O  OD1 . ASP B 1 33 ? 4.434   9.036   6.177   1.00 25.00 ? 516 ASP B OD1 1 
ATOM   758  O  OD2 . ASP B 1 33 ? 2.275   8.670   6.000   1.00 23.46 ? 516 ASP B OD2 1 
ATOM   759  N  N   . PRO B 1 34 ? 5.931   4.116   6.418   1.00 16.73 ? 517 PRO B N   1 
ATOM   760  C  CA  . PRO B 1 34 ? 7.207   4.742   6.751   1.00 16.27 ? 517 PRO B CA  1 
ATOM   761  C  C   . PRO B 1 34 ? 7.977   5.041   5.462   1.00 14.15 ? 517 PRO B C   1 
ATOM   762  O  O   . PRO B 1 34 ? 7.569   4.612   4.375   1.00 14.65 ? 517 PRO B O   1 
ATOM   763  C  CB  . PRO B 1 34 ? 7.897   3.663   7.580   1.00 16.89 ? 517 PRO B CB  1 
ATOM   764  C  CG  . PRO B 1 34 ? 7.445   2.411   6.886   1.00 17.45 ? 517 PRO B CG  1 
ATOM   765  C  CD  . PRO B 1 34 ? 5.973   2.661   6.658   1.00 17.19 ? 517 PRO B CD  1 
ATOM   766  N  N   . PRO B 1 35 ? 9.079   5.793   5.559   1.00 13.81 ? 518 PRO B N   1 
ATOM   767  C  CA  . PRO B 1 35 ? 9.851   6.081   4.345   1.00 12.95 ? 518 PRO B CA  1 
ATOM   768  C  C   . PRO B 1 35 ? 10.306  4.721   3.792   1.00 12.17 ? 518 PRO B C   1 
ATOM   769  O  O   . PRO B 1 35 ? 10.831  3.881   4.534   1.00 12.58 ? 518 PRO B O   1 
ATOM   770  C  CB  . PRO B 1 35 ? 11.015  6.924   4.862   1.00 14.42 ? 518 PRO B CB  1 
ATOM   771  C  CG  . PRO B 1 35 ? 10.406  7.647   6.057   1.00 16.29 ? 518 PRO B CG  1 
ATOM   772  C  CD  . PRO B 1 35 ? 9.563   6.579   6.712   1.00 14.89 ? 518 PRO B CD  1 
ATOM   773  N  N   . LEU B 1 36 ? 10.096  4.482   2.502   1.00 10.18 ? 519 LEU B N   1 
ATOM   774  C  CA  . LEU B 1 36 ? 10.468  3.198   1.940   1.00 10.14 ? 519 LEU B CA  1 
ATOM   775  C  C   . LEU B 1 36 ? 11.941  3.097   1.595   1.00 9.42  ? 519 LEU B C   1 
ATOM   776  O  O   . LEU B 1 36 ? 12.531  4.037   1.052   1.00 12.15 ? 519 LEU B O   1 
ATOM   777  C  CB  . LEU B 1 36 ? 9.625   2.876   0.705   1.00 11.46 ? 519 LEU B CB  1 
ATOM   778  C  CG  . LEU B 1 36 ? 8.148   2.605   1.017   1.00 10.74 ? 519 LEU B CG  1 
ATOM   779  C  CD1 . LEU B 1 36 ? 7.462   2.084   -0.244  1.00 12.58 ? 519 LEU B CD1 1 
ATOM   780  C  CD2 . LEU B 1 36 ? 8.006   1.551   2.138   1.00 11.61 ? 519 LEU B CD2 1 
ATOM   781  N  N   . LYS B 1 37 ? 12.526  1.945   1.918   1.00 9.59  ? 520 LYS B N   1 
ATOM   782  C  CA  . LYS B 1 37 ? 13.938  1.706   1.657   1.00 9.82  ? 520 LYS B CA  1 
ATOM   783  C  C   . LYS B 1 37 ? 14.121  0.826   0.436   1.00 9.14  ? 520 LYS B C   1 
ATOM   784  O  O   . LYS B 1 37 ? 15.250  0.470   0.077   1.00 9.12  ? 520 LYS B O   1 
ATOM   785  C  CB  . LYS B 1 37 ? 14.615  1.059   2.874   1.00 10.38 ? 520 LYS B CB  1 
ATOM   786  C  CG  . LYS B 1 37 ? 14.521  1.879   4.155   1.00 14.06 ? 520 LYS B CG  1 
ATOM   787  C  CD  . LYS B 1 37 ? 14.985  3.304   3.936   1.00 18.21 ? 520 LYS B CD  1 
ATOM   788  C  CE  . LYS B 1 37 ? 14.539  4.193   5.083   1.00 20.63 ? 520 LYS B CE  1 
ATOM   789  N  NZ  . LYS B 1 37 ? 14.684  5.635   4.759   1.00 23.89 ? 520 LYS B NZ  1 
ATOM   790  N  N   . THR B 1 38 ? 13.010  0.482   -0.207  1.00 9.67  ? 521 THR B N   1 
ATOM   791  C  CA  . THR B 1 38 ? 13.045  -0.340  -1.406  1.00 9.59  ? 521 THR B CA  1 
ATOM   792  C  C   . THR B 1 38 ? 11.876  0.018   -2.308  1.00 8.49  ? 521 THR B C   1 
ATOM   793  O  O   . THR B 1 38 ? 10.882  0.593   -1.854  1.00 9.50  ? 521 THR B O   1 
ATOM   794  C  CB  . THR B 1 38 ? 12.900  -1.858  -1.041  1.00 9.11  ? 521 THR B CB  1 
ATOM   795  O  OG1 . THR B 1 38 ? 13.313  -2.673  -2.150  1.00 9.40  ? 521 THR B OG1 1 
ATOM   796  C  CG2 . THR B 1 38 ? 11.437  -2.210  -0.655  1.00 11.69 ? 521 THR B CG2 1 
ATOM   797  N  N   A ILE B 1 39 ? 11.999  -0.303  -3.590  0.50 8.43  ? 522 ILE B N   1 
ATOM   798  N  N   B ILE B 1 39 ? 12.004  -0.299  -3.591  0.50 8.24  ? 522 ILE B N   1 
ATOM   799  C  CA  A ILE B 1 39 ? 10.903  -0.076  -4.526  0.50 8.40  ? 522 ILE B CA  1 
ATOM   800  C  CA  B ILE B 1 39 ? 10.920  -0.071  -4.541  0.50 8.05  ? 522 ILE B CA  1 
ATOM   801  C  C   A ILE B 1 39 ? 10.115  -1.380  -4.463  0.50 8.44  ? 522 ILE B C   1 
ATOM   802  C  C   B ILE B 1 39 ? 10.116  -1.378  -4.479  0.50 8.29  ? 522 ILE B C   1 
ATOM   803  O  O   A ILE B 1 39 ? 10.655  -2.450  -4.746  0.50 8.50  ? 522 ILE B O   1 
ATOM   804  O  O   B ILE B 1 39 ? 10.651  -2.446  -4.776  0.50 8.51  ? 522 ILE B O   1 
ATOM   805  C  CB  A ILE B 1 39 ? 11.399  0.131   -5.973  0.50 9.47  ? 522 ILE B CB  1 
ATOM   806  C  CB  B ILE B 1 39 ? 11.469  0.142   -5.973  0.50 8.57  ? 522 ILE B CB  1 
ATOM   807  C  CG1 A ILE B 1 39 ? 12.164  1.450   -6.063  0.50 9.63  ? 522 ILE B CG1 1 
ATOM   808  C  CG1 B ILE B 1 39 ? 12.333  1.410   -6.001  0.50 7.85  ? 522 ILE B CG1 1 
ATOM   809  C  CG2 A ILE B 1 39 ? 10.218  0.104   -6.945  0.50 9.78  ? 522 ILE B CG2 1 
ATOM   810  C  CG2 B ILE B 1 39 ? 10.317  0.216   -6.974  0.50 9.57  ? 522 ILE B CG2 1 
ATOM   811  C  CD1 A ILE B 1 39 ? 13.475  1.433   -5.338  0.50 11.01 ? 522 ILE B CD1 1 
ATOM   812  C  CD1 B ILE B 1 39 ? 12.984  1.706   -7.357  0.50 6.45  ? 522 ILE B CD1 1 
ATOM   813  N  N   . PRO B 1 40 ? 8.838   -1.319  -4.061  1.00 8.00  ? 523 PRO B N   1 
ATOM   814  C  CA  . PRO B 1 40 ? 8.021   -2.543  -3.976  1.00 8.60  ? 523 PRO B CA  1 
ATOM   815  C  C   . PRO B 1 40 ? 8.170   -3.408  -5.216  1.00 8.41  ? 523 PRO B C   1 
ATOM   816  O  O   . PRO B 1 40 ? 8.237   -2.899  -6.336  1.00 8.75  ? 523 PRO B O   1 
ATOM   817  C  CB  . PRO B 1 40 ? 6.599   -2.008  -3.794  1.00 9.60  ? 523 PRO B CB  1 
ATOM   818  C  CG  . PRO B 1 40 ? 6.843   -0.713  -3.012  1.00 9.50  ? 523 PRO B CG  1 
ATOM   819  C  CD  . PRO B 1 40 ? 8.049   -0.122  -3.706  1.00 9.24  ? 523 PRO B CD  1 
ATOM   820  N  N   . LYS B 1 41 ? 8.219   -4.723  -5.032  1.00 8.66  ? 524 LYS B N   1 
ATOM   821  C  CA  . LYS B 1 41 ? 8.400   -5.597  -6.189  1.00 9.83  ? 524 LYS B CA  1 
ATOM   822  C  C   . LYS B 1 41 ? 7.137   -5.730  -7.032  1.00 10.82 ? 524 LYS B C   1 
ATOM   823  O  O   . LYS B 1 41 ? 7.187   -5.585  -8.262  1.00 11.74 ? 524 LYS B O   1 
ATOM   824  C  CB  . LYS B 1 41 ? 8.896   -6.985  -5.751  1.00 12.52 ? 524 LYS B CB  1 
ATOM   825  C  CG  . LYS B 1 41 ? 9.405   -7.806  -6.939  1.00 13.92 ? 524 LYS B CG  1 
ATOM   826  C  CD  . LYS B 1 41 ? 10.059  -9.122  -6.545  1.00 16.78 ? 524 LYS B CD  1 
ATOM   827  C  CE  . LYS B 1 41 ? 10.372  -9.932  -7.796  1.00 17.77 ? 524 LYS B CE  1 
ATOM   828  N  NZ  . LYS B 1 41 ? 11.146  -11.182 -7.542  1.00 20.59 ? 524 LYS B NZ  1 
ATOM   829  N  N   . GLY B 1 42 ? 6.016   -5.998  -6.366  1.00 10.34 ? 525 GLY B N   1 
ATOM   830  C  CA  . GLY B 1 42 ? 4.750   -6.152  -7.053  1.00 11.59 ? 525 GLY B CA  1 
ATOM   831  C  C   . GLY B 1 42 ? 3.893   -4.905  -7.049  1.00 11.43 ? 525 GLY B C   1 
ATOM   832  O  O   . GLY B 1 42 ? 4.387   -3.780  -7.052  1.00 12.40 ? 525 GLY B O   1 
ATOM   833  N  N   . MET B 1 43 ? 2.589   -5.113  -7.042  1.00 12.33 ? 526 MET B N   1 
ATOM   834  C  CA  . MET B 1 43 ? 1.647   -4.014  -7.046  1.00 13.22 ? 526 MET B CA  1 
ATOM   835  C  C   . MET B 1 43 ? 1.787   -3.158  -5.799  1.00 12.70 ? 526 MET B C   1 
ATOM   836  O  O   . MET B 1 43 ? 1.983   -3.668  -4.701  1.00 13.19 ? 526 MET B O   1 
ATOM   837  C  CB  . MET B 1 43 ? 0.221   -4.554  -7.119  1.00 16.21 ? 526 MET B CB  1 
ATOM   838  C  CG  . MET B 1 43 ? -0.833  -3.479  -7.283  1.00 18.36 ? 526 MET B CG  1 
ATOM   839  S  SD  . MET B 1 43 ? -2.451  -4.240  -7.293  1.00 23.26 ? 526 MET B SD  1 
ATOM   840  C  CE  . MET B 1 43 ? -2.303  -5.231  -8.733  1.00 22.74 ? 526 MET B CE  1 
ATOM   841  N  N   . TRP B 1 44 ? 1.696   -1.848  -5.984  1.00 11.50 ? 527 TRP B N   1 
ATOM   842  C  CA  . TRP B 1 44 ? 1.754   -0.910  -4.871  1.00 9.50  ? 527 TRP B CA  1 
ATOM   843  C  C   . TRP B 1 44 ? 0.578   0.048   -5.042  1.00 9.28  ? 527 TRP B C   1 
ATOM   844  O  O   . TRP B 1 44 ? 0.437   0.678   -6.100  1.00 9.61  ? 527 TRP B O   1 
ATOM   845  C  CB  . TRP B 1 44 ? 3.067   -0.123  -4.871  1.00 9.23  ? 527 TRP B CB  1 
ATOM   846  C  CG  . TRP B 1 44 ? 3.128   0.870   -3.723  1.00 8.42  ? 527 TRP B CG  1 
ATOM   847  C  CD1 . TRP B 1 44 ? 3.320   0.587   -2.406  1.00 8.06  ? 527 TRP B CD1 1 
ATOM   848  C  CD2 . TRP B 1 44 ? 2.954   2.291   -3.804  1.00 8.21  ? 527 TRP B CD2 1 
ATOM   849  N  NE1 . TRP B 1 44 ? 3.273   1.740   -1.657  1.00 9.56  ? 527 TRP B NE1 1 
ATOM   850  C  CE2 . TRP B 1 44 ? 3.052   2.803   -2.491  1.00 9.41  ? 527 TRP B CE2 1 
ATOM   851  C  CE3 . TRP B 1 44 ? 2.727   3.180   -4.857  1.00 9.31  ? 527 TRP B CE3 1 
ATOM   852  C  CZ2 . TRP B 1 44 ? 2.926   4.169   -2.206  1.00 10.28 ? 527 TRP B CZ2 1 
ATOM   853  C  CZ3 . TRP B 1 44 ? 2.604   4.540   -4.575  1.00 9.72  ? 527 TRP B CZ3 1 
ATOM   854  C  CH2 . TRP B 1 44 ? 2.704   5.016   -3.256  1.00 9.80  ? 527 TRP B CH2 1 
ATOM   855  N  N   . ILE B 1 45 ? -0.244  0.147   -3.996  1.00 9.08  ? 528 ILE B N   1 
ATOM   856  C  CA  . ILE B 1 45 ? -1.434  1.002   -3.986  1.00 9.98  ? 528 ILE B CA  1 
ATOM   857  C  C   . ILE B 1 45 ? -1.158  2.138   -3.013  1.00 9.74  ? 528 ILE B C   1 
ATOM   858  O  O   . ILE B 1 45 ? -0.872  1.899   -1.840  1.00 10.46 ? 528 ILE B O   1 
ATOM   859  C  CB  . ILE B 1 45 ? -2.653  0.162   -3.564  1.00 11.35 ? 528 ILE B CB  1 
ATOM   860  C  CG1 . ILE B 1 45 ? -2.830  -0.970  -4.577  1.00 13.49 ? 528 ILE B CG1 1 
ATOM   861  C  CG2 . ILE B 1 45 ? -3.906  1.032   -3.476  1.00 12.19 ? 528 ILE B CG2 1 
ATOM   862  C  CD1 . ILE B 1 45 ? -4.027  -1.852  -4.295  1.00 14.35 ? 528 ILE B CD1 1 
ATOM   863  N  N   . CYS B 1 46 ? -1.223  3.373   -3.506  1.00 9.83  ? 529 CYS B N   1 
ATOM   864  C  CA  . CYS B 1 46 ? -0.902  4.549   -2.686  1.00 9.40  ? 529 CYS B CA  1 
ATOM   865  C  C   . CYS B 1 46 ? -1.867  4.810   -1.527  1.00 10.51 ? 529 CYS B C   1 
ATOM   866  O  O   . CYS B 1 46 ? -2.964  4.283   -1.493  1.00 10.69 ? 529 CYS B O   1 
ATOM   867  C  CB  . CYS B 1 46 ? -0.791  5.796   -3.570  1.00 8.28  ? 529 CYS B CB  1 
ATOM   868  S  SG  . CYS B 1 46 ? -2.352  6.634   -3.945  1.00 9.57  ? 529 CYS B SG  1 
ATOM   869  N  N   . PRO B 1 47 ? -1.461  5.635   -0.563  1.00 11.89 ? 530 PRO B N   1 
ATOM   870  C  CA  . PRO B 1 47 ? -2.296  5.952   0.595   1.00 13.02 ? 530 PRO B CA  1 
ATOM   871  C  C   . PRO B 1 47 ? -3.665  6.511   0.256   1.00 13.71 ? 530 PRO B C   1 
ATOM   872  O  O   . PRO B 1 47 ? -4.651  6.202   0.931   1.00 13.70 ? 530 PRO B O   1 
ATOM   873  C  CB  . PRO B 1 47 ? -1.435  6.945   1.371   1.00 14.43 ? 530 PRO B CB  1 
ATOM   874  C  CG  . PRO B 1 47 ? -0.095  6.443   1.115   1.00 14.56 ? 530 PRO B CG  1 
ATOM   875  C  CD  . PRO B 1 47 ? -0.116  6.199   -0.377  1.00 13.16 ? 530 PRO B CD  1 
ATOM   876  N  N   . ARG B 1 48 ? -3.739  7.330   -0.784  1.00 13.56 ? 531 ARG B N   1 
ATOM   877  C  CA  . ARG B 1 48 ? -5.025  7.892   -1.164  1.00 13.59 ? 531 ARG B CA  1 
ATOM   878  C  C   . ARG B 1 48 ? -5.942  6.810   -1.736  1.00 13.22 ? 531 ARG B C   1 
ATOM   879  O  O   . ARG B 1 48 ? -7.157  6.822   -1.482  1.00 12.89 ? 531 ARG B O   1 
ATOM   880  C  CB  . ARG B 1 48 ? -4.829  9.040   -2.168  1.00 15.26 ? 531 ARG B CB  1 
ATOM   881  C  CG  . ARG B 1 48 ? -3.871  10.127  -1.681  1.00 18.87 ? 531 ARG B CG  1 
ATOM   882  C  CD  . ARG B 1 48 ? -4.109  10.489  -0.213  1.00 24.07 ? 531 ARG B CD  1 
ATOM   883  N  NE  . ARG B 1 48 ? -2.960  10.172  0.641   1.00 26.91 ? 531 ARG B NE  1 
ATOM   884  C  CZ  . ARG B 1 48 ? -1.769  10.764  0.564   1.00 27.96 ? 531 ARG B CZ  1 
ATOM   885  N  NH1 . ARG B 1 48 ? -1.551  11.715  -0.334  1.00 28.39 ? 531 ARG B NH1 1 
ATOM   886  N  NH2 . ARG B 1 48 ? -0.792  10.412  1.394   1.00 28.72 ? 531 ARG B NH2 1 
ATOM   887  N  N   . CYS B 1 49 ? -5.391  5.879   -2.508  1.00 11.99 ? 532 CYS B N   1 
ATOM   888  C  CA  . CYS B 1 49 ? -6.207  4.797   -3.051  1.00 11.73 ? 532 CYS B CA  1 
ATOM   889  C  C   . CYS B 1 49 ? -6.649  3.860   -1.935  1.00 12.45 ? 532 CYS B C   1 
ATOM   890  O  O   . CYS B 1 49 ? -7.765  3.357   -1.957  1.00 12.61 ? 532 CYS B O   1 
ATOM   891  C  CB  . CYS B 1 49 ? -5.440  4.007   -4.110  1.00 10.12 ? 532 CYS B CB  1 
ATOM   892  S  SG  . CYS B 1 49 ? -5.372  4.837   -5.699  1.00 10.02 ? 532 CYS B SG  1 
ATOM   893  N  N   . GLN B 1 50 ? -5.771  3.626   -0.964  1.00 13.19 ? 533 GLN B N   1 
ATOM   894  C  CA  . GLN B 1 50 ? -6.090  2.772   0.176   1.00 15.04 ? 533 GLN B CA  1 
ATOM   895  C  C   . GLN B 1 50 ? -7.282  3.386   0.923   1.00 15.25 ? 533 GLN B C   1 
ATOM   896  O  O   . GLN B 1 50 ? -8.217  2.686   1.328   1.00 14.90 ? 533 GLN B O   1 
ATOM   897  C  CB  . GLN B 1 50 ? -4.887  2.685   1.120   1.00 16.00 ? 533 GLN B CB  1 
ATOM   898  C  CG  . GLN B 1 50 ? -3.666  2.006   0.535   1.00 18.50 ? 533 GLN B CG  1 
ATOM   899  C  CD  . GLN B 1 50 ? -3.854  0.515   0.422   1.00 20.07 ? 533 GLN B CD  1 
ATOM   900  O  OE1 . GLN B 1 50 ? -4.840  -0.041  0.923   1.00 22.83 ? 533 GLN B OE1 1 
ATOM   901  N  NE2 . GLN B 1 50 ? -2.906  -0.152  -0.225  1.00 20.41 ? 533 GLN B NE2 1 
ATOM   902  N  N   . ASP B 1 51 ? -7.237  4.703   1.104   1.00 15.94 ? 534 ASP B N   1 
ATOM   903  C  CA  . ASP B 1 51 ? -8.314  5.416   1.783   1.00 17.59 ? 534 ASP B CA  1 
ATOM   904  C  C   . ASP B 1 51 ? -9.605  5.332   0.952   1.00 17.58 ? 534 ASP B C   1 
ATOM   905  O  O   . ASP B 1 51 ? -10.687 5.107   1.493   1.00 17.54 ? 534 ASP B O   1 
ATOM   906  C  CB  . ASP B 1 51 ? -7.917  6.880   1.984   1.00 20.62 ? 534 ASP B CB  1 
ATOM   907  C  CG  . ASP B 1 51 ? -8.908  7.641   2.839   1.00 22.65 ? 534 ASP B CG  1 
ATOM   908  O  OD1 . ASP B 1 51 ? -8.954  8.886   2.728   1.00 25.82 ? 534 ASP B OD1 1 
ATOM   909  O  OD2 . ASP B 1 51 ? -9.630  6.998   3.631   1.00 25.72 ? 534 ASP B OD2 1 
ATOM   910  N  N   . GLN B 1 52 ? -9.491  5.504   -0.361  1.00 16.36 ? 535 GLN B N   1 
ATOM   911  C  CA  . GLN B 1 52 ? -10.663 5.438   -1.233  1.00 17.07 ? 535 GLN B CA  1 
ATOM   912  C  C   . GLN B 1 52 ? -11.360 4.085   -1.109  1.00 17.26 ? 535 GLN B C   1 
ATOM   913  O  O   . GLN B 1 52 ? -12.591 4.025   -1.003  1.00 16.80 ? 535 GLN B O   1 
ATOM   914  C  CB  . GLN B 1 52 ? -10.263 5.677   -2.694  1.00 17.01 ? 535 GLN B CB  1 
ATOM   915  C  CG  . GLN B 1 52 ? -11.416 5.500   -3.685  1.00 18.58 ? 535 GLN B CG  1 
ATOM   916  C  CD  . GLN B 1 52 ? -12.469 6.579   -3.567  1.00 19.25 ? 535 GLN B CD  1 
ATOM   917  O  OE1 . GLN B 1 52 ? -12.288 7.689   -4.066  1.00 20.68 ? 535 GLN B OE1 1 
ATOM   918  N  NE2 . GLN B 1 52 ? -13.577 6.264   -2.891  1.00 19.52 ? 535 GLN B NE2 1 
ATOM   919  N  N   . MET B 1 53 ? -10.582 3.002   -1.142  1.00 17.33 ? 536 MET B N   1 
ATOM   920  C  CA  . MET B 1 53 ? -11.143 1.656   -1.021  1.00 18.57 ? 536 MET B CA  1 
ATOM   921  C  C   . MET B 1 53 ? -11.881 1.519   0.305   1.00 18.48 ? 536 MET B C   1 
ATOM   922  O  O   . MET B 1 53 ? -12.993 0.995   0.358   1.00 18.07 ? 536 MET B O   1 
ATOM   923  C  CB  . MET B 1 53 ? -10.048 0.583   -1.110  1.00 19.21 ? 536 MET B CB  1 
ATOM   924  C  CG  . MET B 1 53 ? -9.405  0.433   -2.489  1.00 20.31 ? 536 MET B CG  1 
ATOM   925  S  SD  . MET B 1 53 ? -8.393  -1.080  -2.646  1.00 22.82 ? 536 MET B SD  1 
ATOM   926  C  CE  . MET B 1 53 ? -6.947  -0.626  -1.712  1.00 22.06 ? 536 MET B CE  1 
ATOM   927  N  N   A LEU B 1 54 ? -11.262 2.017   1.371   0.50 18.88 ? 537 LEU B N   1 
ATOM   928  N  N   B LEU B 1 54 ? -11.256 1.984   1.382   0.50 18.83 ? 537 LEU B N   1 
ATOM   929  C  CA  A LEU B 1 54 ? -11.850 1.965   2.701   0.50 20.04 ? 537 LEU B CA  1 
ATOM   930  C  CA  B LEU B 1 54 ? -11.868 1.903   2.701   0.50 19.92 ? 537 LEU B CA  1 
ATOM   931  C  C   A LEU B 1 54 ? -13.177 2.684   2.750   0.50 20.17 ? 537 LEU B C   1 
ATOM   932  C  C   B LEU B 1 54 ? -13.182 2.680   2.756   0.50 20.13 ? 537 LEU B C   1 
ATOM   933  O  O   A LEU B 1 54 ? -14.163 2.165   3.274   0.50 19.90 ? 537 LEU B O   1 
ATOM   934  O  O   B LEU B 1 54 ? -14.168 2.193   3.309   0.50 19.89 ? 537 LEU B O   1 
ATOM   935  C  CB  A LEU B 1 54 ? -10.901 2.586   3.725   0.50 20.69 ? 537 LEU B CB  1 
ATOM   936  C  CB  B LEU B 1 54 ? -10.910 2.431   3.776   0.50 20.44 ? 537 LEU B CB  1 
ATOM   937  C  CG  A LEU B 1 54 ? -9.620  1.776   3.818   0.50 21.50 ? 537 LEU B CG  1 
ATOM   938  C  CG  B LEU B 1 54 ? -11.451 2.412   5.215   0.50 20.72 ? 537 LEU B CG  1 
ATOM   939  C  CD1 A LEU B 1 54 ? -8.883  2.073   5.107   0.50 21.43 ? 537 LEU B CD1 1 
ATOM   940  C  CD1 B LEU B 1 54 ? -11.838 0.992   5.611   0.50 21.31 ? 537 LEU B CD1 1 
ATOM   941  C  CD2 A LEU B 1 54 ? -10.003 0.320   3.733   0.50 22.70 ? 537 LEU B CD2 1 
ATOM   942  C  CD2 B LEU B 1 54 ? -10.405 2.962   6.170   0.50 21.36 ? 537 LEU B CD2 1 
ATOM   943  N  N   . LYS B 1 55 ? -13.195 3.887   2.193   1.00 20.64 ? 538 LYS B N   1 
ATOM   944  C  CA  . LYS B 1 55 ? -14.402 4.695   2.190   1.00 20.93 ? 538 LYS B CA  1 
ATOM   945  C  C   . LYS B 1 55 ? -15.552 4.020   1.449   1.00 21.46 ? 538 LYS B C   1 
ATOM   946  O  O   . LYS B 1 55 ? -16.701 4.127   1.869   1.00 21.34 ? 538 LYS B O   1 
ATOM   947  C  CB  . LYS B 1 55 ? -14.111 6.083   1.608   1.00 21.43 ? 538 LYS B CB  1 
ATOM   948  C  CG  . LYS B 1 55 ? -13.195 6.937   2.488   1.00 23.94 ? 538 LYS B CG  1 
ATOM   949  C  CD  . LYS B 1 55 ? -12.984 8.323   1.898   1.00 25.24 ? 538 LYS B CD  1 
ATOM   950  C  CE  . LYS B 1 55 ? -12.247 9.234   2.870   1.00 26.67 ? 538 LYS B CE  1 
ATOM   951  N  NZ  . LYS B 1 55 ? -11.972 10.575  2.280   1.00 27.73 ? 538 LYS B NZ  1 
ATOM   952  N  N   A LYS B 1 56 ? -15.254 3.317   0.360   0.50 21.72 ? 539 LYS B N   1 
ATOM   953  N  N   B LYS B 1 56 ? -15.245 3.318   0.361   0.50 21.69 ? 539 LYS B N   1 
ATOM   954  C  CA  A LYS B 1 56 ? -16.304 2.644   -0.400  0.50 22.38 ? 539 LYS B CA  1 
ATOM   955  C  CA  B LYS B 1 56 ? -16.280 2.633   -0.409  0.50 22.26 ? 539 LYS B CA  1 
ATOM   956  C  C   A LYS B 1 56 ? -16.962 1.569   0.463   0.50 22.84 ? 539 LYS B C   1 
ATOM   957  C  C   B LYS B 1 56 ? -16.951 1.556   0.443   0.50 22.80 ? 539 LYS B C   1 
ATOM   958  O  O   A LYS B 1 56 ? -18.179 1.381   0.413   0.50 23.02 ? 539 LYS B O   1 
ATOM   959  O  O   B LYS B 1 56 ? -18.166 1.362   0.373   0.50 23.00 ? 539 LYS B O   1 
ATOM   960  C  CB  A LYS B 1 56 ? -15.733 2.007   -1.675  0.50 22.60 ? 539 LYS B CB  1 
ATOM   961  C  CB  B LYS B 1 56 ? -15.690 2.003   -1.677  0.50 22.25 ? 539 LYS B CB  1 
ATOM   962  C  CG  A LYS B 1 56 ? -15.276 0.576   -1.490  0.50 22.53 ? 539 LYS B CG  1 
ATOM   963  C  CG  B LYS B 1 56 ? -15.180 3.022   -2.695  0.50 21.51 ? 539 LYS B CG  1 
ATOM   964  C  CD  A LYS B 1 56 ? -13.914 0.338   -2.084  0.50 23.95 ? 539 LYS B CD  1 
ATOM   965  C  CD  B LYS B 1 56 ? -14.940 2.389   -4.054  0.50 21.75 ? 539 LYS B CD  1 
ATOM   966  C  CE  A LYS B 1 56 ? -13.398 -1.005  -1.650  0.50 22.75 ? 539 LYS B CE  1 
ATOM   967  C  CE  B LYS B 1 56 ? -14.482 3.427   -5.062  0.50 21.97 ? 539 LYS B CE  1 
ATOM   968  N  NZ  A LYS B 1 56 ? -13.123 -1.831  -2.845  0.50 23.79 ? 539 LYS B NZ  1 
ATOM   969  N  NZ  B LYS B 1 56 ? -14.395 2.862   -6.431  0.50 22.04 ? 539 LYS B NZ  1 
ATOM   970  N  N   . GLU B 1 57 ? -16.150 0.865   1.248   1.00 23.52 ? 540 GLU B N   1 
ATOM   971  C  CA  . GLU B 1 57 ? -16.649 -0.191  2.132   1.00 24.09 ? 540 GLU B CA  1 
ATOM   972  C  C   . GLU B 1 57 ? -17.506 0.376   3.259   1.00 24.89 ? 540 GLU B C   1 
ATOM   973  O  O   . GLU B 1 57 ? -18.580 -0.148  3.563   1.00 25.44 ? 540 GLU B O   1 
ATOM   974  C  CB  . GLU B 1 57 ? -15.480 -0.953  2.758   1.00 24.95 ? 540 GLU B CB  1 
ATOM   975  C  CG  . GLU B 1 57 ? -14.736 -1.877  1.822   1.00 25.74 ? 540 GLU B CG  1 
ATOM   976  C  CD  . GLU B 1 57 ? -15.596 -3.008  1.301   1.00 26.21 ? 540 GLU B CD  1 
ATOM   977  O  OE1 . GLU B 1 57 ? -16.439 -3.532  2.066   1.00 27.22 ? 540 GLU B OE1 1 
ATOM   978  O  OE2 . GLU B 1 57 ? -15.420 -3.389  0.127   1.00 27.70 ? 540 GLU B OE2 1 
ATOM   979  N  N   . GLU B 1 58 ? -17.008 1.436   3.885   1.00 25.46 ? 541 GLU B N   1 
ATOM   980  C  CA  . GLU B 1 58 ? -17.699 2.088   4.990   1.00 25.72 ? 541 GLU B CA  1 
ATOM   981  C  C   . GLU B 1 58 ? -19.033 2.700   4.567   1.00 26.60 ? 541 GLU B C   1 
ATOM   982  O  O   . GLU B 1 58 ? -19.847 3.075   5.415   1.00 26.95 ? 541 GLU B O   1 
ATOM   983  C  CB  . GLU B 1 58 ? -16.803 3.159   5.597   1.00 25.90 ? 541 GLU B CB  1 
ATOM   984  N  N   . ALA B 1 59 ? -19.255 2.802   3.260   1.00 27.28 ? 542 ALA B N   1 
ATOM   985  C  CA  . ALA B 1 59 ? -20.493 3.373   2.735   1.00 28.18 ? 542 ALA B CA  1 
ATOM   986  C  C   . ALA B 1 59 ? -21.376 2.312   2.076   1.00 28.86 ? 542 ALA B C   1 
ATOM   987  O  O   . ALA B 1 59 ? -22.565 2.542   1.826   1.00 29.33 ? 542 ALA B O   1 
ATOM   988  C  CB  . ALA B 1 59 ? -20.166 4.474   1.733   1.00 27.54 ? 542 ALA B CB  1 
ATOM   989  N  N   . ILE B 1 60 ? -20.789 1.154   1.788   1.00 29.93 ? 543 ILE B N   1 
ATOM   990  C  CA  . ILE B 1 60 ? -21.511 0.055   1.156   1.00 30.74 ? 543 ILE B CA  1 
ATOM   991  C  C   . ILE B 1 60 ? -22.175 -0.805  2.216   1.00 31.17 ? 543 ILE B C   1 
ATOM   992  O  O   . ILE B 1 60 ? -23.364 -1.146  2.037   1.00 31.81 ? 543 ILE B O   1 
ATOM   993  C  CB  . ILE B 1 60 ? -20.560 -0.789  0.317   1.00 30.47 ? 543 ILE B CB  1 
ATOM   994  O  OXT . ILE B 1 60 ? -21.490 -1.136  3.208   1.00 31.80 ? 543 ILE B OXT 1 
ATOM   995  N  N   . ALA C 2 1  ? 6.372   -2.732  -8.456  1.00 10.56 ? 1   ALA E N   1 
ATOM   996  C  CA  . ALA C 2 1  ? 5.943   -1.330  -8.714  1.00 11.18 ? 1   ALA E CA  1 
ATOM   997  C  C   . ALA C 2 1  ? 7.052   -0.653  -9.491  1.00 10.98 ? 1   ALA E C   1 
ATOM   998  O  O   . ALA C 2 1  ? 8.167   -1.157  -9.536  1.00 11.48 ? 1   ALA E O   1 
ATOM   999  C  CB  . ALA C 2 1  ? 5.689   -0.608  -7.400  1.00 11.34 ? 1   ALA E CB  1 
ATOM   1000 N  N   . ARG C 2 2  ? 6.755   0.494   -10.091 1.00 11.15 ? 2   ARG E N   1 
ATOM   1001 C  CA  . ARG C 2 2  ? 7.748   1.211   -10.898 1.00 11.56 ? 2   ARG E CA  1 
ATOM   1002 C  C   . ARG C 2 2  ? 7.973   2.661   -10.497 1.00 11.89 ? 2   ARG E C   1 
ATOM   1003 O  O   . ARG C 2 2  ? 7.070   3.329   -9.977  1.00 11.97 ? 2   ARG E O   1 
ATOM   1004 C  CB  . ARG C 2 2  ? 7.329   1.186   -12.374 1.00 14.09 ? 2   ARG E CB  1 
ATOM   1005 C  CG  . ARG C 2 2  ? 7.117   -0.204  -12.932 1.00 17.22 ? 2   ARG E CG  1 
ATOM   1006 C  CD  . ARG C 2 2  ? 6.792   -0.129  -14.408 1.00 19.64 ? 2   ARG E CD  1 
ATOM   1007 N  NE  . ARG C 2 2  ? 5.561   0.612   -14.668 1.00 22.72 ? 2   ARG E NE  1 
ATOM   1008 C  CZ  . ARG C 2 2  ? 5.399   1.452   -15.687 1.00 23.84 ? 2   ARG E CZ  1 
ATOM   1009 N  NH1 . ARG C 2 2  ? 6.390   1.663   -16.546 1.00 23.84 ? 2   ARG E NH1 1 
ATOM   1010 N  NH2 . ARG C 2 2  ? 4.246   2.085   -15.852 1.00 25.15 ? 2   ARG E NH2 1 
ATOM   1011 N  N   . THR C 2 3  ? 9.190   3.133   -10.735 1.00 13.44 ? 3   THR E N   1 
ATOM   1012 C  CA  . THR C 2 3  ? 9.531   4.521   -10.467 1.00 14.21 ? 3   THR E CA  1 
ATOM   1013 C  C   . THR C 2 3  ? 9.880   5.163   -11.787 1.00 15.96 ? 3   THR E C   1 
ATOM   1014 O  O   . THR C 2 3  ? 10.073  4.489   -12.801 1.00 17.16 ? 3   THR E O   1 
ATOM   1015 C  CB  . THR C 2 3  ? 10.771  4.678   -9.587  1.00 15.22 ? 3   THR E CB  1 
ATOM   1016 O  OG1 . THR C 2 3  ? 11.874  3.976   -10.174 1.00 17.21 ? 3   THR E OG1 1 
ATOM   1017 C  CG2 . THR C 2 3  ? 10.510  4.159   -8.199  1.00 14.87 ? 3   THR E CG2 1 
ATOM   1018 N  N   . LYS C 2 4  ? 9.955   6.483   -11.759 1.00 16.17 ? 4   LYS E N   1 
ATOM   1019 C  CA  . LYS C 2 4  ? 10.353  7.238   -12.924 1.00 16.16 ? 4   LYS E CA  1 
ATOM   1020 C  C   . LYS C 2 4  ? 11.173  8.378   -12.375 1.00 16.20 ? 4   LYS E C   1 
ATOM   1021 O  O   . LYS C 2 4  ? 11.017  8.756   -11.211 1.00 16.36 ? 4   LYS E O   1 
ATOM   1022 C  CB  . LYS C 2 4  ? 9.142   7.773   -13.687 1.00 17.28 ? 4   LYS E CB  1 
ATOM   1023 C  CG  . LYS C 2 4  ? 8.346   8.833   -12.971 1.00 18.15 ? 4   LYS E CG  1 
ATOM   1024 C  CD  . LYS C 2 4  ? 7.271   9.369   -13.895 1.00 19.32 ? 4   LYS E CD  1 
ATOM   1025 C  CE  . LYS C 2 4  ? 6.430   10.429  -13.220 1.00 19.13 ? 4   LYS E CE  1 
ATOM   1026 N  NZ  . LYS C 2 4  ? 5.512   11.073  -14.204 1.00 18.34 ? 4   LYS E NZ  1 
ATOM   1027 N  N   . GLN C 2 5  ? 12.080  8.890   -13.197 1.00 15.86 ? 5   GLN E N   1 
ATOM   1028 C  CA  . GLN C 2 5  ? 12.912  10.008  -12.805 1.00 15.46 ? 5   GLN E CA  1 
ATOM   1029 C  C   . GLN C 2 5  ? 12.421  11.216  -13.598 1.00 15.61 ? 5   GLN E C   1 
ATOM   1030 O  O   . GLN C 2 5  ? 12.439  11.213  -14.833 1.00 16.95 ? 5   GLN E O   1 
ATOM   1031 C  CB  . GLN C 2 5  ? 14.379  9.714   -13.119 1.00 17.31 ? 5   GLN E CB  1 
ATOM   1032 C  CG  . GLN C 2 5  ? 15.334  10.726  -12.517 1.00 17.46 ? 5   GLN E CG  1 
ATOM   1033 C  CD  . GLN C 2 5  ? 15.455  10.605  -11.004 1.00 15.72 ? 5   GLN E CD  1 
ATOM   1034 O  OE1 . GLN C 2 5  ? 15.659  11.604  -10.302 1.00 16.51 ? 5   GLN E OE1 1 
ATOM   1035 N  NE2 . GLN C 2 5  ? 15.360  9.380   -10.500 1.00 15.49 ? 5   GLN E NE2 1 
ATOM   1036 N  N   . THR C 2 6  ? 11.963  12.243  -12.885 1.00 14.70 ? 6   THR E N   1 
ATOM   1037 C  CA  . THR C 2 6  ? 11.447  13.448  -13.527 1.00 14.73 ? 6   THR E CA  1 
ATOM   1038 C  C   . THR C 2 6  ? 12.123  14.667  -12.917 1.00 13.52 ? 6   THR E C   1 
ATOM   1039 O  O   . THR C 2 6  ? 12.186  14.791  -11.703 1.00 13.27 ? 6   THR E O   1 
ATOM   1040 C  CB  . THR C 2 6  ? 9.925   13.587  -13.320 1.00 16.24 ? 6   THR E CB  1 
ATOM   1041 O  OG1 . THR C 2 6  ? 9.248   12.449  -13.882 1.00 18.86 ? 6   THR E OG1 1 
ATOM   1042 C  CG2 . THR C 2 6  ? 9.418   14.847  -13.975 1.00 16.65 ? 6   THR E CG2 1 
ATOM   1043 N  N   . ALA C 2 7  ? 12.616  15.569  -13.758 1.00 13.06 ? 7   ALA E N   1 
ATOM   1044 C  CA  . ALA C 2 7  ? 13.295  16.764  -13.272 1.00 13.01 ? 7   ALA E CA  1 
ATOM   1045 C  C   . ALA C 2 7  ? 12.641  18.034  -13.779 1.00 13.90 ? 7   ALA E C   1 
ATOM   1046 O  O   . ALA C 2 7  ? 12.953  18.515  -14.871 1.00 14.63 ? 7   ALA E O   1 
ATOM   1047 C  CB  . ALA C 2 7  ? 14.762  16.729  -13.678 1.00 13.80 ? 7   ALA E CB  1 
ATOM   1048 N  N   . ARG C 2 8  ? 11.731  18.574  -12.982 1.00 13.10 ? 8   ARG E N   1 
ATOM   1049 C  CA  . ARG C 2 8  ? 11.064  19.811  -13.344 1.00 15.01 ? 8   ARG E CA  1 
ATOM   1050 C  C   . ARG C 2 8  ? 12.000  20.962  -12.968 1.00 14.74 ? 8   ARG E C   1 
ATOM   1051 O  O   . ARG C 2 8  ? 12.843  20.821  -12.073 1.00 14.05 ? 8   ARG E O   1 
ATOM   1052 C  CB  . ARG C 2 8  ? 9.710   19.905  -12.636 1.00 16.70 ? 8   ARG E CB  1 
ATOM   1053 C  CG  . ARG C 2 8  ? 8.712   18.844  -13.113 1.00 19.11 ? 8   ARG E CG  1 
ATOM   1054 C  CD  . ARG C 2 8  ? 8.377   18.997  -14.608 1.00 21.50 ? 8   ARG E CD  1 
ATOM   1055 N  NE  . ARG C 2 8  ? 7.503   20.139  -14.854 1.00 21.75 ? 8   ARG E NE  1 
ATOM   1056 C  CZ  . ARG C 2 8  ? 6.186   20.048  -15.024 1.00 22.52 ? 8   ARG E CZ  1 
ATOM   1057 N  NH1 . ARG C 2 8  ? 5.462   21.140  -15.228 1.00 22.36 ? 8   ARG E NH1 1 
ATOM   1058 N  NH2 . ARG C 2 8  ? 5.599   18.861  -15.020 1.00 22.00 ? 8   ARG E NH2 1 
ATOM   1059 N  N   . LYS C 2 9  ? 11.867  22.087  -13.664 1.00 14.40 ? 9   LYS E N   1 
ATOM   1060 C  CA  . LYS C 2 9  ? 12.744  23.236  -13.452 1.00 14.49 ? 9   LYS E CA  1 
ATOM   1061 C  C   . LYS C 2 9  ? 12.485  24.119  -12.238 1.00 15.06 ? 9   LYS E C   1 
ATOM   1062 O  O   . LYS C 2 9  ? 11.348  24.249  -11.776 1.00 14.83 ? 9   LYS E O   1 
ATOM   1063 C  CB  . LYS C 2 9  ? 12.763  24.096  -14.725 1.00 14.95 ? 9   LYS E CB  1 
ATOM   1064 C  CG  . LYS C 2 9  ? 13.205  23.347  -15.983 1.00 16.27 ? 9   LYS E CG  1 
ATOM   1065 C  CD  . LYS C 2 9  ? 13.002  24.195  -17.232 1.00 18.40 ? 9   LYS E CD  1 
ATOM   1066 C  CE  . LYS C 2 9  ? 12.924  23.342  -18.490 1.00 20.10 ? 9   LYS E CE  1 
ATOM   1067 N  NZ  . LYS C 2 9  ? 12.708  24.172  -19.719 1.00 23.12 ? 9   LYS E NZ  1 
ATOM   1068 N  N   . SER C 2 10 ? 13.555  24.748  -11.747 1.00 14.24 ? 10  SER E N   1 
ATOM   1069 C  CA  . SER C 2 10 ? 13.506  25.620  -10.574 1.00 14.48 ? 10  SER E CA  1 
ATOM   1070 C  C   . SER C 2 10 ? 13.898  27.050  -10.930 1.00 16.25 ? 10  SER E C   1 
ATOM   1071 O  O   . SER C 2 10 ? 14.742  27.239  -11.834 1.00 17.61 ? 10  SER E O   1 
ATOM   1072 C  CB  . SER C 2 10 ? 14.470  25.106  -9.495  1.00 13.86 ? 10  SER E CB  1 
ATOM   1073 O  OG  . SER C 2 10 ? 14.142  23.779  -9.101  1.00 11.65 ? 10  SER E OG  1 
ATOM   1074 O  OXT . SER C 2 10 ? 13.384  27.966  -10.272 1.00 17.08 ? 10  SER E OXT 1 
HETATM 1075 ZN ZN  . ZN  D 3 .  ? 5.426   -15.213 6.827   1.00 9.31  ? 355 ZN  A ZN  1 
HETATM 1076 ZN ZN  . ZN  E 3 .  ? -7.406  -8.635  6.016   1.00 12.17 ? 356 ZN  A ZN  1 
HETATM 1077 ZN ZN  . ZN  F 3 .  ? 7.867   14.064  -1.870  1.00 8.63  ? 357 ZN  B ZN  1 
HETATM 1078 ZN ZN  . ZN  G 3 .  ? -3.257  5.750   -5.932  1.00 9.07  ? 358 ZN  B ZN  1 
HETATM 1079 O  O   . HOH H 4 .  ? 6.891   -9.995  11.988  1.00 13.17 ? 4   HOH A O   1 
HETATM 1080 O  O   . HOH H 4 .  ? 4.939   -23.236 6.308   1.00 15.36 ? 7   HOH A O   1 
HETATM 1081 O  O   . HOH H 4 .  ? 4.135   -3.364  3.267   1.00 14.12 ? 8   HOH A O   1 
HETATM 1082 O  O   . HOH H 4 .  ? 2.368   -7.441  0.930   1.00 14.47 ? 9   HOH A O   1 
HETATM 1083 O  O   . HOH H 4 .  ? 3.076   -2.824  -2.194  1.00 12.29 ? 11  HOH A O   1 
HETATM 1084 O  O   . HOH H 4 .  ? 9.603   -5.948  -1.773  1.00 14.70 ? 14  HOH A O   1 
HETATM 1085 O  O   . HOH H 4 .  ? 6.535   -19.328 16.775  1.00 15.46 ? 16  HOH A O   1 
HETATM 1086 O  O   . HOH H 4 .  ? 2.756   -6.198  -3.869  1.00 18.49 ? 18  HOH A O   1 
HETATM 1087 O  O   . HOH H 4 .  ? -4.704  -20.291 12.435  1.00 19.53 ? 19  HOH A O   1 
HETATM 1088 O  O   . HOH H 4 .  ? -3.056  -4.075  12.940  1.00 17.57 ? 20  HOH A O   1 
HETATM 1089 O  O   . HOH H 4 .  ? 2.450   -17.932 15.819  1.00 16.94 ? 21  HOH A O   1 
HETATM 1090 O  O   . HOH H 4 .  ? -8.959  -12.276 4.204   1.00 20.39 ? 22  HOH A O   1 
HETATM 1091 O  O   . HOH H 4 .  ? 6.643   -21.325 4.153   1.00 20.04 ? 23  HOH A O   1 
HETATM 1092 O  O   . HOH H 4 .  ? 10.753  -7.143  10.497  1.00 22.21 ? 25  HOH A O   1 
HETATM 1093 O  O   . HOH H 4 .  ? 8.414   -9.978  1.846   1.00 21.92 ? 27  HOH A O   1 
HETATM 1094 O  O   . HOH H 4 .  ? 8.651   -14.472 13.718  1.00 19.99 ? 29  HOH A O   1 
HETATM 1095 O  O   . HOH H 4 .  ? -4.234  -20.756 19.110  1.00 19.00 ? 31  HOH A O   1 
HETATM 1096 O  O   . HOH H 4 .  ? -3.604  -0.479  5.205   1.00 25.01 ? 38  HOH A O   1 
HETATM 1097 O  O   . HOH H 4 .  ? 5.327   -9.186  -4.452  1.00 29.29 ? 40  HOH A O   1 
HETATM 1098 O  O   . HOH H 4 .  ? -3.171  -15.597 8.382   1.00 11.06 ? 42  HOH A O   1 
HETATM 1099 O  O   . HOH H 4 .  ? 4.294   -18.247 17.670  1.00 23.90 ? 44  HOH A O   1 
HETATM 1100 O  O   . HOH H 4 .  ? 10.117  -8.641  -2.013  1.00 19.46 ? 45  HOH A O   1 
HETATM 1101 O  O   . HOH H 4 .  ? 3.661   -1.212  4.681   1.00 30.04 ? 46  HOH A O   1 
HETATM 1102 O  O   . HOH H 4 .  ? -1.591  -14.940 0.851   1.00 28.10 ? 49  HOH A O   1 
HETATM 1103 O  O   . HOH H 4 .  ? 9.166   -20.102 4.936   1.00 26.12 ? 51  HOH A O   1 
HETATM 1104 O  O   . HOH H 4 .  ? 1.316   -6.810  -1.540  1.00 26.59 ? 52  HOH A O   1 
HETATM 1105 O  O   . HOH H 4 .  ? 5.295   0.288   8.746   1.00 21.05 ? 57  HOH A O   1 
HETATM 1106 O  O   . HOH H 4 .  ? -1.405  1.200   8.747   1.00 24.13 ? 58  HOH A O   1 
HETATM 1107 O  O   . HOH H 4 .  ? 2.279   3.280   9.056   1.00 25.35 ? 59  HOH A O   1 
HETATM 1108 O  O   . HOH H 4 .  ? 8.985   -18.032 15.839  1.00 29.88 ? 61  HOH A O   1 
HETATM 1109 O  O   . HOH H 4 .  ? -7.594  -14.404 18.141  1.00 26.51 ? 62  HOH A O   1 
HETATM 1110 O  O   . HOH H 4 .  ? -8.101  -11.611 -1.585  1.00 30.00 ? 63  HOH A O   1 
HETATM 1111 O  O   . HOH H 4 .  ? -12.032 -12.792 8.630   1.00 29.32 ? 65  HOH A O   1 
HETATM 1112 O  O   . HOH H 4 .  ? -1.568  -12.278 0.925   1.00 23.14 ? 66  HOH A O   1 
HETATM 1113 O  O   . HOH H 4 .  ? 2.321   -10.020 1.497   1.00 24.21 ? 69  HOH A O   1 
HETATM 1114 O  O   . HOH H 4 .  ? 3.764   -0.151  2.686   1.00 30.59 ? 72  HOH A O   1 
HETATM 1115 O  O   . HOH H 4 .  ? 1.642   -20.399 14.107  1.00 20.79 ? 77  HOH A O   1 
HETATM 1116 O  O   . HOH H 4 .  ? -1.116  -0.027  4.562   1.00 28.11 ? 83  HOH A O   1 
HETATM 1117 O  O   . HOH H 4 .  ? 8.871   -10.575 10.266  1.00 22.31 ? 86  HOH A O   1 
HETATM 1118 O  O   . HOH H 4 .  ? 8.977   -10.101 -0.533  1.00 19.73 ? 87  HOH A O   1 
HETATM 1119 O  O   . HOH H 4 .  ? -1.738  -19.682 7.069   1.00 23.16 ? 88  HOH A O   1 
HETATM 1120 O  O   . HOH H 4 .  ? -8.519  -16.820 6.285   1.00 28.92 ? 89  HOH A O   1 
HETATM 1121 O  O   . HOH H 4 .  ? 0.286   -17.233 16.330  1.00 24.05 ? 90  HOH A O   1 
HETATM 1122 O  O   . HOH H 4 .  ? -5.517  1.179   4.547   1.00 26.91 ? 91  HOH A O   1 
HETATM 1123 O  O   . HOH H 4 .  ? -12.680 -6.000  3.499   1.00 27.46 ? 92  HOH A O   1 
HETATM 1124 O  O   . HOH I 4 .  ? 12.083  8.541   -4.282  1.00 9.70  ? 2   HOH B O   1 
HETATM 1125 O  O   . HOH I 4 .  ? 11.259  -3.528  -7.369  1.00 10.97 ? 3   HOH B O   1 
HETATM 1126 O  O   . HOH I 4 .  ? 11.573  -4.483  -3.266  1.00 11.96 ? 5   HOH B O   1 
HETATM 1127 O  O   . HOH I 4 .  ? 14.340  12.019  -5.867  1.00 13.62 ? 6   HOH B O   1 
HETATM 1128 O  O   . HOH I 4 .  ? 4.032   1.349   -10.194 1.00 13.86 ? 10  HOH B O   1 
HETATM 1129 O  O   . HOH I 4 .  ? 9.686   -4.785  -9.371  1.00 13.18 ? 13  HOH B O   1 
HETATM 1130 O  O   . HOH I 4 .  ? 0.422   -1.427  -1.628  1.00 17.45 ? 15  HOH B O   1 
HETATM 1131 O  O   . HOH I 4 .  ? 2.060   17.610  2.292   1.00 14.35 ? 17  HOH B O   1 
HETATM 1132 O  O   . HOH I 4 .  ? -14.779 8.902   -4.591  1.00 18.55 ? 24  HOH B O   1 
HETATM 1133 O  O   . HOH I 4 .  ? -2.680  13.723  -4.505  1.00 22.84 ? 26  HOH B O   1 
HETATM 1134 O  O   . HOH I 4 .  ? 0.284   2.788   0.509   1.00 19.47 ? 28  HOH B O   1 
HETATM 1135 O  O   . HOH I 4 .  ? 11.856  3.604   7.092   1.00 19.14 ? 37  HOH B O   1 
HETATM 1136 O  O   . HOH I 4 .  ? -3.371  12.485  -15.030 1.00 17.54 ? 39  HOH B O   1 
HETATM 1137 O  O   . HOH I 4 .  ? 2.314   6.586   -16.485 1.00 20.84 ? 41  HOH B O   1 
HETATM 1138 O  O   . HOH I 4 .  ? -5.884  9.690   -10.500 0.50 10.00 ? 43  HOH B O   1 
HETATM 1139 O  O   . HOH I 4 .  ? 2.670   3.792   1.343   1.00 23.43 ? 50  HOH B O   1 
HETATM 1140 O  O   . HOH I 4 .  ? 0.688   15.160  2.650   1.00 30.97 ? 54  HOH B O   1 
HETATM 1141 O  O   . HOH I 4 .  ? -15.779 8.102   -2.007  1.00 24.35 ? 55  HOH B O   1 
HETATM 1142 O  O   . HOH I 4 .  ? 1.630   -7.897  -6.582  1.00 31.72 ? 60  HOH B O   1 
HETATM 1143 O  O   . HOH I 4 .  ? 5.182   3.300   3.266   1.00 24.84 ? 64  HOH B O   1 
HETATM 1144 O  O   . HOH I 4 .  ? 3.540   10.764  4.409   1.00 31.62 ? 67  HOH B O   1 
HETATM 1145 O  O   . HOH I 4 .  ? 0.943   -0.071  0.701   1.00 21.43 ? 68  HOH B O   1 
HETATM 1146 O  O   . HOH I 4 .  ? 4.097   1.749   1.230   1.00 27.98 ? 71  HOH B O   1 
HETATM 1147 O  O   . HOH I 4 .  ? 2.328   9.252   2.320   1.00 28.55 ? 73  HOH B O   1 
HETATM 1148 O  O   . HOH I 4 .  ? 1.298   13.019  -7.390  1.00 10.29 ? 74  HOH B O   1 
HETATM 1149 O  O   . HOH I 4 .  ? -7.121  0.332   2.038   1.00 25.61 ? 75  HOH B O   1 
HETATM 1150 O  O   . HOH I 4 .  ? 14.634  4.990   -9.481  1.00 20.99 ? 76  HOH B O   1 
HETATM 1151 O  O   . HOH I 4 .  ? 1.325   1.395   -13.650 1.00 30.31 ? 78  HOH B O   1 
HETATM 1152 O  O   . HOH I 4 .  ? 2.537   5.932   3.093   1.00 24.67 ? 85  HOH B O   1 
HETATM 1153 O  O   . HOH J 4 .  ? 15.061  21.981  -10.875 1.00 9.96  ? 11  HOH E O   1 
HETATM 1154 O  O   . HOH J 4 .  ? 15.219  13.782  -11.900 1.00 15.50 ? 12  HOH E O   1 
HETATM 1155 O  O   . HOH J 4 .  ? 9.736   -2.663  -11.200 1.00 18.95 ? 13  HOH E O   1 
HETATM 1156 O  O   . HOH J 4 .  ? 9.711   22.011  -15.623 1.00 21.23 ? 14  HOH E O   1 
HETATM 1157 O  O   . HOH J 4 .  ? 11.667  1.403   -11.094 1.00 29.37 ? 15  HOH E O   1 
HETATM 1158 O  O   . HOH J 4 .  ? 12.559  7.545   -15.599 1.00 23.81 ? 16  HOH E O   1 
HETATM 1159 O  O   . HOH J 4 .  ? 17.653  8.820   -9.222  1.00 17.48 ? 17  HOH E O   1 
HETATM 1160 O  O   . HOH J 4 .  ? 16.045  13.434  -14.453 1.00 24.90 ? 18  HOH E O   1 
HETATM 1161 O  O   . HOH J 4 .  ? 12.190  -1.537  -11.143 1.00 22.50 ? 19  HOH E O   1 
HETATM 1162 O  O   . HOH J 4 .  ? 3.560   1.526   -12.729 1.00 32.79 ? 20  HOH E O   1 
HETATM 1163 O  O   . HOH J 4 .  ? 8.616   23.257  -12.104 1.00 22.58 ? 21  HOH E O   1 
HETATM 1164 O  O   . HOH J 4 .  ? 14.843  1.342   -12.244 1.00 17.17 ? 22  HOH E O   1 
HETATM 1165 O  O   . HOH J 4 .  ? 13.958  7.166   -10.901 1.00 21.44 ? 23  HOH E O   1 
HETATM 1166 O  O   . HOH J 4 .  ? 16.863  11.013  -15.470 1.00 23.72 ? 24  HOH E O   1 
# 
